data_3PKN
# 
_entry.id   3PKN 
# 
_audit_conform.dict_name       mmcif_pdbx.dic 
_audit_conform.dict_version    5.379 
_audit_conform.dict_location   http://mmcif.pdb.org/dictionaries/ascii/mmcif_pdbx.dic 
# 
loop_
_database_2.database_id 
_database_2.database_code 
_database_2.pdbx_database_accession 
_database_2.pdbx_DOI 
PDB   3PKN         pdb_00003pkn 10.2210/pdb3pkn/pdb 
RCSB  RCSB062488   ?            ?                   
WWPDB D_1000062488 ?            ?                   
# 
_pdbx_database_status.status_code                     REL 
_pdbx_database_status.entry_id                        3PKN 
_pdbx_database_status.recvd_initial_deposition_date   2010-11-11 
_pdbx_database_status.deposit_site                    RCSB 
_pdbx_database_status.process_site                    RCSB 
_pdbx_database_status.status_code_sf                  REL 
_pdbx_database_status.status_code_mr                  ? 
_pdbx_database_status.SG_entry                        ? 
_pdbx_database_status.status_code_cs                  ? 
_pdbx_database_status.pdb_format_compatible           Y 
_pdbx_database_status.status_code_nmr_data            ? 
_pdbx_database_status.methods_development_category    ? 
# 
loop_
_audit_author.name 
_audit_author.pdbx_ordinal 
'Xie, J.'     1 
'Kozlov, G.'  2 
'Gehring, K.' 3 
# 
_citation.id                        primary 
_citation.title                     
;La-Related Protein 4 Binds Poly(A), Interacts with the Poly(A)-Binding Protein MLLE Domain via a Variant PAM2w Motif, and Can Promote mRNA Stability.
;
_citation.journal_abbrev            Mol.Cell.Biol. 
_citation.journal_volume            31 
_citation.page_first                542 
_citation.page_last                 556 
_citation.year                      2011 
_citation.journal_id_ASTM           MCEBD4 
_citation.country                   US 
_citation.journal_id_ISSN           0270-7306 
_citation.journal_id_CSD            2044 
_citation.book_publisher            ? 
_citation.pdbx_database_id_PubMed   21098120 
_citation.pdbx_database_id_DOI      10.1128/MCB.01162-10 
# 
loop_
_citation_author.citation_id 
_citation_author.name 
_citation_author.ordinal 
_citation_author.identifier_ORCID 
primary 'Yang, R.'         1  ? 
primary 'Gaidamakov, S.A.' 2  ? 
primary 'Xie, J.'          3  ? 
primary 'Lee, J.'          4  ? 
primary 'Martino, L.'      5  ? 
primary 'Kozlov, G.'       6  ? 
primary 'Crawford, A.K.'   7  ? 
primary 'Russo, A.N.'      8  ? 
primary 'Conte, M.R.'      9  ? 
primary 'Gehring, K.'      10 ? 
primary 'Maraia, R.J.'     11 ? 
# 
_cell.entry_id           3PKN 
_cell.length_a           48.910 
_cell.length_b           31.384 
_cell.length_c           52.647 
_cell.angle_alpha        90.00 
_cell.angle_beta         104.95 
_cell.angle_gamma        90.00 
_cell.Z_PDB              4 
_cell.pdbx_unique_axis   ? 
_cell.length_a_esd       ? 
_cell.length_b_esd       ? 
_cell.length_c_esd       ? 
_cell.angle_alpha_esd    ? 
_cell.angle_beta_esd     ? 
_cell.angle_gamma_esd    ? 
# 
_symmetry.entry_id                         3PKN 
_symmetry.space_group_name_H-M             'C 1 2 1' 
_symmetry.pdbx_full_space_group_name_H-M   ? 
_symmetry.cell_setting                     ? 
_symmetry.Int_Tables_number                5 
_symmetry.space_group_name_Hall            ? 
# 
loop_
_entity.id 
_entity.type 
_entity.src_method 
_entity.pdbx_description 
_entity.formula_weight 
_entity.pdbx_number_of_molecules 
_entity.pdbx_ec 
_entity.pdbx_mutation 
_entity.pdbx_fragment 
_entity.details 
1 polymer     man 'Polyadenylate-binding protein 1' 9421.909 1  ? ? 'MLLE domain (UNP residues 544-626)'       ? 
2 polymer     syn 'La-related protein 4'            1541.725 1  ? ? 'PABP-binding region (UNP residues 13-26)' ? 
3 non-polymer syn 'SULFATE ION'                     96.063   1  ? ? ?                                          ? 
4 non-polymer syn 'IODIDE ION'                      126.904  1  ? ? ?                                          ? 
5 water       nat water                             18.015   42 ? ? ?                                          ? 
# 
loop_
_entity_name_com.entity_id 
_entity_name_com.name 
1 'PABP-1, Poly(A)-binding protein 1'           
2 'La ribonucleoprotein domain family member 4' 
# 
loop_
_entity_poly.entity_id 
_entity_poly.type 
_entity_poly.nstd_linkage 
_entity_poly.nstd_monomer 
_entity_poly.pdbx_seq_one_letter_code 
_entity_poly.pdbx_seq_one_letter_code_can 
_entity_poly.pdbx_strand_id 
_entity_poly.pdbx_target_identifier 
1 'polypeptide(L)' no no 
;GPLGSPLTASMLASAPPQEQKQMLGERLFPLIQAMHPTLAGKITGMLLEIDNSELLHMLESPESLRSKVDEAVAVLQAHQ
AKEAAQKA
;
;GPLGSPLTASMLASAPPQEQKQMLGERLFPLIQAMHPTLAGKITGMLLEIDNSELLHMLESPESLRSKVDEAVAVLQAHQ
AKEAAQKA
;
A ? 
2 'polypeptide(L)' no no TGLNPNAKVWQEIA                                                                              
TGLNPNAKVWQEIA                                                                              B ? 
# 
loop_
_entity_poly_seq.entity_id 
_entity_poly_seq.num 
_entity_poly_seq.mon_id 
_entity_poly_seq.hetero 
1 1  GLY n 
1 2  PRO n 
1 3  LEU n 
1 4  GLY n 
1 5  SER n 
1 6  PRO n 
1 7  LEU n 
1 8  THR n 
1 9  ALA n 
1 10 SER n 
1 11 MET n 
1 12 LEU n 
1 13 ALA n 
1 14 SER n 
1 15 ALA n 
1 16 PRO n 
1 17 PRO n 
1 18 GLN n 
1 19 GLU n 
1 20 GLN n 
1 21 LYS n 
1 22 GLN n 
1 23 MET n 
1 24 LEU n 
1 25 GLY n 
1 26 GLU n 
1 27 ARG n 
1 28 LEU n 
1 29 PHE n 
1 30 PRO n 
1 31 LEU n 
1 32 ILE n 
1 33 GLN n 
1 34 ALA n 
1 35 MET n 
1 36 HIS n 
1 37 PRO n 
1 38 THR n 
1 39 LEU n 
1 40 ALA n 
1 41 GLY n 
1 42 LYS n 
1 43 ILE n 
1 44 THR n 
1 45 GLY n 
1 46 MET n 
1 47 LEU n 
1 48 LEU n 
1 49 GLU n 
1 50 ILE n 
1 51 ASP n 
1 52 ASN n 
1 53 SER n 
1 54 GLU n 
1 55 LEU n 
1 56 LEU n 
1 57 HIS n 
1 58 MET n 
1 59 LEU n 
1 60 GLU n 
1 61 SER n 
1 62 PRO n 
1 63 GLU n 
1 64 SER n 
1 65 LEU n 
1 66 ARG n 
1 67 SER n 
1 68 LYS n 
1 69 VAL n 
1 70 ASP n 
1 71 GLU n 
1 72 ALA n 
1 73 VAL n 
1 74 ALA n 
1 75 VAL n 
1 76 LEU n 
1 77 GLN n 
1 78 ALA n 
1 79 HIS n 
1 80 GLN n 
1 81 ALA n 
1 82 LYS n 
1 83 GLU n 
1 84 ALA n 
1 85 ALA n 
1 86 GLN n 
1 87 LYS n 
1 88 ALA n 
2 1  THR n 
2 2  GLY n 
2 3  LEU n 
2 4  ASN n 
2 5  PRO n 
2 6  ASN n 
2 7  ALA n 
2 8  LYS n 
2 9  VAL n 
2 10 TRP n 
2 11 GLN n 
2 12 GLU n 
2 13 ILE n 
2 14 ALA n 
# 
_entity_src_gen.entity_id                          1 
_entity_src_gen.pdbx_src_id                        1 
_entity_src_gen.pdbx_alt_source_flag               sample 
_entity_src_gen.pdbx_seq_type                      ? 
_entity_src_gen.pdbx_beg_seq_num                   ? 
_entity_src_gen.pdbx_end_seq_num                   ? 
_entity_src_gen.gene_src_common_name               human 
_entity_src_gen.gene_src_genus                     ? 
_entity_src_gen.pdbx_gene_src_gene                 'PABPC1, PAB1, PABP1, PABPC2' 
_entity_src_gen.gene_src_species                   ? 
_entity_src_gen.gene_src_strain                    ? 
_entity_src_gen.gene_src_tissue                    ? 
_entity_src_gen.gene_src_tissue_fraction           ? 
_entity_src_gen.gene_src_details                   ? 
_entity_src_gen.pdbx_gene_src_fragment             ? 
_entity_src_gen.pdbx_gene_src_scientific_name      'Homo sapiens' 
_entity_src_gen.pdbx_gene_src_ncbi_taxonomy_id     9606 
_entity_src_gen.pdbx_gene_src_variant              ? 
_entity_src_gen.pdbx_gene_src_cell_line            ? 
_entity_src_gen.pdbx_gene_src_atcc                 ? 
_entity_src_gen.pdbx_gene_src_organ                ? 
_entity_src_gen.pdbx_gene_src_organelle            ? 
_entity_src_gen.pdbx_gene_src_cell                 ? 
_entity_src_gen.pdbx_gene_src_cellular_location    ? 
_entity_src_gen.host_org_common_name               ? 
_entity_src_gen.pdbx_host_org_scientific_name      'Escherichia coli' 
_entity_src_gen.pdbx_host_org_ncbi_taxonomy_id     562 
_entity_src_gen.host_org_genus                     ? 
_entity_src_gen.pdbx_host_org_gene                 ? 
_entity_src_gen.pdbx_host_org_organ                ? 
_entity_src_gen.host_org_species                   ? 
_entity_src_gen.pdbx_host_org_tissue               ? 
_entity_src_gen.pdbx_host_org_tissue_fraction      ? 
_entity_src_gen.pdbx_host_org_strain               BL21 
_entity_src_gen.pdbx_host_org_variant              ? 
_entity_src_gen.pdbx_host_org_cell_line            ? 
_entity_src_gen.pdbx_host_org_atcc                 ? 
_entity_src_gen.pdbx_host_org_culture_collection   ? 
_entity_src_gen.pdbx_host_org_cell                 ? 
_entity_src_gen.pdbx_host_org_organelle            ? 
_entity_src_gen.pdbx_host_org_cellular_location    ? 
_entity_src_gen.pdbx_host_org_vector_type          plasmid 
_entity_src_gen.pdbx_host_org_vector               ? 
_entity_src_gen.host_org_details                   ? 
_entity_src_gen.expression_system_id               ? 
_entity_src_gen.plasmid_name                       'pGEX 6p1' 
_entity_src_gen.plasmid_details                    ? 
_entity_src_gen.pdbx_description                   ? 
# 
_pdbx_entity_src_syn.entity_id              2 
_pdbx_entity_src_syn.pdbx_src_id            1 
_pdbx_entity_src_syn.pdbx_alt_source_flag   sample 
_pdbx_entity_src_syn.pdbx_beg_seq_num       ? 
_pdbx_entity_src_syn.pdbx_end_seq_num       ? 
_pdbx_entity_src_syn.organism_scientific    ? 
_pdbx_entity_src_syn.organism_common_name   ? 
_pdbx_entity_src_syn.ncbi_taxonomy_id       ? 
_pdbx_entity_src_syn.details                'chemically synthesized peptide' 
# 
loop_
_struct_ref.id 
_struct_ref.db_name 
_struct_ref.db_code 
_struct_ref.pdbx_db_accession 
_struct_ref.entity_id 
_struct_ref.pdbx_seq_one_letter_code 
_struct_ref.pdbx_align_begin 
_struct_ref.pdbx_db_isoform 
1 UNP PABP1_HUMAN P11940 1 
;PLTASMLASAPPQEQKQMLGERLFPLIQAMHPTLAGKITGMLLEIDNSELLHMLESPESLRSKVDEAVAVLQAHQAKEAA
QKA
;
544 ? 
2 UNP LARP4_HUMAN Q71RC2 2 TGLNPNAKVWQEIA                                                                         13  ? 
# 
loop_
_struct_ref_seq.align_id 
_struct_ref_seq.ref_id 
_struct_ref_seq.pdbx_PDB_id_code 
_struct_ref_seq.pdbx_strand_id 
_struct_ref_seq.seq_align_beg 
_struct_ref_seq.pdbx_seq_align_beg_ins_code 
_struct_ref_seq.seq_align_end 
_struct_ref_seq.pdbx_seq_align_end_ins_code 
_struct_ref_seq.pdbx_db_accession 
_struct_ref_seq.db_align_beg 
_struct_ref_seq.pdbx_db_align_beg_ins_code 
_struct_ref_seq.db_align_end 
_struct_ref_seq.pdbx_db_align_end_ins_code 
_struct_ref_seq.pdbx_auth_seq_align_beg 
_struct_ref_seq.pdbx_auth_seq_align_end 
1 1 3PKN A 6 ? 88 ? P11940 544 ? 626 ? 544 626 
2 2 3PKN B 1 ? 14 ? Q71RC2 13  ? 26  ? 13  26  
# 
loop_
_struct_ref_seq_dif.align_id 
_struct_ref_seq_dif.pdbx_pdb_id_code 
_struct_ref_seq_dif.mon_id 
_struct_ref_seq_dif.pdbx_pdb_strand_id 
_struct_ref_seq_dif.seq_num 
_struct_ref_seq_dif.pdbx_pdb_ins_code 
_struct_ref_seq_dif.pdbx_seq_db_name 
_struct_ref_seq_dif.pdbx_seq_db_accession_code 
_struct_ref_seq_dif.db_mon_id 
_struct_ref_seq_dif.pdbx_seq_db_seq_num 
_struct_ref_seq_dif.details 
_struct_ref_seq_dif.pdbx_auth_seq_num 
_struct_ref_seq_dif.pdbx_ordinal 
1 3PKN GLY A 1 ? UNP P11940 ? ? 'expression tag' 539 1 
1 3PKN PRO A 2 ? UNP P11940 ? ? 'expression tag' 540 2 
1 3PKN LEU A 3 ? UNP P11940 ? ? 'expression tag' 541 3 
1 3PKN GLY A 4 ? UNP P11940 ? ? 'expression tag' 542 4 
1 3PKN SER A 5 ? UNP P11940 ? ? 'expression tag' 543 5 
# 
loop_
_chem_comp.id 
_chem_comp.type 
_chem_comp.mon_nstd_flag 
_chem_comp.name 
_chem_comp.pdbx_synonyms 
_chem_comp.formula 
_chem_comp.formula_weight 
ALA 'L-peptide linking' y ALANINE         ? 'C3 H7 N O2'     89.093  
ARG 'L-peptide linking' y ARGININE        ? 'C6 H15 N4 O2 1' 175.209 
ASN 'L-peptide linking' y ASPARAGINE      ? 'C4 H8 N2 O3'    132.118 
ASP 'L-peptide linking' y 'ASPARTIC ACID' ? 'C4 H7 N O4'     133.103 
GLN 'L-peptide linking' y GLUTAMINE       ? 'C5 H10 N2 O3'   146.144 
GLU 'L-peptide linking' y 'GLUTAMIC ACID' ? 'C5 H9 N O4'     147.129 
GLY 'peptide linking'   y GLYCINE         ? 'C2 H5 N O2'     75.067  
HIS 'L-peptide linking' y HISTIDINE       ? 'C6 H10 N3 O2 1' 156.162 
HOH non-polymer         . WATER           ? 'H2 O'           18.015  
ILE 'L-peptide linking' y ISOLEUCINE      ? 'C6 H13 N O2'    131.173 
IOD non-polymer         . 'IODIDE ION'    ? 'I -1'           126.904 
LEU 'L-peptide linking' y LEUCINE         ? 'C6 H13 N O2'    131.173 
LYS 'L-peptide linking' y LYSINE          ? 'C6 H15 N2 O2 1' 147.195 
MET 'L-peptide linking' y METHIONINE      ? 'C5 H11 N O2 S'  149.211 
PHE 'L-peptide linking' y PHENYLALANINE   ? 'C9 H11 N O2'    165.189 
PRO 'L-peptide linking' y PROLINE         ? 'C5 H9 N O2'     115.130 
SER 'L-peptide linking' y SERINE          ? 'C3 H7 N O3'     105.093 
SO4 non-polymer         . 'SULFATE ION'   ? 'O4 S -2'        96.063  
THR 'L-peptide linking' y THREONINE       ? 'C4 H9 N O3'     119.119 
TRP 'L-peptide linking' y TRYPTOPHAN      ? 'C11 H12 N2 O2'  204.225 
VAL 'L-peptide linking' y VALINE          ? 'C5 H11 N O2'    117.146 
# 
_exptl.entry_id          3PKN 
_exptl.method            'X-RAY DIFFRACTION' 
_exptl.crystals_number   1 
# 
_exptl_crystal.id                    1 
_exptl_crystal.density_meas          ? 
_exptl_crystal.density_Matthews      1.78 
_exptl_crystal.density_percent_sol   30.91 
_exptl_crystal.description           ? 
_exptl_crystal.F_000                 ? 
_exptl_crystal.preparation           ? 
# 
_exptl_crystal_grow.crystal_id      1 
_exptl_crystal_grow.method          'VAPOR DIFFUSION, HANGING DROP' 
_exptl_crystal_grow.temp            295 
_exptl_crystal_grow.temp_details    ? 
_exptl_crystal_grow.pH              7.0 
_exptl_crystal_grow.pdbx_details    
'0.25 M potassium iodide, 1.9 M ammonium sulfate, pH 7.0, VAPOR DIFFUSION, HANGING DROP, temperature 295K' 
_exptl_crystal_grow.pdbx_pH_range   ? 
# 
_diffrn.id                     1 
_diffrn.ambient_temp           100 
_diffrn.ambient_temp_details   ? 
_diffrn.crystal_id             1 
# 
_diffrn_detector.diffrn_id              1 
_diffrn_detector.detector               CCD 
_diffrn_detector.type                   'ADSC QUANTUM 210' 
_diffrn_detector.pdbx_collection_date   2010-10-20 
_diffrn_detector.details                ? 
# 
_diffrn_radiation.diffrn_id                        1 
_diffrn_radiation.wavelength_id                    1 
_diffrn_radiation.pdbx_monochromatic_or_laue_m_l   M 
_diffrn_radiation.monochromator                    'Si 111 CHANNEL' 
_diffrn_radiation.pdbx_diffrn_protocol             'SINGLE WAVELENGTH' 
_diffrn_radiation.pdbx_scattering_type             x-ray 
# 
_diffrn_radiation_wavelength.id           1 
_diffrn_radiation_wavelength.wavelength   0.9770 
_diffrn_radiation_wavelength.wt           1.0 
# 
_diffrn_source.diffrn_id                   1 
_diffrn_source.source                      SYNCHROTRON 
_diffrn_source.type                        'CHESS BEAMLINE A1' 
_diffrn_source.pdbx_synchrotron_site       CHESS 
_diffrn_source.pdbx_synchrotron_beamline   A1 
_diffrn_source.pdbx_wavelength             ? 
_diffrn_source.pdbx_wavelength_list        0.9770 
# 
_reflns.entry_id                     3PKN 
_reflns.observed_criterion_sigma_I   1 
_reflns.observed_criterion_sigma_F   1 
_reflns.d_resolution_low             50 
_reflns.d_resolution_high            1.80 
_reflns.number_obs                   6871 
_reflns.number_all                   6954 
_reflns.percent_possible_obs         98.8 
_reflns.pdbx_Rmerge_I_obs            ? 
_reflns.pdbx_Rsym_value              ? 
_reflns.pdbx_netI_over_sigmaI        ? 
_reflns.B_iso_Wilson_estimate        ? 
_reflns.pdbx_redundancy              ? 
_reflns.R_free_details               ? 
_reflns.limit_h_max                  ? 
_reflns.limit_h_min                  ? 
_reflns.limit_k_max                  ? 
_reflns.limit_k_min                  ? 
_reflns.limit_l_max                  ? 
_reflns.limit_l_min                  ? 
_reflns.observed_criterion_F_max     ? 
_reflns.observed_criterion_F_min     ? 
_reflns.pdbx_chi_squared             ? 
_reflns.pdbx_scaling_rejects         ? 
_reflns.pdbx_diffrn_id               1 
_reflns.pdbx_ordinal                 1 
# 
_reflns_shell.d_res_high             1.80 
_reflns_shell.d_res_low              1.83 
_reflns_shell.percent_possible_all   89.0 
_reflns_shell.Rmerge_I_obs           ? 
_reflns_shell.pdbx_Rsym_value        ? 
_reflns_shell.meanI_over_sigI_obs    ? 
_reflns_shell.pdbx_redundancy        ? 
_reflns_shell.percent_possible_obs   ? 
_reflns_shell.number_unique_all      ? 
_reflns_shell.number_measured_all    ? 
_reflns_shell.number_measured_obs    ? 
_reflns_shell.number_unique_obs      ? 
_reflns_shell.pdbx_chi_squared       ? 
_reflns_shell.pdbx_diffrn_id         ? 
_reflns_shell.pdbx_ordinal           1 
# 
_refine.entry_id                                 3PKN 
_refine.ls_number_reflns_obs                     6871 
_refine.ls_number_reflns_all                     6954 
_refine.pdbx_ls_sigma_I                          ? 
_refine.pdbx_ls_sigma_F                          1 
_refine.pdbx_data_cutoff_high_absF               ? 
_refine.pdbx_data_cutoff_low_absF                ? 
_refine.pdbx_data_cutoff_high_rms_absF           ? 
_refine.ls_d_res_low                             50.83 
_refine.ls_d_res_high                            1.80 
_refine.ls_percent_reflns_obs                    98.00 
_refine.ls_R_factor_obs                          0.22683 
_refine.ls_R_factor_all                          0.227 
_refine.ls_R_factor_R_work                       0.22479 
_refine.ls_R_factor_R_free                       0.26933 
_refine.ls_R_factor_R_free_error                 ? 
_refine.ls_R_factor_R_free_error_details         ? 
_refine.ls_percent_reflns_R_free                 4.6 
_refine.ls_number_reflns_R_free                  335 
_refine.ls_number_parameters                     ? 
_refine.ls_number_restraints                     ? 
_refine.occupancy_min                            ? 
_refine.occupancy_max                            ? 
_refine.correlation_coeff_Fo_to_Fc               0.941 
_refine.correlation_coeff_Fo_to_Fc_free          0.928 
_refine.B_iso_mean                               30.608 
_refine.aniso_B[1][1]                            1.52 
_refine.aniso_B[2][2]                            -1.42 
_refine.aniso_B[3][3]                            1.16 
_refine.aniso_B[1][2]                            0.00 
_refine.aniso_B[1][3]                            2.44 
_refine.aniso_B[2][3]                            0.00 
_refine.solvent_model_details                    'BABINET MODEL WITH MASK' 
_refine.solvent_model_param_ksol                 ? 
_refine.solvent_model_param_bsol                 ? 
_refine.pdbx_solvent_vdw_probe_radii             1.20 
_refine.pdbx_solvent_ion_probe_radii             0.80 
_refine.pdbx_solvent_shrinkage_radii             0.80 
_refine.pdbx_ls_cross_valid_method               THROUGHOUT 
_refine.details                                  ? 
_refine.pdbx_starting_model                      3KUS 
_refine.pdbx_method_to_determine_struct          'MOLECULAR REPLACEMENT' 
_refine.pdbx_isotropic_thermal_model             ? 
_refine.pdbx_stereochemistry_target_values       'MAXIMUM LIKELIHOOD' 
_refine.pdbx_stereochem_target_val_spec_case     ? 
_refine.pdbx_R_Free_selection_details            RANDOM 
_refine.pdbx_overall_ESU_R_Free                  0.163 
_refine.overall_SU_ML                            0.118 
_refine.overall_SU_B                             7.329 
_refine.overall_SU_R_Cruickshank_DPI             ? 
_refine.ls_redundancy_reflns_obs                 ? 
_refine.B_iso_min                                ? 
_refine.B_iso_max                                ? 
_refine.overall_SU_R_free                        ? 
_refine.ls_wR_factor_R_free                      ? 
_refine.ls_wR_factor_R_work                      ? 
_refine.overall_FOM_free_R_set                   ? 
_refine.overall_FOM_work_R_set                   ? 
_refine.pdbx_overall_phase_error                 ? 
_refine.pdbx_refine_id                           'X-RAY DIFFRACTION' 
_refine.pdbx_overall_ESU_R                       ? 
_refine.pdbx_diffrn_id                           1 
_refine.pdbx_TLS_residual_ADP_flag               ? 
_refine.pdbx_overall_SU_R_free_Cruickshank_DPI   ? 
_refine.pdbx_overall_SU_R_Blow_DPI               ? 
_refine.pdbx_overall_SU_R_free_Blow_DPI          ? 
# 
_refine_hist.pdbx_refine_id                   'X-RAY DIFFRACTION' 
_refine_hist.cycle_id                         LAST 
_refine_hist.pdbx_number_atoms_protein        691 
_refine_hist.pdbx_number_atoms_nucleic_acid   0 
_refine_hist.pdbx_number_atoms_ligand         6 
_refine_hist.number_atoms_solvent             42 
_refine_hist.number_atoms_total               739 
_refine_hist.d_res_high                       1.80 
_refine_hist.d_res_low                        50.83 
# 
loop_
_refine_ls_restr.type 
_refine_ls_restr.dev_ideal 
_refine_ls_restr.dev_ideal_target 
_refine_ls_restr.weight 
_refine_ls_restr.number 
_refine_ls_restr.pdbx_refine_id 
_refine_ls_restr.pdbx_restraint_function 
r_bond_refined_d         0.009  0.022  ? 711 'X-RAY DIFFRACTION' ? 
r_angle_refined_deg      1.113  1.999  ? 964 'X-RAY DIFFRACTION' ? 
r_dihedral_angle_1_deg   4.252  5.000  ? 90  'X-RAY DIFFRACTION' ? 
r_dihedral_angle_2_deg   34.653 26.786 ? 28  'X-RAY DIFFRACTION' ? 
r_dihedral_angle_3_deg   18.705 15.000 ? 133 'X-RAY DIFFRACTION' ? 
r_dihedral_angle_4_deg   10.305 15.000 ? 2   'X-RAY DIFFRACTION' ? 
r_chiral_restr           0.074  0.200  ? 114 'X-RAY DIFFRACTION' ? 
r_gen_planes_refined     0.003  0.020  ? 509 'X-RAY DIFFRACTION' ? 
r_nbd_refined            0.197  0.200  ? 311 'X-RAY DIFFRACTION' ? 
r_nbtor_refined          0.290  0.200  ? 491 'X-RAY DIFFRACTION' ? 
r_xyhbond_nbd_refined    0.102  0.200  ? 31  'X-RAY DIFFRACTION' ? 
r_symmetry_vdw_refined   0.235  0.200  ? 30  'X-RAY DIFFRACTION' ? 
r_symmetry_hbond_refined 0.138  0.200  ? 6   'X-RAY DIFFRACTION' ? 
r_mcbond_it              0.586  1.500  ? 461 'X-RAY DIFFRACTION' ? 
r_mcangle_it             0.889  2.000  ? 732 'X-RAY DIFFRACTION' ? 
r_scbond_it              1.677  3.000  ? 264 'X-RAY DIFFRACTION' ? 
r_scangle_it             2.641  4.500  ? 231 'X-RAY DIFFRACTION' ? 
# 
_refine_ls_shell.pdbx_total_number_of_bins_used   20 
_refine_ls_shell.d_res_high                       1.796 
_refine_ls_shell.d_res_low                        1.842 
_refine_ls_shell.number_reflns_R_work             405 
_refine_ls_shell.R_factor_R_work                  0.251 
_refine_ls_shell.percent_reflns_obs               80.00 
_refine_ls_shell.R_factor_R_free                  0.491 
_refine_ls_shell.R_factor_R_free_error            ? 
_refine_ls_shell.percent_reflns_R_free            ? 
_refine_ls_shell.number_reflns_R_free             11 
_refine_ls_shell.number_reflns_all                ? 
_refine_ls_shell.R_factor_all                     ? 
_refine_ls_shell.number_reflns_obs                ? 
_refine_ls_shell.redundancy_reflns_obs            ? 
_refine_ls_shell.pdbx_refine_id                   'X-RAY DIFFRACTION' 
# 
_struct.entry_id                  3PKN 
_struct.title                     
'Crystal structure of MLLE domain of poly(A) binding protein in complex with PAM2 motif of La-related protein 4 (LARP4)' 
_struct.pdbx_model_details        ? 
_struct.pdbx_CASP_flag            ? 
_struct.pdbx_model_type_details   ? 
# 
_struct_keywords.entry_id        3PKN 
_struct_keywords.pdbx_keywords   'PROTEIN BINDING' 
_struct_keywords.text            'All helical domain, Protein binding, La-related protein 4' 
# 
loop_
_struct_asym.id 
_struct_asym.pdbx_blank_PDB_chainid_flag 
_struct_asym.pdbx_modified 
_struct_asym.entity_id 
_struct_asym.details 
A N N 1 ? 
B N N 2 ? 
C N N 3 ? 
D N N 4 ? 
E N N 5 ? 
F N N 5 ? 
# 
_struct_biol.id        1 
_struct_biol.details   ? 
# 
loop_
_struct_conf.conf_type_id 
_struct_conf.id 
_struct_conf.pdbx_PDB_helix_id 
_struct_conf.beg_label_comp_id 
_struct_conf.beg_label_asym_id 
_struct_conf.beg_label_seq_id 
_struct_conf.pdbx_beg_PDB_ins_code 
_struct_conf.end_label_comp_id 
_struct_conf.end_label_asym_id 
_struct_conf.end_label_seq_id 
_struct_conf.pdbx_end_PDB_ins_code 
_struct_conf.beg_auth_comp_id 
_struct_conf.beg_auth_asym_id 
_struct_conf.beg_auth_seq_id 
_struct_conf.end_auth_comp_id 
_struct_conf.end_auth_asym_id 
_struct_conf.end_auth_seq_id 
_struct_conf.pdbx_PDB_helix_class 
_struct_conf.details 
_struct_conf.pdbx_PDB_helix_length 
HELX_P HELX_P1 1 THR A 8  ? ALA A 15 ? THR A 546 ALA A 553 1 ? 8  
HELX_P HELX_P2 2 PRO A 16 ? GLN A 18 ? PRO A 554 GLN A 556 5 ? 3  
HELX_P HELX_P3 3 GLU A 19 ? HIS A 36 ? GLU A 557 HIS A 574 1 ? 18 
HELX_P HELX_P4 4 LEU A 39 ? LEU A 48 ? LEU A 577 LEU A 586 1 ? 10 
HELX_P HELX_P5 5 ASP A 51 ? SER A 61 ? ASP A 589 SER A 599 1 ? 11 
HELX_P HELX_P6 6 SER A 61 ? ALA A 84 ? SER A 599 ALA A 622 1 ? 24 
# 
_struct_conf_type.id          HELX_P 
_struct_conf_type.criteria    ? 
_struct_conf_type.reference   ? 
# 
_struct_site.id                   AC1 
_struct_site.pdbx_evidence_code   Software 
_struct_site.pdbx_auth_asym_id    A 
_struct_site.pdbx_auth_comp_id    SO4 
_struct_site.pdbx_auth_seq_id     1 
_struct_site.pdbx_auth_ins_code   ? 
_struct_site.pdbx_num_residues    5 
_struct_site.details              'BINDING SITE FOR RESIDUE SO4 A 1' 
# 
loop_
_struct_site_gen.id 
_struct_site_gen.site_id 
_struct_site_gen.pdbx_num_res 
_struct_site_gen.label_comp_id 
_struct_site_gen.label_asym_id 
_struct_site_gen.label_seq_id 
_struct_site_gen.pdbx_auth_ins_code 
_struct_site_gen.auth_comp_id 
_struct_site_gen.auth_asym_id 
_struct_site_gen.auth_seq_id 
_struct_site_gen.label_atom_id 
_struct_site_gen.label_alt_id 
_struct_site_gen.symmetry 
_struct_site_gen.details 
1 AC1 5 HIS A 36 ? HIS A 574 . ? 1_555 ? 
2 AC1 5 PRO A 37 ? PRO A 575 . ? 1_555 ? 
3 AC1 5 THR A 38 ? THR A 576 . ? 1_555 ? 
4 AC1 5 LEU A 39 ? LEU A 577 . ? 1_555 ? 
5 AC1 5 ARG A 66 ? ARG A 604 . ? 2_556 ? 
# 
_atom_sites.entry_id                    3PKN 
_atom_sites.fract_transf_matrix[1][1]   -0.00688148 
_atom_sites.fract_transf_matrix[1][2]   -0.01963712 
_atom_sites.fract_transf_matrix[1][3]   0.00385453 
_atom_sites.fract_transf_matrix[2][1]   -0.01022828 
_atom_sites.fract_transf_matrix[2][2]   -0.00232144 
_atom_sites.fract_transf_matrix[2][3]   -0.03008727 
_atom_sites.fract_transf_matrix[3][1]   0.01524705 
_atom_sites.fract_transf_matrix[3][2]   -0.01164842 
_atom_sites.fract_transf_matrix[3][3]   -0.00428454 
_atom_sites.fract_transf_vector[1]      -0.021361 
_atom_sites.fract_transf_vector[2]      0.163781 
_atom_sites.fract_transf_vector[3]      0.263626 
# 
loop_
_atom_type.symbol 
C 
I 
N 
O 
S 
# 
loop_
_atom_site.group_PDB 
_atom_site.id 
_atom_site.type_symbol 
_atom_site.label_atom_id 
_atom_site.label_alt_id 
_atom_site.label_comp_id 
_atom_site.label_asym_id 
_atom_site.label_entity_id 
_atom_site.label_seq_id 
_atom_site.pdbx_PDB_ins_code 
_atom_site.Cartn_x 
_atom_site.Cartn_y 
_atom_site.Cartn_z 
_atom_site.occupancy 
_atom_site.B_iso_or_equiv 
_atom_site.pdbx_formal_charge 
_atom_site.auth_seq_id 
_atom_site.auth_comp_id 
_atom_site.auth_asym_id 
_atom_site.auth_atom_id 
_atom_site.pdbx_PDB_model_num 
ATOM   1   N N   . PRO A 1 6  ? 8.663   -8.326  12.075  1.00 49.31 ? 544 PRO A N   1 
ATOM   2   C CA  . PRO A 1 6  ? 7.391   -8.449  11.376  1.00 45.25 ? 544 PRO A CA  1 
ATOM   3   C C   . PRO A 1 6  ? 6.237   -7.772  12.120  1.00 40.34 ? 544 PRO A C   1 
ATOM   4   O O   . PRO A 1 6  ? 6.223   -7.735  13.358  1.00 39.53 ? 544 PRO A O   1 
ATOM   5   C CB  . PRO A 1 6  ? 7.169   -9.971  11.311  1.00 44.49 ? 544 PRO A CB  1 
ATOM   6   C CG  . PRO A 1 6  ? 8.474   -10.615 11.785  1.00 48.48 ? 544 PRO A CG  1 
ATOM   7   C CD  . PRO A 1 6  ? 9.497   -9.524  11.893  1.00 52.90 ? 544 PRO A CD  1 
ATOM   8   N N   . LEU A 1 7  ? 5.287   -7.225  11.363  1.00 37.86 ? 545 LEU A N   1 
ATOM   9   C CA  . LEU A 1 7  ? 4.081   -6.638  11.943  1.00 33.18 ? 545 LEU A CA  1 
ATOM   10  C C   . LEU A 1 7  ? 2.991   -7.686  12.120  1.00 30.05 ? 545 LEU A C   1 
ATOM   11  O O   . LEU A 1 7  ? 2.648   -8.398  11.171  1.00 31.03 ? 545 LEU A O   1 
ATOM   12  C CB  . LEU A 1 7  ? 3.549   -5.501  11.068  1.00 33.78 ? 545 LEU A CB  1 
ATOM   13  C CG  . LEU A 1 7  ? 3.604   -4.062  11.582  1.00 35.83 ? 545 LEU A CG  1 
ATOM   14  C CD1 . LEU A 1 7  ? 2.878   -3.155  10.582  1.00 35.99 ? 545 LEU A CD1 1 
ATOM   15  C CD2 . LEU A 1 7  ? 2.998   -3.901  12.985  1.00 30.02 ? 545 LEU A CD2 1 
ATOM   16  N N   . THR A 1 8  ? 2.457   -7.767  13.339  1.00 26.91 ? 546 THR A N   1 
ATOM   17  C CA  . THR A 1 8  ? 1.406   -8.719  13.679  1.00 24.70 ? 546 THR A CA  1 
ATOM   18  C C   . THR A 1 8  ? 0.109   -7.998  14.046  1.00 23.85 ? 546 THR A C   1 
ATOM   19  O O   . THR A 1 8  ? 0.110   -6.792  14.275  1.00 22.77 ? 546 THR A O   1 
ATOM   20  C CB  . THR A 1 8  ? 1.808   -9.583  14.887  1.00 25.48 ? 546 THR A CB  1 
ATOM   21  O OG1 . THR A 1 8  ? 1.901   -8.754  16.054  1.00 24.42 ? 546 THR A OG1 1 
ATOM   22  C CG2 . THR A 1 8  ? 3.156   -10.269 14.626  1.00 26.59 ? 546 THR A CG2 1 
ATOM   23  N N   . ALA A 1 9  ? -0.981  -8.753  14.107  1.00 23.54 ? 547 ALA A N   1 
ATOM   24  C CA  . ALA A 1 9  ? -2.278  -8.217  14.533  1.00 23.75 ? 547 ALA A CA  1 
ATOM   25  C C   . ALA A 1 9  ? -2.189  -7.621  15.940  1.00 23.55 ? 547 ALA A C   1 
ATOM   26  O O   . ALA A 1 9  ? -2.747  -6.550  16.198  1.00 23.20 ? 547 ALA A O   1 
ATOM   27  C CB  . ALA A 1 9  ? -3.326  -9.297  14.482  1.00 25.75 ? 547 ALA A CB  1 
ATOM   28  N N   . SER A 1 10 ? -1.475  -8.309  16.835  1.00 24.16 ? 548 SER A N   1 
ATOM   29  C CA  . SER A 1 10 ? -1.333  -7.859  18.238  1.00 26.16 ? 548 SER A CA  1 
ATOM   30  C C   . SER A 1 10 ? -0.563  -6.548  18.335  1.00 25.90 ? 548 SER A C   1 
ATOM   31  O O   . SER A 1 10 ? -0.943  -5.654  19.090  1.00 26.22 ? 548 SER A O   1 
ATOM   32  C CB  . SER A 1 10 ? -0.637  -8.923  19.088  1.00 28.04 ? 548 SER A CB  1 
ATOM   33  O OG  . SER A 1 10 ? -1.495  -10.004 19.364  1.00 30.83 ? 548 SER A OG  1 
ATOM   34  N N   . MET A 1 11 ? 0.507   -6.430  17.551  1.00 26.04 ? 549 MET A N   1 
ATOM   35  C CA  . MET A 1 11 ? 1.299   -5.204  17.501  1.00 28.33 ? 549 MET A CA  1 
ATOM   36  C C   . MET A 1 11 ? 0.475   -4.018  17.007  1.00 27.53 ? 549 MET A C   1 
ATOM   37  O O   . MET A 1 11 ? 0.542   -2.928  17.567  1.00 28.43 ? 549 MET A O   1 
ATOM   38  C CB  . MET A 1 11 ? 2.486   -5.389  16.575  1.00 29.09 ? 549 MET A CB  1 
ATOM   39  C CG  . MET A 1 11 ? 3.617   -6.134  17.205  1.00 32.74 ? 549 MET A CG  1 
ATOM   40  S SD  . MET A 1 11 ? 4.924   -6.434  16.015  1.00 36.47 ? 549 MET A SD  1 
ATOM   41  C CE  . MET A 1 11 ? 5.665   -4.792  15.906  1.00 39.14 ? 549 MET A CE  1 
ATOM   42  N N   . LEU A 1 12 ? -0.296  -4.247  15.950  1.00 27.22 ? 550 LEU A N   1 
ATOM   43  C CA  . LEU A 1 12 ? -1.156  -3.232  15.363  1.00 27.42 ? 550 LEU A CA  1 
ATOM   44  C C   . LEU A 1 12 ? -2.226  -2.764  16.340  1.00 28.03 ? 550 LEU A C   1 
ATOM   45  O O   . LEU A 1 12 ? -2.563  -1.590  16.383  1.00 28.91 ? 550 LEU A O   1 
ATOM   46  C CB  . LEU A 1 12 ? -1.830  -3.801  14.115  1.00 27.83 ? 550 LEU A CB  1 
ATOM   47  C CG  . LEU A 1 12 ? -1.776  -3.073  12.768  1.00 29.92 ? 550 LEU A CG  1 
ATOM   48  C CD1 . LEU A 1 12 ? -3.094  -3.263  12.017  1.00 29.78 ? 550 LEU A CD1 1 
ATOM   49  C CD2 . LEU A 1 12 ? -1.433  -1.609  12.868  1.00 30.16 ? 550 LEU A CD2 1 
ATOM   50  N N   . ALA A 1 13 ? -2.774  -3.703  17.110  1.00 29.13 ? 551 ALA A N   1 
ATOM   51  C CA  . ALA A 1 13 ? -3.783  -3.397  18.128  1.00 31.43 ? 551 ALA A CA  1 
ATOM   52  C C   . ALA A 1 13 ? -3.206  -2.655  19.335  1.00 33.37 ? 551 ALA A C   1 
ATOM   53  O O   . ALA A 1 13 ? -3.945  -1.981  20.059  1.00 35.52 ? 551 ALA A O   1 
ATOM   54  C CB  . ALA A 1 13 ? -4.487  -4.673  18.571  1.00 32.83 ? 551 ALA A CB  1 
ATOM   55  N N   . SER A 1 14 ? -1.891  -2.768  19.545  1.00 33.55 ? 552 SER A N   1 
ATOM   56  C CA  . SER A 1 14 ? -1.218  -2.050  20.639  1.00 36.65 ? 552 SER A CA  1 
ATOM   57  C C   . SER A 1 14 ? -1.090  -0.564  20.330  1.00 36.09 ? 552 SER A C   1 
ATOM   58  O O   . SER A 1 14 ? -1.018  0.261   21.241  1.00 39.34 ? 552 SER A O   1 
ATOM   59  C CB  . SER A 1 14 ? 0.173   -2.640  20.936  1.00 38.50 ? 552 SER A CB  1 
ATOM   60  O OG  . SER A 1 14 ? 1.185   -2.053  20.116  1.00 39.16 ? 552 SER A OG  1 
ATOM   61  N N   . ALA A 1 15 ? -1.033  -0.242  19.039  1.00 33.16 ? 553 ALA A N   1 
ATOM   62  C CA  . ALA A 1 15 ? -0.907  1.121   18.559  1.00 32.60 ? 553 ALA A CA  1 
ATOM   63  C C   . ALA A 1 15 ? -2.201  1.910   18.742  1.00 32.44 ? 553 ALA A C   1 
ATOM   64  O O   . ALA A 1 15 ? -3.289  1.320   18.726  1.00 32.01 ? 553 ALA A O   1 
ATOM   65  C CB  . ALA A 1 15 ? -0.529  1.104   17.105  1.00 31.76 ? 553 ALA A CB  1 
ATOM   66  N N   . PRO A 1 16 ? -2.091  3.247   18.905  1.00 33.19 ? 554 PRO A N   1 
ATOM   67  C CA  . PRO A 1 16 ? -3.282  4.101   18.893  1.00 33.49 ? 554 PRO A CA  1 
ATOM   68  C C   . PRO A 1 16 ? -4.005  3.927   17.554  1.00 32.12 ? 554 PRO A C   1 
ATOM   69  O O   . PRO A 1 16 ? -3.347  3.890   16.514  1.00 31.30 ? 554 PRO A O   1 
ATOM   70  C CB  . PRO A 1 16 ? -2.703  5.516   19.004  1.00 35.84 ? 554 PRO A CB  1 
ATOM   71  C CG  . PRO A 1 16 ? -1.357  5.348   19.603  1.00 36.74 ? 554 PRO A CG  1 
ATOM   72  C CD  . PRO A 1 16 ? -0.857  4.031   19.103  1.00 35.20 ? 554 PRO A CD  1 
ATOM   73  N N   . PRO A 1 17 ? -5.343  3.791   17.573  1.00 32.85 ? 555 PRO A N   1 
ATOM   74  C CA  . PRO A 1 17 ? -6.043  3.474   16.330  1.00 33.23 ? 555 PRO A CA  1 
ATOM   75  C C   . PRO A 1 17 ? -5.753  4.469   15.213  1.00 34.09 ? 555 PRO A C   1 
ATOM   76  O O   . PRO A 1 17 ? -5.680  4.069   14.052  1.00 35.28 ? 555 PRO A O   1 
ATOM   77  C CB  . PRO A 1 17 ? -7.527  3.506   16.734  1.00 36.00 ? 555 PRO A CB  1 
ATOM   78  C CG  . PRO A 1 17 ? -7.513  3.205   18.194  1.00 36.55 ? 555 PRO A CG  1 
ATOM   79  C CD  . PRO A 1 17 ? -6.275  3.897   18.711  1.00 35.51 ? 555 PRO A CD  1 
ATOM   80  N N   . GLN A 1 18 ? -5.556  5.737   15.565  1.00 34.97 ? 556 GLN A N   1 
ATOM   81  C CA  . GLN A 1 18 ? -5.273  6.775   14.583  1.00 36.78 ? 556 GLN A CA  1 
ATOM   82  C C   . GLN A 1 18 ? -3.853  6.690   13.961  1.00 36.09 ? 556 GLN A C   1 
ATOM   83  O O   . GLN A 1 18 ? -3.492  7.510   13.114  1.00 39.28 ? 556 GLN A O   1 
ATOM   84  C CB  . GLN A 1 18 ? -5.587  8.174   15.164  1.00 39.29 ? 556 GLN A CB  1 
ATOM   85  C CG  . GLN A 1 18 ? -4.611  8.713   16.227  1.00 39.77 ? 556 GLN A CG  1 
ATOM   86  C CD  . GLN A 1 18 ? -4.872  8.206   17.646  1.00 38.94 ? 556 GLN A CD  1 
ATOM   87  O OE1 . GLN A 1 18 ? -5.576  7.223   17.857  1.00 37.44 ? 556 GLN A OE1 1 
ATOM   88  N NE2 . GLN A 1 18 ? -4.283  8.886   18.629  1.00 41.63 ? 556 GLN A NE2 1 
ATOM   89  N N   . GLU A 1 19 ? -3.073  5.691   14.377  1.00 33.43 ? 557 GLU A N   1 
ATOM   90  C CA  . GLU A 1 19 ? -1.702  5.455   13.889  1.00 31.54 ? 557 GLU A CA  1 
ATOM   91  C C   . GLU A 1 19 ? -1.596  4.164   13.057  1.00 27.31 ? 557 GLU A C   1 
ATOM   92  O O   . GLU A 1 19 ? -0.559  3.896   12.448  1.00 25.00 ? 557 GLU A O   1 
ATOM   93  C CB  . GLU A 1 19 ? -0.733  5.320   15.075  1.00 35.28 ? 557 GLU A CB  1 
ATOM   94  C CG  . GLU A 1 19 ? 0.254   6.470   15.320  1.00 41.09 ? 557 GLU A CG  1 
ATOM   95  C CD  . GLU A 1 19 ? -0.319  7.632   16.124  1.00 47.95 ? 557 GLU A CD  1 
ATOM   96  O OE1 . GLU A 1 19 ? -0.019  8.792   15.769  1.00 51.60 ? 557 GLU A OE1 1 
ATOM   97  O OE2 . GLU A 1 19 ? -1.045  7.411   17.120  1.00 51.35 ? 557 GLU A OE2 1 
ATOM   98  N N   . GLN A 1 20 ? -2.651  3.357   13.032  1.00 26.10 ? 558 GLN A N   1 
ATOM   99  C CA  . GLN A 1 20 ? -2.522  1.996   12.480  1.00 24.70 ? 558 GLN A CA  1 
ATOM   100 C C   . GLN A 1 20 ? -2.209  1.945   10.979  1.00 22.79 ? 558 GLN A C   1 
ATOM   101 O O   . GLN A 1 20 ? -1.399  1.128   10.544  1.00 22.04 ? 558 GLN A O   1 
ATOM   102 C CB  . GLN A 1 20 ? -3.712  1.117   12.878  1.00 26.57 ? 558 GLN A CB  1 
ATOM   103 C CG  . GLN A 1 20 ? -3.769  0.874   14.392  1.00 29.64 ? 558 GLN A CG  1 
ATOM   104 C CD  . GLN A 1 20 ? -5.021  0.136   14.840  1.00 34.88 ? 558 GLN A CD  1 
ATOM   105 O OE1 . GLN A 1 20 ? -5.918  -0.135  14.038  1.00 33.90 ? 558 GLN A OE1 1 
ATOM   106 N NE2 . GLN A 1 20 ? -5.096  -0.176  16.146  1.00 38.63 ? 558 GLN A NE2 1 
ATOM   107 N N   . LYS A 1 21 ? -2.817  2.837   10.192  1.00 22.51 ? 559 LYS A N   1 
ATOM   108 C CA  . LYS A 1 21 ? -2.539  2.894   8.752   1.00 22.18 ? 559 LYS A CA  1 
ATOM   109 C C   . LYS A 1 21 ? -1.084  3.290   8.469   1.00 21.68 ? 559 LYS A C   1 
ATOM   110 O O   . LYS A 1 21 ? -0.472  2.809   7.500   1.00 21.36 ? 559 LYS A O   1 
ATOM   111 C CB  . LYS A 1 21 ? -3.495  3.866   8.042   1.00 24.10 ? 559 LYS A CB  1 
ATOM   112 C CG  . LYS A 1 21 ? -4.943  3.387   7.940   1.00 25.93 ? 559 LYS A CG  1 
ATOM   113 C CD  . LYS A 1 21 ? -5.107  2.142   7.050   1.00 25.48 ? 559 LYS A CD  1 
ATOM   114 C CE  . LYS A 1 21 ? -6.584  1.846   6.814   1.00 30.01 ? 559 LYS A CE  1 
ATOM   115 N NZ  . LYS A 1 21 ? -6.851  0.460   6.326   1.00 32.16 ? 559 LYS A NZ  1 
ATOM   116 N N   . GLN A 1 22 ? -0.535  4.186   9.283   1.00 21.79 ? 560 GLN A N   1 
ATOM   117 C CA  . GLN A 1 22 ? 0.861   4.582   9.093   1.00 23.59 ? 560 GLN A CA  1 
ATOM   118 C C   . GLN A 1 22 ? 1.826   3.464   9.457   1.00 22.56 ? 560 GLN A C   1 
ATOM   119 O O   . GLN A 1 22 ? 2.872   3.330   8.835   1.00 22.95 ? 560 GLN A O   1 
ATOM   120 C CB  . GLN A 1 22 ? 1.242   5.874   9.815   1.00 26.53 ? 560 GLN A CB  1 
ATOM   121 C CG  . GLN A 1 22 ? 0.265   6.417   10.817  1.00 32.35 ? 560 GLN A CG  1 
ATOM   122 C CD  . GLN A 1 22 ? -0.945  7.066   10.167  1.00 34.99 ? 560 GLN A CD  1 
ATOM   123 O OE1 . GLN A 1 22 ? -2.068  6.778   10.540  1.00 36.11 ? 560 GLN A OE1 1 
ATOM   124 N NE2 . GLN A 1 22 ? -0.714  7.931   9.186   1.00 39.28 ? 560 GLN A NE2 1 
ATOM   125 N N   . MET A 1 23 ? 1.486   2.684   10.475  1.00 23.05 ? 561 MET A N   1 
ATOM   126 C CA  . MET A 1 23 ? 2.292   1.507   10.828  1.00 24.38 ? 561 MET A CA  1 
ATOM   127 C C   . MET A 1 23 ? 2.381   0.519   9.674   1.00 22.16 ? 561 MET A C   1 
ATOM   128 O O   . MET A 1 23 ? 3.446   -0.046  9.411   1.00 22.10 ? 561 MET A O   1 
ATOM   129 C CB  . MET A 1 23 ? 1.716   0.790   12.046  1.00 25.91 ? 561 MET A CB  1 
ATOM   130 C CG  . MET A 1 23 ? 1.776   1.622   13.307  1.00 29.86 ? 561 MET A CG  1 
ATOM   131 S SD  . MET A 1 23 ? 1.354   0.729   14.800  1.00 36.18 ? 561 MET A SD  1 
ATOM   132 C CE  . MET A 1 23 ? 2.590   -0.564  14.854  1.00 36.29 ? 561 MET A CE  1 
ATOM   133 N N   . LEU A 1 24 ? 1.245   0.304   9.014   1.00 21.22 ? 562 LEU A N   1 
ATOM   134 C CA  . LEU A 1 24 ? 1.174   -0.541  7.809   1.00 21.01 ? 562 LEU A CA  1 
ATOM   135 C C   . LEU A 1 24 ? 1.955   0.071   6.649   1.00 20.83 ? 562 LEU A C   1 
ATOM   136 O O   . LEU A 1 24 ? 2.721   -0.618  5.990   1.00 21.24 ? 562 LEU A O   1 
ATOM   137 C CB  . LEU A 1 24 ? -0.282  -0.769  7.406   1.00 21.73 ? 562 LEU A CB  1 
ATOM   138 C CG  . LEU A 1 24 ? -1.015  -1.723  8.358   1.00 22.78 ? 562 LEU A CG  1 
ATOM   139 C CD1 . LEU A 1 24 ? -2.500  -1.624  8.180   1.00 25.42 ? 562 LEU A CD1 1 
ATOM   140 C CD2 . LEU A 1 24 ? -0.561  -3.164  8.128   1.00 24.91 ? 562 LEU A CD2 1 
ATOM   141 N N   . GLY A 1 25 ? 1.775   1.370   6.429   1.00 21.01 ? 563 GLY A N   1 
ATOM   142 C CA  . GLY A 1 25 ? 2.404   2.061   5.303   1.00 21.66 ? 563 GLY A CA  1 
ATOM   143 C C   . GLY A 1 25 ? 3.914   2.033   5.439   1.00 21.65 ? 563 GLY A C   1 
ATOM   144 O O   . GLY A 1 25 ? 4.634   1.907   4.444   1.00 22.70 ? 563 GLY A O   1 
ATOM   145 N N   . GLU A 1 26 ? 4.388   2.109   6.676   1.00 21.35 ? 564 GLU A N   1 
ATOM   146 C CA  . GLU A 1 26 ? 5.834   2.112   6.959   1.00 22.83 ? 564 GLU A CA  1 
ATOM   147 C C   . GLU A 1 26 ? 6.529   0.816   6.555   1.00 22.44 ? 564 GLU A C   1 
ATOM   148 O O   . GLU A 1 26 ? 7.727   0.804   6.237   1.00 23.63 ? 564 GLU A O   1 
ATOM   149 C CB  . GLU A 1 26 ? 6.082   2.373   8.447   1.00 24.53 ? 564 GLU A CB  1 
ATOM   150 C CG  . GLU A 1 26 ? 6.058   3.837   8.805   1.00 27.51 ? 564 GLU A CG  1 
ATOM   151 C CD  . GLU A 1 26 ? 7.306   4.555   8.334   1.00 33.62 ? 564 GLU A CD  1 
ATOM   152 O OE1 . GLU A 1 26 ? 8.410   4.228   8.824   1.00 36.65 ? 564 GLU A OE1 1 
ATOM   153 O OE2 . GLU A 1 26 ? 7.176   5.448   7.474   1.00 35.80 ? 564 GLU A OE2 1 
ATOM   154 N N   . ARG A 1 27 ? 5.771   -0.274  6.597   1.00 21.75 ? 565 ARG A N   1 
ATOM   155 C CA  . ARG A 1 27 ? 6.285   -1.606  6.286   1.00 22.62 ? 565 ARG A CA  1 
ATOM   156 C C   . ARG A 1 27 ? 6.010   -1.995  4.836   1.00 22.02 ? 565 ARG A C   1 
ATOM   157 O O   . ARG A 1 27 ? 6.805   -2.711  4.221   1.00 22.75 ? 565 ARG A O   1 
ATOM   158 C CB  . ARG A 1 27 ? 5.678   -2.636  7.238   1.00 23.79 ? 565 ARG A CB  1 
ATOM   159 C CG  . ARG A 1 27 ? 5.950   -2.354  8.727   1.00 26.83 ? 565 ARG A CG  1 
ATOM   160 C CD  . ARG A 1 27 ? 7.432   -2.331  9.062   1.00 32.47 ? 565 ARG A CD  1 
ATOM   161 N NE  . ARG A 1 27 ? 7.644   -2.379  10.513  1.00 39.92 ? 565 ARG A NE  1 
ATOM   162 C CZ  . ARG A 1 27 ? 7.793   -3.502  11.218  1.00 45.89 ? 565 ARG A CZ  1 
ATOM   163 N NH1 . ARG A 1 27 ? 7.762   -4.691  10.623  1.00 48.14 ? 565 ARG A NH1 1 
ATOM   164 N NH2 . ARG A 1 27 ? 7.983   -3.436  12.527  1.00 51.72 ? 565 ARG A NH2 1 
ATOM   165 N N   . LEU A 1 28 ? 4.876   -1.529  4.309   1.00 23.17 ? 566 LEU A N   1 
ATOM   166 C CA  . LEU A 1 28 ? 4.500   -1.753  2.908   1.00 22.85 ? 566 LEU A CA  1 
ATOM   167 C C   . LEU A 1 28 ? 5.392   -1.010  1.915   1.00 21.32 ? 566 LEU A C   1 
ATOM   168 O O   . LEU A 1 28 ? 5.816   -1.574  0.905   1.00 21.63 ? 566 LEU A O   1 
ATOM   169 C CB  . LEU A 1 28 ? 3.040   -1.335  2.685   1.00 22.81 ? 566 LEU A CB  1 
ATOM   170 C CG  . LEU A 1 28 ? 1.912   -2.225  3.186   1.00 25.89 ? 566 LEU A CG  1 
ATOM   171 C CD1 . LEU A 1 28 ? 0.614   -1.436  3.153   1.00 28.14 ? 566 LEU A CD1 1 
ATOM   172 C CD2 . LEU A 1 28 ? 1.795   -3.493  2.342   1.00 28.94 ? 566 LEU A CD2 1 
ATOM   173 N N   . PHE A 1 29 ? 5.660   0.262   2.189   1.00 20.55 ? 567 PHE A N   1 
ATOM   174 C CA  . PHE A 1 29 ? 6.403   1.104   1.255   1.00 20.11 ? 567 PHE A CA  1 
ATOM   175 C C   . PHE A 1 29 ? 7.739   0.524   0.718   1.00 19.98 ? 567 PHE A C   1 
ATOM   176 O O   . PHE A 1 29 ? 7.907   0.489   -0.496  1.00 20.07 ? 567 PHE A O   1 
ATOM   177 C CB  . PHE A 1 29 ? 6.583   2.515   1.820   1.00 19.83 ? 567 PHE A CB  1 
ATOM   178 C CG  . PHE A 1 29 ? 7.340   3.442   0.901   1.00 19.78 ? 567 PHE A CG  1 
ATOM   179 C CD1 . PHE A 1 29 ? 6.689   4.080   -0.156  1.00 20.42 ? 567 PHE A CD1 1 
ATOM   180 C CD2 . PHE A 1 29 ? 8.687   3.672   1.093   1.00 18.49 ? 567 PHE A CD2 1 
ATOM   181 C CE1 . PHE A 1 29 ? 7.390   4.934   -1.001  1.00 21.29 ? 567 PHE A CE1 1 
ATOM   182 C CE2 . PHE A 1 29 ? 9.384   4.533   0.245   1.00 20.71 ? 567 PHE A CE2 1 
ATOM   183 C CZ  . PHE A 1 29 ? 8.728   5.166   -0.791  1.00 20.02 ? 567 PHE A CZ  1 
ATOM   184 N N   . PRO A 1 30 ? 8.672   0.054   1.592   1.00 20.91 ? 568 PRO A N   1 
ATOM   185 C CA  . PRO A 1 30 ? 9.957   -0.427  1.043   1.00 21.10 ? 568 PRO A CA  1 
ATOM   186 C C   . PRO A 1 30 ? 9.794   -1.561  0.043   1.00 21.33 ? 568 PRO A C   1 
ATOM   187 O O   . PRO A 1 30 ? 10.556  -1.637  -0.938  1.00 20.83 ? 568 PRO A O   1 
ATOM   188 C CB  . PRO A 1 30 ? 10.723  -0.918  2.283   1.00 22.76 ? 568 PRO A CB  1 
ATOM   189 C CG  . PRO A 1 30 ? 10.071  -0.190  3.427   1.00 23.99 ? 568 PRO A CG  1 
ATOM   190 C CD  . PRO A 1 30 ? 8.633   -0.088  3.060   1.00 21.65 ? 568 PRO A CD  1 
ATOM   191 N N   . LEU A 1 31 ? 8.802   -2.426  0.286   1.00 21.05 ? 569 LEU A N   1 
ATOM   192 C CA  . LEU A 1 31 ? 8.532   -3.561  -0.603  1.00 21.35 ? 569 LEU A CA  1 
ATOM   193 C C   . LEU A 1 31 ? 7.950   -3.103  -1.930  1.00 20.82 ? 569 LEU A C   1 
ATOM   194 O O   . LEU A 1 31 ? 8.340   -3.585  -3.001  1.00 20.90 ? 569 LEU A O   1 
ATOM   195 C CB  . LEU A 1 31 ? 7.586   -4.560  0.070   1.00 21.93 ? 569 LEU A CB  1 
ATOM   196 C CG  . LEU A 1 31 ? 8.086   -5.212  1.358   1.00 23.36 ? 569 LEU A CG  1 
ATOM   197 C CD1 . LEU A 1 31 ? 7.026   -6.132  1.948   1.00 23.78 ? 569 LEU A CD1 1 
ATOM   198 C CD2 . LEU A 1 31 ? 9.382   -5.979  1.116   1.00 24.18 ? 569 LEU A CD2 1 
ATOM   199 N N   . ILE A 1 32 ? 6.990   -2.182  -1.855  1.00 20.01 ? 570 ILE A N   1 
ATOM   200 C CA  . ILE A 1 32 ? 6.365   -1.637  -3.060  1.00 20.36 ? 570 ILE A CA  1 
ATOM   201 C C   . ILE A 1 32 ? 7.384   -0.828  -3.875  1.00 19.88 ? 570 ILE A C   1 
ATOM   202 O O   . ILE A 1 32 ? 7.427   -0.920  -5.101  1.00 20.91 ? 570 ILE A O   1 
ATOM   203 C CB  . ILE A 1 32 ? 5.120   -0.811  -2.709  1.00 19.42 ? 570 ILE A CB  1 
ATOM   204 C CG1 . ILE A 1 32 ? 4.065   -1.727  -2.074  1.00 19.70 ? 570 ILE A CG1 1 
ATOM   205 C CG2 . ILE A 1 32 ? 4.551   -0.115  -3.960  1.00 19.70 ? 570 ILE A CG2 1 
ATOM   206 C CD1 . ILE A 1 32 ? 2.812   -0.985  -1.577  1.00 20.39 ? 570 ILE A CD1 1 
ATOM   207 N N   . GLN A 1 33 ? 8.226   -0.073  -3.186  1.00 19.74 ? 571 GLN A N   1 
ATOM   208 C CA  . GLN A 1 33 ? 9.308   0.679   -3.832  1.00 20.22 ? 571 GLN A CA  1 
ATOM   209 C C   . GLN A 1 33 ? 10.330  -0.214  -4.583  1.00 20.67 ? 571 GLN A C   1 
ATOM   210 O O   . GLN A 1 33 ? 10.829  0.171   -5.647  1.00 20.62 ? 571 GLN A O   1 
ATOM   211 C CB  . GLN A 1 33 ? 10.013  1.559   -2.805  1.00 20.07 ? 571 GLN A CB  1 
ATOM   212 C CG  . GLN A 1 33 ? 11.023  2.499   -3.396  1.00 21.27 ? 571 GLN A CG  1 
ATOM   213 C CD  . GLN A 1 33 ? 11.820  3.204   -2.330  1.00 22.86 ? 571 GLN A CD  1 
ATOM   214 O OE1 . GLN A 1 33 ? 11.761  4.420   -2.223  1.00 27.26 ? 571 GLN A OE1 1 
ATOM   215 N NE2 . GLN A 1 33 ? 12.543  2.444   -1.516  1.00 24.51 ? 571 GLN A NE2 1 
ATOM   216 N N   . ALA A 1 34 ? 10.621  -1.398  -4.042  1.00 21.04 ? 572 ALA A N   1 
ATOM   217 C CA  . ALA A 1 34 ? 11.415  -2.405  -4.755  1.00 21.99 ? 572 ALA A CA  1 
ATOM   218 C C   . ALA A 1 34 ? 10.783  -2.730  -6.117  1.00 22.66 ? 572 ALA A C   1 
ATOM   219 O O   . ALA A 1 34 ? 11.456  -2.794  -7.148  1.00 22.81 ? 572 ALA A O   1 
ATOM   220 C CB  . ALA A 1 34 ? 11.538  -3.673  -3.915  1.00 23.19 ? 572 ALA A CB  1 
ATOM   221 N N   . MET A 1 35 ? 9.469   -2.902  -6.110  1.00 22.92 ? 573 MET A N   1 
ATOM   222 C CA  . MET A 1 35 ? 8.738   -3.263  -7.307  1.00 24.45 ? 573 MET A CA  1 
ATOM   223 C C   . MET A 1 35 ? 8.604   -2.098  -8.281  1.00 23.26 ? 573 MET A C   1 
ATOM   224 O O   . MET A 1 35 ? 8.769   -2.292  -9.492  1.00 23.34 ? 573 MET A O   1 
ATOM   225 C CB  . MET A 1 35 ? 7.363   -3.780  -6.919  1.00 24.76 ? 573 MET A CB  1 
ATOM   226 C CG  . MET A 1 35 ? 7.412   -4.803  -5.801  1.00 26.11 ? 573 MET A CG  1 
ATOM   227 S SD  . MET A 1 35 ? 5.817   -5.106  -5.066  1.00 30.03 ? 573 MET A SD  1 
ATOM   228 C CE  . MET A 1 35 ? 5.048   -5.897  -6.444  1.00 27.78 ? 573 MET A CE  1 
ATOM   229 N N   . HIS A 1 36 ? 8.306   -0.910  -7.741  1.00 21.77 ? 574 HIS A N   1 
ATOM   230 C CA  . HIS A 1 36 ? 7.999   0.292   -8.530  1.00 22.38 ? 574 HIS A CA  1 
ATOM   231 C C   . HIS A 1 36 ? 8.614   1.556   -7.912  1.00 21.98 ? 574 HIS A C   1 
ATOM   232 O O   . HIS A 1 36 ? 7.917   2.311   -7.240  1.00 21.75 ? 574 HIS A O   1 
ATOM   233 C CB  . HIS A 1 36 ? 6.480   0.462   -8.704  1.00 22.25 ? 574 HIS A CB  1 
ATOM   234 C CG  . HIS A 1 36 ? 5.844   -0.634  -9.501  1.00 23.48 ? 574 HIS A CG  1 
ATOM   235 N ND1 . HIS A 1 36 ? 5.889   -0.674  -10.877 1.00 25.50 ? 574 HIS A ND1 1 
ATOM   236 C CD2 . HIS A 1 36 ? 5.178   -1.747  -9.115  1.00 24.74 ? 574 HIS A CD2 1 
ATOM   237 C CE1 . HIS A 1 36 ? 5.266   -1.759  -11.305 1.00 25.12 ? 574 HIS A CE1 1 
ATOM   238 N NE2 . HIS A 1 36 ? 4.833   -2.431  -10.256 1.00 25.38 ? 574 HIS A NE2 1 
ATOM   239 N N   . PRO A 1 37 ? 9.931   1.771   -8.130  1.00 22.27 ? 575 PRO A N   1 
ATOM   240 C CA  . PRO A 1 37 ? 10.705  2.849   -7.503  1.00 22.52 ? 575 PRO A CA  1 
ATOM   241 C C   . PRO A 1 37 ? 10.124  4.257   -7.644  1.00 23.10 ? 575 PRO A C   1 
ATOM   242 O O   . PRO A 1 37 ? 10.163  5.050   -6.699  1.00 23.81 ? 575 PRO A O   1 
ATOM   243 C CB  . PRO A 1 37 ? 12.080  2.735   -8.191  1.00 23.23 ? 575 PRO A CB  1 
ATOM   244 C CG  . PRO A 1 37 ? 12.188  1.309   -8.571  1.00 23.41 ? 575 PRO A CG  1 
ATOM   245 C CD  . PRO A 1 37 ? 10.785  0.909   -8.976  1.00 22.97 ? 575 PRO A CD  1 
ATOM   246 N N   . THR A 1 38 ? 9.563   4.571   -8.800  1.00 23.66 ? 576 THR A N   1 
ATOM   247 C CA  A THR A 1 38 ? 9.087   5.933   -9.032  0.50 24.61 ? 576 THR A CA  1 
ATOM   248 C CA  B THR A 1 38 ? 9.071   5.924   -9.073  0.50 24.17 ? 576 THR A CA  1 
ATOM   249 C C   . THR A 1 38 ? 7.695   6.163   -8.451  1.00 24.09 ? 576 THR A C   1 
ATOM   250 O O   . THR A 1 38 ? 7.451   7.192   -7.820  1.00 24.82 ? 576 THR A O   1 
ATOM   251 C CB  A THR A 1 38 ? 9.145   6.316   -10.517 0.50 26.14 ? 576 THR A CB  1 
ATOM   252 C CB  B THR A 1 38 ? 8.990   6.186   -10.593 0.50 25.66 ? 576 THR A CB  1 
ATOM   253 O OG1 A THR A 1 38 ? 8.090   5.658   -11.229 0.50 28.12 ? 576 THR A OG1 1 
ATOM   254 O OG1 B THR A 1 38 ? 10.128  5.608   -11.253 0.50 26.35 ? 576 THR A OG1 1 
ATOM   255 C CG2 A THR A 1 38 ? 10.488  5.906   -11.104 0.50 26.94 ? 576 THR A CG2 1 
ATOM   256 C CG2 B THR A 1 38 ? 8.919   7.679   -10.883 0.50 25.76 ? 576 THR A CG2 1 
ATOM   257 N N   . LEU A 1 39 ? 6.791   5.209   -8.650  1.00 23.72 ? 577 LEU A N   1 
ATOM   258 C CA  . LEU A 1 39 ? 5.396   5.394   -8.270  1.00 23.35 ? 577 LEU A CA  1 
ATOM   259 C C   . LEU A 1 39 ? 4.979   4.772   -6.932  1.00 22.29 ? 577 LEU A C   1 
ATOM   260 O O   . LEU A 1 39 ? 3.809   4.857   -6.545  1.00 21.42 ? 577 LEU A O   1 
ATOM   261 C CB  . LEU A 1 39 ? 4.486   4.920   -9.404  1.00 25.82 ? 577 LEU A CB  1 
ATOM   262 C CG  . LEU A 1 39 ? 4.370   5.863   -10.610 1.00 27.04 ? 577 LEU A CG  1 
ATOM   263 C CD1 . LEU A 1 39 ? 3.653   5.156   -11.727 1.00 30.12 ? 577 LEU A CD1 1 
ATOM   264 C CD2 . LEU A 1 39 ? 3.628   7.151   -10.196 1.00 29.80 ? 577 LEU A CD2 1 
ATOM   265 N N   . ALA A 1 40 ? 5.935   4.189   -6.212  1.00 21.51 ? 578 ALA A N   1 
ATOM   266 C CA  . ALA A 1 40 ? 5.644   3.504   -4.937  1.00 20.81 ? 578 ALA A CA  1 
ATOM   267 C C   . ALA A 1 40 ? 4.738   4.320   -3.998  1.00 21.11 ? 578 ALA A C   1 
ATOM   268 O O   . ALA A 1 40 ? 3.859   3.758   -3.345  1.00 21.44 ? 578 ALA A O   1 
ATOM   269 C CB  . ALA A 1 40 ? 6.945   3.154   -4.210  1.00 20.30 ? 578 ALA A CB  1 
ATOM   270 N N   . GLY A 1 41 ? 4.982   5.627   -3.907  1.00 20.87 ? 579 GLY A N   1 
ATOM   271 C CA  . GLY A 1 41 ? 4.224   6.491   -2.981  1.00 21.41 ? 579 GLY A CA  1 
ATOM   272 C C   . GLY A 1 41 ? 2.740   6.526   -3.295  1.00 21.76 ? 579 GLY A C   1 
ATOM   273 O O   . GLY A 1 41 ? 1.878   6.474   -2.405  1.00 21.47 ? 579 GLY A O   1 
ATOM   274 N N   . LYS A 1 42 ? 2.438   6.622   -4.582  1.00 22.23 ? 580 LYS A N   1 
ATOM   275 C CA  . LYS A 1 42 ? 1.052   6.618   -5.031  1.00 22.59 ? 580 LYS A CA  1 
ATOM   276 C C   . LYS A 1 42 ? 0.424   5.228   -4.807  1.00 21.52 ? 580 LYS A C   1 
ATOM   277 O O   . LYS A 1 42 ? -0.671  5.127   -4.274  1.00 21.39 ? 580 LYS A O   1 
ATOM   278 C CB  . LYS A 1 42 ? 0.984   7.044   -6.496  1.00 24.03 ? 580 LYS A CB  1 
ATOM   279 C CG  . LYS A 1 42 ? -0.422  7.208   -7.071  1.00 26.61 ? 580 LYS A CG  1 
ATOM   280 C CD  . LYS A 1 42 ? -1.244  8.210   -6.280  1.00 28.57 ? 580 LYS A CD  1 
ATOM   281 C CE  . LYS A 1 42 ? -2.132  9.010   -7.191  1.00 31.21 ? 580 LYS A CE  1 
ATOM   282 N NZ  . LYS A 1 42 ? -3.195  9.733   -6.450  1.00 30.68 ? 580 LYS A NZ  1 
ATOM   283 N N   . ILE A 1 43 ? 1.126   4.168   -5.203  1.00 20.81 ? 581 ILE A N   1 
ATOM   284 C CA  . ILE A 1 43 ? 0.617   2.795   -5.027  1.00 20.70 ? 581 ILE A CA  1 
ATOM   285 C C   . ILE A 1 43 ? 0.348   2.452   -3.552  1.00 20.36 ? 581 ILE A C   1 
ATOM   286 O O   . ILE A 1 43 ? -0.692  1.871   -3.225  1.00 20.99 ? 581 ILE A O   1 
ATOM   287 C CB  . ILE A 1 43 ? 1.574   1.754   -5.632  1.00 20.85 ? 581 ILE A CB  1 
ATOM   288 C CG1 . ILE A 1 43 ? 1.721   1.941   -7.145  1.00 20.99 ? 581 ILE A CG1 1 
ATOM   289 C CG2 . ILE A 1 43 ? 1.121   0.316   -5.305  1.00 20.88 ? 581 ILE A CG2 1 
ATOM   290 C CD1 . ILE A 1 43 ? 2.943   1.210   -7.698  1.00 22.52 ? 581 ILE A CD1 1 
ATOM   291 N N   . THR A 1 44 ? 1.277   2.815   -2.668  1.00 19.94 ? 582 THR A N   1 
ATOM   292 C CA  . THR A 1 44 ? 1.103   2.603   -1.219  1.00 20.73 ? 582 THR A CA  1 
ATOM   293 C C   . THR A 1 44 ? -0.143  3.322   -0.702  1.00 21.03 ? 582 THR A C   1 
ATOM   294 O O   . THR A 1 44 ? -0.922  2.752   0.047   1.00 21.57 ? 582 THR A O   1 
ATOM   295 C CB  . THR A 1 44 ? 2.370   3.007   -0.404  1.00 20.71 ? 582 THR A CB  1 
ATOM   296 O OG1 . THR A 1 44 ? 3.537   2.431   -1.013  1.00 20.56 ? 582 THR A OG1 1 
ATOM   297 C CG2 . THR A 1 44 ? 2.271   2.504   1.019   1.00 22.29 ? 582 THR A CG2 1 
ATOM   298 N N   . GLY A 1 45 ? -0.345  4.561   -1.142  1.00 21.09 ? 583 GLY A N   1 
ATOM   299 C CA  . GLY A 1 45 ? -1.547  5.325   -0.813  1.00 22.16 ? 583 GLY A CA  1 
ATOM   300 C C   . GLY A 1 45 ? -2.823  4.611   -1.204  1.00 23.09 ? 583 GLY A C   1 
ATOM   301 O O   . GLY A 1 45 ? -3.804  4.628   -0.456  1.00 23.50 ? 583 GLY A O   1 
ATOM   302 N N   . MET A 1 46 ? -2.791  3.961   -2.368  1.00 22.91 ? 584 MET A N   1 
ATOM   303 C CA  . MET A 1 46 ? -3.946  3.240   -2.908  1.00 24.71 ? 584 MET A CA  1 
ATOM   304 C C   . MET A 1 46 ? -4.259  1.993   -2.090  1.00 24.81 ? 584 MET A C   1 
ATOM   305 O O   . MET A 1 46 ? -5.424  1.743   -1.752  1.00 25.11 ? 584 MET A O   1 
ATOM   306 C CB  . MET A 1 46 ? -3.703  2.883   -4.377  1.00 25.01 ? 584 MET A CB  1 
ATOM   307 C CG  . MET A 1 46 ? -3.699  4.096   -5.316  1.00 25.31 ? 584 MET A CG  1 
ATOM   308 S SD  . MET A 1 46 ? -3.187  3.675   -6.999  1.00 27.93 ? 584 MET A SD  1 
ATOM   309 C CE  . MET A 1 46 ? -4.605  2.784   -7.653  1.00 27.18 ? 584 MET A CE  1 
ATOM   310 N N   . LEU A 1 47 ? -3.217  1.227   -1.763  1.00 24.07 ? 585 LEU A N   1 
ATOM   311 C CA  . LEU A 1 47 ? -3.378  0.001   -0.990  1.00 25.01 ? 585 LEU A CA  1 
ATOM   312 C C   . LEU A 1 47 ? -3.768  0.227   0.475   1.00 25.12 ? 585 LEU A C   1 
ATOM   313 O O   . LEU A 1 47 ? -4.435  -0.617  1.080   1.00 25.61 ? 585 LEU A O   1 
ATOM   314 C CB  . LEU A 1 47 ? -2.126  -0.866  -1.085  1.00 24.96 ? 585 LEU A CB  1 
ATOM   315 C CG  . LEU A 1 47 ? -1.790  -1.457  -2.468  1.00 27.64 ? 585 LEU A CG  1 
ATOM   316 C CD1 . LEU A 1 47 ? -0.782  -2.562  -2.308  1.00 27.47 ? 585 LEU A CD1 1 
ATOM   317 C CD2 . LEU A 1 47 ? -3.023  -1.965  -3.237  1.00 31.41 ? 585 LEU A CD2 1 
ATOM   318 N N   . LEU A 1 48 ? -3.377  1.364   1.039   1.00 25.57 ? 586 LEU A N   1 
ATOM   319 C CA  . LEU A 1 48 ? -3.705  1.634   2.433   1.00 25.67 ? 586 LEU A CA  1 
ATOM   320 C C   . LEU A 1 48 ? -5.206  1.763   2.672   1.00 27.35 ? 586 LEU A C   1 
ATOM   321 O O   . LEU A 1 48 ? -5.657  1.725   3.815   1.00 27.46 ? 586 LEU A O   1 
ATOM   322 C CB  . LEU A 1 48 ? -2.955  2.861   2.970   1.00 26.66 ? 586 LEU A CB  1 
ATOM   323 C CG  . LEU A 1 48 ? -1.475  2.686   3.326   1.00 26.22 ? 586 LEU A CG  1 
ATOM   324 C CD1 . LEU A 1 48 ? -0.909  4.001   3.883   1.00 26.09 ? 586 LEU A CD1 1 
ATOM   325 C CD2 . LEU A 1 48 ? -1.233  1.574   4.325   1.00 26.15 ? 586 LEU A CD2 1 
ATOM   326 N N   . GLU A 1 49 ? -5.975  1.880   1.589   1.00 29.04 ? 587 GLU A N   1 
ATOM   327 C CA  . GLU A 1 49 ? -7.431  1.912   1.689   1.00 31.46 ? 587 GLU A CA  1 
ATOM   328 C C   . GLU A 1 49 ? -8.022  0.533   2.011   1.00 31.00 ? 587 GLU A C   1 
ATOM   329 O O   . GLU A 1 49 ? -9.162  0.428   2.484   1.00 32.96 ? 587 GLU A O   1 
ATOM   330 C CB  . GLU A 1 49 ? -8.036  2.526   0.419   1.00 34.06 ? 587 GLU A CB  1 
ATOM   331 C CG  . GLU A 1 49 ? -7.582  3.975   0.213   1.00 37.76 ? 587 GLU A CG  1 
ATOM   332 C CD  . GLU A 1 49 ? -8.427  4.759   -0.769  1.00 43.25 ? 587 GLU A CD  1 
ATOM   333 O OE1 . GLU A 1 49 ? -9.335  4.168   -1.388  1.00 47.55 ? 587 GLU A OE1 1 
ATOM   334 O OE2 . GLU A 1 49 ? -8.182  5.980   -0.919  1.00 47.19 ? 587 GLU A OE2 1 
ATOM   335 N N   . ILE A 1 50 ? -7.234  -0.515  1.772   1.00 29.20 ? 588 ILE A N   1 
ATOM   336 C CA  . ILE A 1 50 ? -7.630  -1.889  2.074   1.00 28.79 ? 588 ILE A CA  1 
ATOM   337 C C   . ILE A 1 50 ? -7.719  -2.096  3.590   1.00 28.92 ? 588 ILE A C   1 
ATOM   338 O O   . ILE A 1 50 ? -7.069  -1.388  4.366   1.00 27.17 ? 588 ILE A O   1 
ATOM   339 C CB  . ILE A 1 50 ? -6.650  -2.916  1.427   1.00 27.73 ? 588 ILE A CB  1 
ATOM   340 C CG1 . ILE A 1 50 ? -6.671  -2.784  -0.106  1.00 28.61 ? 588 ILE A CG1 1 
ATOM   341 C CG2 . ILE A 1 50 ? -6.978  -4.343  1.848   1.00 28.40 ? 588 ILE A CG2 1 
ATOM   342 C CD1 . ILE A 1 50 ? -5.627  -3.627  -0.845  1.00 29.30 ? 588 ILE A CD1 1 
ATOM   343 N N   . ASP A 1 51 ? -8.537  -3.062  4.002   1.00 30.25 ? 589 ASP A N   1 
ATOM   344 C CA  . ASP A 1 51 ? -8.703  -3.379  5.410   1.00 31.14 ? 589 ASP A CA  1 
ATOM   345 C C   . ASP A 1 51 ? -7.399  -3.905  6.021   1.00 29.27 ? 589 ASP A C   1 
ATOM   346 O O   . ASP A 1 51 ? -6.628  -4.628  5.359   1.00 28.33 ? 589 ASP A O   1 
ATOM   347 C CB  . ASP A 1 51 ? -9.840  -4.373  5.598   1.00 33.58 ? 589 ASP A CB  1 
ATOM   348 C CG  . ASP A 1 51 ? -11.131 -3.895  4.966   1.00 38.58 ? 589 ASP A CG  1 
ATOM   349 O OD1 . ASP A 1 51 ? -11.488 -2.696  5.132   1.00 41.37 ? 589 ASP A OD1 1 
ATOM   350 O OD2 . ASP A 1 51 ? -11.786 -4.714  4.287   1.00 44.87 ? 589 ASP A OD2 1 
ATOM   351 N N   . ASN A 1 52 ? -7.168  -3.543  7.283   1.00 28.81 ? 590 ASN A N   1 
ATOM   352 C CA  . ASN A 1 52 ? -5.891  -3.836  7.962   1.00 27.54 ? 590 ASN A CA  1 
ATOM   353 C C   . ASN A 1 52 ? -5.528  -5.321  8.015   1.00 27.09 ? 590 ASN A C   1 
ATOM   354 O O   . ASN A 1 52 ? -4.364  -5.672  7.842   1.00 26.94 ? 590 ASN A O   1 
ATOM   355 C CB  . ASN A 1 52 ? -5.864  -3.236  9.373   1.00 28.38 ? 590 ASN A CB  1 
ATOM   356 C CG  . ASN A 1 52 ? -5.967  -1.719  9.367   1.00 29.88 ? 590 ASN A CG  1 
ATOM   357 O OD1 . ASN A 1 52 ? -5.726  -1.072  8.344   1.00 29.04 ? 590 ASN A OD1 1 
ATOM   358 N ND2 . ASN A 1 52 ? -6.325  -1.145  10.510  1.00 32.26 ? 590 ASN A ND2 1 
ATOM   359 N N   . SER A 1 53 ? -6.513  -6.195  8.232   1.00 28.42 ? 591 SER A N   1 
ATOM   360 C CA  . SER A 1 53 ? -6.234  -7.636  8.282   1.00 28.55 ? 591 SER A CA  1 
ATOM   361 C C   . SER A 1 53 ? -5.626  -8.121  6.965   1.00 28.75 ? 591 SER A C   1 
ATOM   362 O O   . SER A 1 53 ? -4.660  -8.900  6.960   1.00 28.09 ? 591 SER A O   1 
ATOM   363 C CB  . SER A 1 53 ? -7.490  -8.449  8.657   1.00 31.53 ? 591 SER A CB  1 
ATOM   364 O OG  . SER A 1 53 ? -8.390  -8.543  7.573   1.00 32.39 ? 591 SER A OG  1 
ATOM   365 N N   . GLU A 1 54 ? -6.177  -7.640  5.855   1.00 28.76 ? 592 GLU A N   1 
ATOM   366 C CA  . GLU A 1 54 ? -5.709  -8.055  4.531   1.00 29.49 ? 592 GLU A CA  1 
ATOM   367 C C   . GLU A 1 54 ? -4.319  -7.478  4.281   1.00 27.34 ? 592 GLU A C   1 
ATOM   368 O O   . GLU A 1 54 ? -3.446  -8.159  3.738   1.00 28.06 ? 592 GLU A O   1 
ATOM   369 C CB  . GLU A 1 54 ? -6.692  -7.611  3.445   1.00 31.33 ? 592 GLU A CB  1 
ATOM   370 C CG  . GLU A 1 54 ? -6.342  -8.087  2.035   1.00 34.00 ? 592 GLU A CG  1 
ATOM   371 C CD  . GLU A 1 54 ? -7.443  -7.796  1.018   1.00 39.06 ? 592 GLU A CD  1 
ATOM   372 O OE1 . GLU A 1 54 ? -8.617  -7.621  1.426   1.00 41.57 ? 592 GLU A OE1 1 
ATOM   373 O OE2 . GLU A 1 54 ? -7.139  -7.753  -0.195  1.00 42.63 ? 592 GLU A OE2 1 
ATOM   374 N N   . LEU A 1 55 ? -4.106  -6.237  4.717   1.00 25.61 ? 593 LEU A N   1 
ATOM   375 C CA  . LEU A 1 55 ? -2.794  -5.593  4.582   1.00 24.30 ? 593 LEU A CA  1 
ATOM   376 C C   . LEU A 1 55 ? -1.708  -6.332  5.358   1.00 23.98 ? 593 LEU A C   1 
ATOM   377 O O   . LEU A 1 55 ? -0.585  -6.488  4.859   1.00 24.17 ? 593 LEU A O   1 
ATOM   378 C CB  . LEU A 1 55 ? -2.852  -4.116  4.983   1.00 23.42 ? 593 LEU A CB  1 
ATOM   379 C CG  . LEU A 1 55 ? -3.542  -3.132  4.029   1.00 24.94 ? 593 LEU A CG  1 
ATOM   380 C CD1 . LEU A 1 55 ? -3.591  -1.734  4.632   1.00 24.04 ? 593 LEU A CD1 1 
ATOM   381 C CD2 . LEU A 1 55 ? -2.893  -3.092  2.622   1.00 25.12 ? 593 LEU A CD2 1 
ATOM   382 N N   . LEU A 1 56 ? -2.047  -6.808  6.559   1.00 23.79 ? 594 LEU A N   1 
ATOM   383 C CA  . LEU A 1 56 ? -1.117  -7.606  7.362   1.00 23.72 ? 594 LEU A CA  1 
ATOM   384 C C   . LEU A 1 56 ? -0.739  -8.889  6.632   1.00 25.21 ? 594 LEU A C   1 
ATOM   385 O O   . LEU A 1 56 ? 0.437   -9.276  6.619   1.00 25.49 ? 594 LEU A O   1 
ATOM   386 C CB  . LEU A 1 56 ? -1.703  -7.938  8.751   1.00 23.53 ? 594 LEU A CB  1 
ATOM   387 C CG  . LEU A 1 56 ? -1.793  -6.857  9.834   1.00 23.00 ? 594 LEU A CG  1 
ATOM   388 C CD1 . LEU A 1 56 ? -2.655  -7.368  11.010  1.00 24.34 ? 594 LEU A CD1 1 
ATOM   389 C CD2 . LEU A 1 56 ? -0.422  -6.376  10.331  1.00 21.41 ? 594 LEU A CD2 1 
ATOM   390 N N   . HIS A 1 57 ? -1.729  -9.536  6.015   1.00 26.99 ? 595 HIS A N   1 
ATOM   391 C CA  . HIS A 1 57 ? -1.491  -10.754 5.234   1.00 29.69 ? 595 HIS A CA  1 
ATOM   392 C C   . HIS A 1 57 ? -0.579  -10.501 4.044   1.00 30.26 ? 595 HIS A C   1 
ATOM   393 O O   . HIS A 1 57 ? 0.317   -11.301 3.758   1.00 31.96 ? 595 HIS A O   1 
ATOM   394 C CB  . HIS A 1 57 ? -2.809  -11.355 4.733   1.00 31.70 ? 595 HIS A CB  1 
ATOM   395 C CG  . HIS A 1 57 ? -2.625  -12.610 3.944   1.00 36.12 ? 595 HIS A CG  1 
ATOM   396 N ND1 . HIS A 1 57 ? -2.835  -12.677 2.583   1.00 39.40 ? 595 HIS A ND1 1 
ATOM   397 C CD2 . HIS A 1 57 ? -2.224  -13.846 4.324   1.00 39.63 ? 595 HIS A CD2 1 
ATOM   398 C CE1 . HIS A 1 57 ? -2.582  -13.902 2.160   1.00 41.63 ? 595 HIS A CE1 1 
ATOM   399 N NE2 . HIS A 1 57 ? -2.208  -14.630 3.197   1.00 42.13 ? 595 HIS A NE2 1 
ATOM   400 N N   . MET A 1 58 ? -0.837  -9.402  3.340   1.00 29.58 ? 596 MET A N   1 
ATOM   401 C CA  . MET A 1 58 ? -0.025  -8.989  2.198   1.00 30.98 ? 596 MET A CA  1 
ATOM   402 C C   . MET A 1 58 ? 1.422   -8.721  2.606   1.00 29.35 ? 596 MET A C   1 
ATOM   403 O O   . MET A 1 58 ? 2.344   -9.009  1.853   1.00 29.75 ? 596 MET A O   1 
ATOM   404 C CB  . MET A 1 58 ? -0.613  -7.735  1.550   1.00 30.45 ? 596 MET A CB  1 
ATOM   405 C CG  . MET A 1 58 ? -1.774  -7.981  0.596   1.00 33.63 ? 596 MET A CG  1 
ATOM   406 S SD  . MET A 1 58 ? -2.824  -6.511  0.424   1.00 34.77 ? 596 MET A SD  1 
ATOM   407 C CE  . MET A 1 58 ? -1.731  -5.428  -0.478  1.00 36.20 ? 596 MET A CE  1 
ATOM   408 N N   . LEU A 1 59 ? 1.618   -8.162  3.799   1.00 27.18 ? 597 LEU A N   1 
ATOM   409 C CA  . LEU A 1 59 ? 2.982   -7.907  4.287   1.00 27.24 ? 597 LEU A CA  1 
ATOM   410 C C   . LEU A 1 59 ? 3.820   -9.163  4.436   1.00 28.69 ? 597 LEU A C   1 
ATOM   411 O O   . LEU A 1 59 ? 5.040   -9.121  4.273   1.00 29.83 ? 597 LEU A O   1 
ATOM   412 C CB  . LEU A 1 59 ? 2.958   -7.167  5.620   1.00 25.97 ? 597 LEU A CB  1 
ATOM   413 C CG  . LEU A 1 59 ? 2.879   -5.661  5.416   1.00 24.79 ? 597 LEU A CG  1 
ATOM   414 C CD1 . LEU A 1 59 ? 2.535   -4.988  6.727   1.00 26.89 ? 597 LEU A CD1 1 
ATOM   415 C CD2 . LEU A 1 59 ? 4.207   -5.122  4.853   1.00 26.22 ? 597 LEU A CD2 1 
ATOM   416 N N   . GLU A 1 60 ? 3.169   -10.276 4.758   1.00 38.26 ? 598 GLU A N   1 
ATOM   417 C CA  . GLU A 1 60 ? 3.892   -11.527 4.967   1.00 36.64 ? 598 GLU A CA  1 
ATOM   418 C C   . GLU A 1 60 ? 3.725   -12.561 3.848   1.00 32.31 ? 598 GLU A C   1 
ATOM   419 O O   . GLU A 1 60 ? 4.330   -13.634 3.897   1.00 31.69 ? 598 GLU A O   1 
ATOM   420 C CB  . GLU A 1 60 ? 3.546   -12.116 6.337   1.00 40.22 ? 598 GLU A CB  1 
ATOM   421 C CG  . GLU A 1 60 ? 3.595   -11.080 7.475   1.00 47.36 ? 598 GLU A CG  1 
ATOM   422 C CD  . GLU A 1 60 ? 5.002   -10.752 7.971   1.00 52.42 ? 598 GLU A CD  1 
ATOM   423 O OE1 . GLU A 1 60 ? 5.901   -11.620 7.894   1.00 51.32 ? 598 GLU A OE1 1 
ATOM   424 O OE2 . GLU A 1 60 ? 5.203   -9.619  8.463   1.00 58.15 ? 598 GLU A OE2 1 
ATOM   425 N N   . SER A 1 61 ? 2.927   -12.223 2.836   1.00 29.42 ? 599 SER A N   1 
ATOM   426 C CA  . SER A 1 61 ? 2.761   -13.064 1.643   1.00 26.40 ? 599 SER A CA  1 
ATOM   427 C C   . SER A 1 61 ? 3.149   -12.301 0.374   1.00 24.41 ? 599 SER A C   1 
ATOM   428 O O   . SER A 1 61 ? 2.326   -11.601 -0.204  1.00 23.66 ? 599 SER A O   1 
ATOM   429 C CB  . SER A 1 61 ? 1.321   -13.590 1.540   1.00 27.52 ? 599 SER A CB  1 
ATOM   430 O OG  . SER A 1 61 ? 1.031   -14.123 0.246   1.00 28.49 ? 599 SER A OG  1 
ATOM   431 N N   . PRO A 1 62 ? 4.416   -12.429 -0.060  1.00 23.90 ? 600 PRO A N   1 
ATOM   432 C CA  . PRO A 1 62 ? 4.866   -11.740 -1.275  1.00 23.56 ? 600 PRO A CA  1 
ATOM   433 C C   . PRO A 1 62 ? 3.962   -11.926 -2.519  1.00 22.91 ? 600 PRO A C   1 
ATOM   434 O O   . PRO A 1 62 ? 3.743   -10.955 -3.236  1.00 22.43 ? 600 PRO A O   1 
ATOM   435 C CB  . PRO A 1 62 ? 6.256   -12.329 -1.505  1.00 25.39 ? 600 PRO A CB  1 
ATOM   436 C CG  . PRO A 1 62 ? 6.742   -12.633 -0.096  1.00 26.17 ? 600 PRO A CG  1 
ATOM   437 C CD  . PRO A 1 62 ? 5.512   -13.185 0.583   1.00 25.46 ? 600 PRO A CD  1 
ATOM   438 N N   . GLU A 1 63 ? 3.459   -13.138 -2.782  1.00 23.31 ? 601 GLU A N   1 
ATOM   439 C CA  . GLU A 1 63 ? 2.583   -13.340 -3.951  1.00 24.33 ? 601 GLU A CA  1 
ATOM   440 C C   . GLU A 1 63 ? 1.322   -12.472 -3.864  1.00 23.60 ? 601 GLU A C   1 
ATOM   441 O O   . GLU A 1 63 ? 0.875   -11.867 -4.862  1.00 23.49 ? 601 GLU A O   1 
ATOM   442 C CB  . GLU A 1 63 ? 2.208   -14.819 -4.131  1.00 27.36 ? 601 GLU A CB  1 
ATOM   443 C CG  . GLU A 1 63 ? 1.514   -15.088 -5.457  1.00 32.29 ? 601 GLU A CG  1 
ATOM   444 C CD  . GLU A 1 63 ? 2.368   -14.673 -6.652  1.00 37.91 ? 601 GLU A CD  1 
ATOM   445 O OE1 . GLU A 1 63 ? 3.341   -15.399 -6.966  1.00 40.79 ? 601 GLU A OE1 1 
ATOM   446 O OE2 . GLU A 1 63 ? 2.067   -13.619 -7.273  1.00 40.99 ? 601 GLU A OE2 1 
ATOM   447 N N   . SER A 1 64 ? 0.770   -12.383 -2.654  1.00 23.14 ? 602 SER A N   1 
ATOM   448 C CA  . SER A 1 64 ? -0.440  -11.605 -2.442  1.00 24.78 ? 602 SER A CA  1 
ATOM   449 C C   . SER A 1 64 ? -0.184  -10.107 -2.680  1.00 22.87 ? 602 SER A C   1 
ATOM   450 O O   . SER A 1 64 ? -0.977  -9.424  -3.335  1.00 23.30 ? 602 SER A O   1 
ATOM   451 C CB  . SER A 1 64 ? -0.968  -11.837 -1.031  1.00 26.53 ? 602 SER A CB  1 
ATOM   452 O OG  . SER A 1 64 ? -2.207  -11.187 -0.858  1.00 33.65 ? 602 SER A OG  1 
ATOM   453 N N   . LEU A 1 65 ? 0.923   -9.607  -2.147  1.00 22.11 ? 603 LEU A N   1 
ATOM   454 C CA  . LEU A 1 65 ? 1.272   -8.191  -2.325  1.00 22.04 ? 603 LEU A CA  1 
ATOM   455 C C   . LEU A 1 65 ? 1.459   -7.867  -3.809  1.00 21.95 ? 603 LEU A C   1 
ATOM   456 O O   . LEU A 1 65 ? 0.866   -6.918  -4.316  1.00 21.22 ? 603 LEU A O   1 
ATOM   457 C CB  . LEU A 1 65 ? 2.526   -7.823  -1.517  1.00 23.17 ? 603 LEU A CB  1 
ATOM   458 C CG  . LEU A 1 65 ? 2.958   -6.346  -1.591  1.00 24.85 ? 603 LEU A CG  1 
ATOM   459 C CD1 . LEU A 1 65 ? 1.913   -5.418  -1.011  1.00 27.27 ? 603 LEU A CD1 1 
ATOM   460 C CD2 . LEU A 1 65 ? 4.254   -6.160  -0.864  1.00 27.98 ? 603 LEU A CD2 1 
ATOM   461 N N   . ARG A 1 66 ? 2.264   -8.683  -4.494  1.00 22.33 ? 604 ARG A N   1 
ATOM   462 C CA  . ARG A 1 66 ? 2.577   -8.471  -5.911  1.00 24.19 ? 604 ARG A CA  1 
ATOM   463 C C   . ARG A 1 66 ? 1.315   -8.366  -6.756  1.00 24.50 ? 604 ARG A C   1 
ATOM   464 O O   . ARG A 1 66 ? 1.194   -7.468  -7.594  1.00 25.14 ? 604 ARG A O   1 
ATOM   465 C CB  . ARG A 1 66 ? 3.477   -9.594  -6.438  1.00 26.36 ? 604 ARG A CB  1 
ATOM   466 C CG  . ARG A 1 66 ? 4.073   -9.340  -7.824  1.00 31.11 ? 604 ARG A CG  1 
ATOM   467 C CD  . ARG A 1 66 ? 3.449   -10.239 -8.872  1.00 37.20 ? 604 ARG A CD  1 
ATOM   468 N NE  . ARG A 1 66 ? 4.379   -10.529 -9.963  1.00 44.17 ? 604 ARG A NE  1 
ATOM   469 C CZ  . ARG A 1 66 ? 5.019   -11.680 -10.130 1.00 47.82 ? 604 ARG A CZ  1 
ATOM   470 N NH1 . ARG A 1 66 ? 4.834   -12.697 -9.288  1.00 47.34 ? 604 ARG A NH1 1 
ATOM   471 N NH2 . ARG A 1 66 ? 5.839   -11.820 -11.158 1.00 55.76 ? 604 ARG A NH2 1 
ATOM   472 N N   . SER A 1 67 ? 0.380   -9.287  -6.532  1.00 25.24 ? 605 SER A N   1 
ATOM   473 C CA  . SER A 1 67 ? -0.847  -9.321  -7.321  1.00 26.89 ? 605 SER A CA  1 
ATOM   474 C C   . SER A 1 67 ? -1.727  -8.087  -7.083  1.00 25.87 ? 605 SER A C   1 
ATOM   475 O O   . SER A 1 67 ? -2.323  -7.571  -8.031  1.00 26.39 ? 605 SER A O   1 
ATOM   476 C CB  . SER A 1 67 ? -1.594  -10.660 -7.163  1.00 29.98 ? 605 SER A CB  1 
ATOM   477 O OG  . SER A 1 67 ? -2.426  -10.677 -6.021  1.00 33.07 ? 605 SER A OG  1 
ATOM   478 N N   . LYS A 1 68 ? -1.770  -7.582  -5.845  1.00 24.36 ? 606 LYS A N   1 
ATOM   479 C CA  . LYS A 1 68 ? -2.492  -6.329  -5.561  1.00 25.00 ? 606 LYS A CA  1 
ATOM   480 C C   . LYS A 1 68 ? -1.762  -5.101  -6.113  1.00 23.12 ? 606 LYS A C   1 
ATOM   481 O O   . LYS A 1 68 ? -2.387  -4.143  -6.584  1.00 23.07 ? 606 LYS A O   1 
ATOM   482 C CB  . LYS A 1 68 ? -2.771  -6.161  -4.057  1.00 27.01 ? 606 LYS A CB  1 
ATOM   483 C CG  . LYS A 1 68 ? -4.178  -6.551  -3.623  1.00 32.97 ? 606 LYS A CG  1 
ATOM   484 C CD  . LYS A 1 68 ? -5.250  -5.631  -4.228  1.00 36.76 ? 606 LYS A CD  1 
ATOM   485 C CE  . LYS A 1 68 ? -6.660  -6.200  -4.077  1.00 42.30 ? 606 LYS A CE  1 
ATOM   486 N NZ  . LYS A 1 68 ? -7.677  -5.365  -4.796  1.00 44.81 ? 606 LYS A NZ  1 
ATOM   487 N N   . VAL A 1 69 ? -0.434  -5.118  -6.056  1.00 21.49 ? 607 VAL A N   1 
ATOM   488 C CA  . VAL A 1 69 ? 0.343   -4.030  -6.643  1.00 21.91 ? 607 VAL A CA  1 
ATOM   489 C C   . VAL A 1 69 ? 0.128   -3.965  -8.179  1.00 22.36 ? 607 VAL A C   1 
ATOM   490 O O   . VAL A 1 69 ? -0.092  -2.886  -8.741  1.00 21.67 ? 607 VAL A O   1 
ATOM   491 C CB  . VAL A 1 69 ? 1.834   -4.135  -6.272  1.00 22.46 ? 607 VAL A CB  1 
ATOM   492 C CG1 . VAL A 1 69 ? 2.670   -3.232  -7.163  1.00 24.78 ? 607 VAL A CG1 1 
ATOM   493 C CG2 . VAL A 1 69 ? 2.039   -3.790  -4.778  1.00 23.17 ? 607 VAL A CG2 1 
ATOM   494 N N   . ASP A 1 70 ? 0.174   -5.120  -8.834  1.00 23.44 ? 608 ASP A N   1 
ATOM   495 C CA  . ASP A 1 70 ? -0.112  -5.199  -10.267 1.00 26.00 ? 608 ASP A CA  1 
ATOM   496 C C   . ASP A 1 70 ? -1.472  -4.601  -10.617 1.00 26.02 ? 608 ASP A C   1 
ATOM   497 O O   . ASP A 1 70 ? -1.590  -3.927  -11.636 1.00 27.45 ? 608 ASP A O   1 
ATOM   498 C CB  . ASP A 1 70 ? -0.033  -6.643  -10.763 1.00 28.03 ? 608 ASP A CB  1 
ATOM   499 C CG  . ASP A 1 70 ? 1.388   -7.137  -10.879 1.00 30.96 ? 608 ASP A CG  1 
ATOM   500 O OD1 . ASP A 1 70 ? 2.320   -6.308  -10.736 1.00 32.58 ? 608 ASP A OD1 1 
ATOM   501 O OD2 . ASP A 1 70 ? 1.574   -8.356  -11.119 1.00 35.47 ? 608 ASP A OD2 1 
ATOM   502 N N   . GLU A 1 71 ? -2.481  -4.852  -9.783  1.00 26.40 ? 609 GLU A N   1 
ATOM   503 C CA  . GLU A 1 71 ? -3.815  -4.275  -9.986  1.00 28.04 ? 609 GLU A CA  1 
ATOM   504 C C   . GLU A 1 71 ? -3.774  -2.751  -9.856  1.00 27.25 ? 609 GLU A C   1 
ATOM   505 O O   . GLU A 1 71 ? -4.249  -2.036  -10.745 1.00 28.02 ? 609 GLU A O   1 
ATOM   506 C CB  . GLU A 1 71 ? -4.839  -4.861  -9.009  1.00 30.96 ? 609 GLU A CB  1 
ATOM   507 C CG  . GLU A 1 71 ? -5.164  -6.331  -9.231  1.00 34.87 ? 609 GLU A CG  1 
ATOM   508 C CD  . GLU A 1 71 ? -6.413  -6.806  -8.473  1.00 43.22 ? 609 GLU A CD  1 
ATOM   509 O OE1 . GLU A 1 71 ? -7.212  -7.560  -9.072  1.00 46.20 ? 609 GLU A OE1 1 
ATOM   510 O OE2 . GLU A 1 71 ? -6.593  -6.435  -7.282  1.00 44.21 ? 609 GLU A OE2 1 
ATOM   511 N N   . ALA A 1 72 ? -3.201  -2.261  -8.753  1.00 25.53 ? 610 ALA A N   1 
ATOM   512 C CA  . ALA A 1 72 ? -3.018  -0.824  -8.531  1.00 25.29 ? 610 ALA A CA  1 
ATOM   513 C C   . ALA A 1 72 ? -2.346  -0.114  -9.722  1.00 24.40 ? 610 ALA A C   1 
ATOM   514 O O   . ALA A 1 72 ? -2.814  0.930   -10.173 1.00 25.78 ? 610 ALA A O   1 
ATOM   515 C CB  . ALA A 1 72 ? -2.225  -0.590  -7.235  1.00 26.02 ? 610 ALA A CB  1 
ATOM   516 N N   . VAL A 1 73 ? -1.265  -0.691  -10.244 1.00 23.40 ? 611 VAL A N   1 
ATOM   517 C CA  . VAL A 1 73 ? -0.547  -0.093  -11.376 1.00 23.44 ? 611 VAL A CA  1 
ATOM   518 C C   . VAL A 1 73 ? -1.438  -0.002  -12.622 1.00 23.57 ? 611 VAL A C   1 
ATOM   519 O O   . VAL A 1 73 ? -1.441  1.017   -13.304 1.00 23.76 ? 611 VAL A O   1 
ATOM   520 C CB  . VAL A 1 73 ? 0.778   -0.852  -11.692 1.00 24.12 ? 611 VAL A CB  1 
ATOM   521 C CG1 . VAL A 1 73 ? 1.392   -0.375  -13.005 1.00 26.15 ? 611 VAL A CG1 1 
ATOM   522 C CG2 . VAL A 1 73 ? 1.768   -0.663  -10.546 1.00 24.67 ? 611 VAL A CG2 1 
ATOM   523 N N   . ALA A 1 74 ? -2.187  -1.066  -12.906 1.00 23.23 ? 612 ALA A N   1 
ATOM   524 C CA  . ALA A 1 74 ? -3.067  -1.078  -14.074 1.00 24.76 ? 612 ALA A CA  1 
ATOM   525 C C   . ALA A 1 74 ? -4.198  -0.050  -13.928 1.00 24.86 ? 612 ALA A C   1 
ATOM   526 O O   . ALA A 1 74 ? -4.584  0.583   -14.908 1.00 25.42 ? 612 ALA A O   1 
ATOM   527 C CB  . ALA A 1 74 ? -3.620  -2.489  -14.334 1.00 26.95 ? 612 ALA A CB  1 
ATOM   528 N N   . VAL A 1 75 ? -4.691  0.141   -12.703 1.00 24.28 ? 613 VAL A N   1 
ATOM   529 C CA  . VAL A 1 75 ? -5.753  1.119   -12.425 1.00 25.68 ? 613 VAL A CA  1 
ATOM   530 C C   . VAL A 1 75 ? -5.226  2.557   -12.554 1.00 26.14 ? 613 VAL A C   1 
ATOM   531 O O   . VAL A 1 75 ? -5.895  3.425   -13.128 1.00 26.83 ? 613 VAL A O   1 
ATOM   532 C CB  . VAL A 1 75 ? -6.399  0.892   -11.028 1.00 27.54 ? 613 VAL A CB  1 
ATOM   533 C CG1 . VAL A 1 75 ? -7.291  2.057   -10.635 1.00 30.19 ? 613 VAL A CG1 1 
ATOM   534 C CG2 . VAL A 1 75 ? -7.225  -0.387  -11.017 1.00 28.74 ? 613 VAL A CG2 1 
ATOM   535 N N   . LEU A 1 76 ? -4.032  2.801   -12.019 1.00 25.45 ? 614 LEU A N   1 
ATOM   536 C CA  . LEU A 1 76 ? -3.352  4.094   -12.177 1.00 26.74 ? 614 LEU A CA  1 
ATOM   537 C C   . LEU A 1 76 ? -3.096  4.448   -13.632 1.00 26.78 ? 614 LEU A C   1 
ATOM   538 O O   . LEU A 1 76 ? -3.299  5.591   -14.040 1.00 28.27 ? 614 LEU A O   1 
ATOM   539 C CB  . LEU A 1 76 ? -2.015  4.093   -11.432 1.00 27.27 ? 614 LEU A CB  1 
ATOM   540 C CG  . LEU A 1 76 ? -1.798  4.946   -10.194 1.00 31.34 ? 614 LEU A CG  1 
ATOM   541 C CD1 . LEU A 1 76 ? -0.326  4.826   -9.791  1.00 31.89 ? 614 LEU A CD1 1 
ATOM   542 C CD2 . LEU A 1 76 ? -2.185  6.412   -10.413 1.00 31.57 ? 614 LEU A CD2 1 
ATOM   543 N N   . GLN A 1 77 ? -2.654  3.467   -14.419 1.00 26.46 ? 615 GLN A N   1 
ATOM   544 C CA  . GLN A 1 77 ? -2.388  3.711   -15.835 1.00 27.72 ? 615 GLN A CA  1 
ATOM   545 C C   . GLN A 1 77 ? -3.667  3.981   -16.609 1.00 28.04 ? 615 GLN A C   1 
ATOM   546 O O   . GLN A 1 77 ? -3.675  4.835   -17.498 1.00 28.94 ? 615 GLN A O   1 
ATOM   547 C CB  . GLN A 1 77 ? -1.575  2.581   -16.462 1.00 29.32 ? 615 GLN A CB  1 
ATOM   548 C CG  . GLN A 1 77 ? -0.092  2.728   -16.152 1.00 33.49 ? 615 GLN A CG  1 
ATOM   549 C CD  . GLN A 1 77 ? 0.749   1.491   -16.441 1.00 38.75 ? 615 GLN A CD  1 
ATOM   550 O OE1 . GLN A 1 77 ? 0.259   0.474   -16.947 1.00 42.10 ? 615 GLN A OE1 1 
ATOM   551 N NE2 . GLN A 1 77 ? 2.033   1.575   -16.107 1.00 40.98 ? 615 GLN A NE2 1 
ATOM   552 N N   . ALA A 1 78 ? -4.737  3.260   -16.264 1.00 27.32 ? 616 ALA A N   1 
ATOM   553 C CA  . ALA A 1 78 ? -6.047  3.472   -16.894 1.00 29.33 ? 616 ALA A CA  1 
ATOM   554 C C   . ALA A 1 78 ? -6.598  4.845   -16.549 1.00 29.63 ? 616 ALA A C   1 
ATOM   555 O O   . ALA A 1 78 ? -7.218  5.502   -17.386 1.00 31.39 ? 616 ALA A O   1 
ATOM   556 C CB  . ALA A 1 78 ? -7.024  2.402   -16.473 1.00 30.83 ? 616 ALA A CB  1 
ATOM   557 N N   . HIS A 1 79 ? -6.372  5.276   -15.312 1.00 29.73 ? 617 HIS A N   1 
ATOM   558 C CA  . HIS A 1 79 ? -6.799  6.607   -14.884 1.00 32.12 ? 617 HIS A CA  1 
ATOM   559 C C   . HIS A 1 79 ? -6.038  7.720   -15.617 1.00 32.67 ? 617 HIS A C   1 
ATOM   560 O O   . HIS A 1 79 ? -6.635  8.745   -15.956 1.00 35.08 ? 617 HIS A O   1 
ATOM   561 C CB  . HIS A 1 79 ? -6.669  6.749   -13.367 1.00 33.42 ? 617 HIS A CB  1 
ATOM   562 C CG  . HIS A 1 79 ? -7.171  8.053   -12.829 1.00 38.05 ? 617 HIS A CG  1 
ATOM   563 N ND1 . HIS A 1 79 ? -6.341  8.985   -12.242 1.00 42.15 ? 617 HIS A ND1 1 
ATOM   564 C CD2 . HIS A 1 79 ? -8.422  8.567   -12.755 1.00 41.68 ? 617 HIS A CD2 1 
ATOM   565 C CE1 . HIS A 1 79 ? -7.056  10.023  -11.848 1.00 46.23 ? 617 HIS A CE1 1 
ATOM   566 N NE2 . HIS A 1 79 ? -8.322  9.795   -12.148 1.00 47.22 ? 617 HIS A NE2 1 
ATOM   567 N N   . GLN A 1 80 ? -4.737  7.515   -15.848 1.00 31.96 ? 618 GLN A N   1 
ATOM   568 C CA  . GLN A 1 80 ? -3.895  8.427   -16.656 1.00 33.81 ? 618 GLN A CA  1 
ATOM   569 C C   . GLN A 1 80 ? -4.515  8.672   -18.042 1.00 34.35 ? 618 GLN A C   1 
ATOM   570 O O   . GLN A 1 80 ? -4.640  9.823   -18.494 1.00 35.56 ? 618 GLN A O   1 
ATOM   571 C CB  . GLN A 1 80 ? -2.458  7.882   -16.820 1.00 33.79 ? 618 GLN A CB  1 
ATOM   572 C CG  . GLN A 1 80 ? -1.548  7.874   -15.549 1.00 35.70 ? 618 GLN A CG  1 
ATOM   573 C CD  . GLN A 1 80 ? -0.132  7.293   -15.809 1.00 37.38 ? 618 GLN A CD  1 
ATOM   574 O OE1 . GLN A 1 80 ? 0.341   7.278   -16.946 1.00 41.72 ? 618 GLN A OE1 1 
ATOM   575 N NE2 . GLN A 1 80 ? 0.548   6.849   -14.750 1.00 35.94 ? 618 GLN A NE2 1 
ATOM   576 N N   . ALA A 1 81 ? -4.898  7.585   -18.710 1.00 33.65 ? 619 ALA A N   1 
ATOM   577 C CA  . ALA A 1 81 ? -5.599  7.656   -20.002 1.00 36.11 ? 619 ALA A CA  1 
ATOM   578 C C   . ALA A 1 81 ? -6.972  8.337   -19.920 1.00 37.18 ? 619 ALA A C   1 
ATOM   579 O O   . ALA A 1 81 ? -7.414  8.968   -20.882 1.00 39.36 ? 619 ALA A O   1 
ATOM   580 C CB  . ALA A 1 81 ? -5.728  6.257   -20.622 1.00 36.67 ? 619 ALA A CB  1 
ATOM   581 N N   . LYS A 1 82 ? -7.642  8.199   -18.779 1.00 37.52 ? 620 LYS A N   1 
ATOM   582 C CA  . LYS A 1 82 ? -8.972  8.776   -18.572 1.00 40.46 ? 620 LYS A CA  1 
ATOM   583 C C   . LYS A 1 82 ? -8.899  10.279  -18.263 1.00 42.08 ? 620 LYS A C   1 
ATOM   584 O O   . LYS A 1 82 ? -9.797  11.045  -18.635 1.00 44.53 ? 620 LYS A O   1 
ATOM   585 C CB  . LYS A 1 82 ? -9.721  7.993   -17.480 1.00 41.44 ? 620 LYS A CB  1 
ATOM   586 C CG  . LYS A 1 82 ? -11.109 8.508   -17.108 1.00 46.40 ? 620 LYS A CG  1 
ATOM   587 C CD  . LYS A 1 82 ? -11.116 9.167   -15.732 1.00 48.74 ? 620 LYS A CD  1 
ATOM   588 C CE  . LYS A 1 82 ? -12.432 9.883   -15.472 1.00 55.18 ? 620 LYS A CE  1 
ATOM   589 N NZ  . LYS A 1 82 ? -12.607 10.239  -14.037 1.00 60.18 ? 620 LYS A NZ  1 
ATOM   590 N N   . GLU A 1 83 ? -7.830  10.697  -17.588 1.00 41.81 ? 621 GLU A N   1 
ATOM   591 C CA  . GLU A 1 83 ? -7.599  12.122  -17.309 1.00 44.77 ? 621 GLU A CA  1 
ATOM   592 C C   . GLU A 1 83 ? -7.090  12.857  -18.554 1.00 45.15 ? 621 GLU A C   1 
ATOM   593 O O   . GLU A 1 83 ? -7.367  14.048  -18.733 1.00 48.02 ? 621 GLU A O   1 
ATOM   594 C CB  . GLU A 1 83 ? -6.626  12.297  -16.135 1.00 45.67 ? 621 GLU A CB  1 
ATOM   595 C CG  . GLU A 1 83 ? -6.606  13.706  -15.523 1.00 51.95 ? 621 GLU A CG  1 
ATOM   596 C CD  . GLU A 1 83 ? -7.899  14.083  -14.808 1.00 56.61 ? 621 GLU A CD  1 
ATOM   597 O OE1 . GLU A 1 83 ? -8.784  13.209  -14.651 1.00 56.58 ? 621 GLU A OE1 1 
ATOM   598 O OE2 . GLU A 1 83 ? -8.025  15.258  -14.395 1.00 61.27 ? 621 GLU A OE2 1 
ATOM   599 N N   . ALA A 1 84 ? -6.352  12.143  -19.407 1.00 43.40 ? 622 ALA A N   1 
ATOM   600 C CA  . ALA A 1 84 ? -5.893  12.672  -20.700 1.00 44.53 ? 622 ALA A CA  1 
ATOM   601 C C   . ALA A 1 84 ? -7.067  13.129  -21.562 1.00 45.66 ? 622 ALA A C   1 
ATOM   602 O O   . ALA A 1 84 ? -7.245  14.327  -21.803 1.00 47.34 ? 622 ALA A O   1 
ATOM   603 C CB  . ALA A 1 84 ? -5.075  11.626  -21.446 1.00 43.93 ? 622 ALA A CB  1 
ATOM   604 N N   . LEU B 2 3  ? -9.921  -0.092  -6.187  1.00 46.38 ? 15  LEU B N   1 
ATOM   605 C CA  . LEU B 2 3  ? -8.689  0.733   -6.003  1.00 42.07 ? 15  LEU B CA  1 
ATOM   606 C C   . LEU B 2 3  ? -8.884  2.155   -6.506  1.00 39.10 ? 15  LEU B C   1 
ATOM   607 O O   . LEU B 2 3  ? -9.331  2.363   -7.633  1.00 39.04 ? 15  LEU B O   1 
ATOM   608 C CB  . LEU B 2 3  ? -7.501  0.098   -6.735  1.00 42.16 ? 15  LEU B CB  1 
ATOM   609 C CG  . LEU B 2 3  ? -6.798  -1.135  -6.160  1.00 46.39 ? 15  LEU B CG  1 
ATOM   610 C CD1 . LEU B 2 3  ? -6.507  -0.959  -4.663  1.00 46.98 ? 15  LEU B CD1 1 
ATOM   611 C CD2 . LEU B 2 3  ? -7.585  -2.420  -6.446  1.00 52.68 ? 15  LEU B CD2 1 
ATOM   612 N N   . ASN B 2 4  ? -8.511  3.129   -5.683  1.00 36.97 ? 16  ASN B N   1 
ATOM   613 C CA  . ASN B 2 4  ? -8.743  4.535   -5.994  1.00 36.45 ? 16  ASN B CA  1 
ATOM   614 C C   . ASN B 2 4  ? -7.482  5.271   -6.448  1.00 33.87 ? 16  ASN B C   1 
ATOM   615 O O   . ASN B 2 4  ? -6.623  5.582   -5.613  1.00 33.17 ? 16  ASN B O   1 
ATOM   616 C CB  . ASN B 2 4  ? -9.377  5.233   -4.785  1.00 38.72 ? 16  ASN B CB  1 
ATOM   617 C CG  . ASN B 2 4  ? -9.326  6.748   -4.878  1.00 39.90 ? 16  ASN B CG  1 
ATOM   618 O OD1 . ASN B 2 4  ? -9.582  7.334   -5.932  1.00 41.83 ? 16  ASN B OD1 1 
ATOM   619 N ND2 . ASN B 2 4  ? -9.007  7.393   -3.759  1.00 41.79 ? 16  ASN B ND2 1 
ATOM   620 N N   . PRO B 2 5  ? -7.368  5.569   -7.766  1.00 33.93 ? 17  PRO B N   1 
ATOM   621 C CA  . PRO B 2 5  ? -6.185  6.250   -8.284  1.00 33.09 ? 17  PRO B CA  1 
ATOM   622 C C   . PRO B 2 5  ? -6.026  7.679   -7.769  1.00 33.23 ? 17  PRO B C   1 
ATOM   623 O O   . PRO B 2 5  ? -4.981  8.292   -7.989  1.00 33.32 ? 17  PRO B O   1 
ATOM   624 C CB  . PRO B 2 5  ? -6.402  6.239   -9.807  1.00 35.23 ? 17  PRO B CB  1 
ATOM   625 C CG  . PRO B 2 5  ? -7.877  6.109   -9.981  1.00 37.01 ? 17  PRO B CG  1 
ATOM   626 C CD  . PRO B 2 5  ? -8.338  5.268   -8.836  1.00 36.16 ? 17  PRO B CD  1 
ATOM   627 N N   . ASN B 2 6  ? -7.042  8.201   -7.083  1.00 34.71 ? 18  ASN B N   1 
ATOM   628 C CA  . ASN B 2 6  ? -6.945  9.523   -6.472  1.00 36.13 ? 18  ASN B CA  1 
ATOM   629 C C   . ASN B 2 6  ? -6.392  9.526   -5.042  1.00 34.42 ? 18  ASN B C   1 
ATOM   630 O O   . ASN B 2 6  ? -6.333  10.576  -4.406  1.00 37.36 ? 18  ASN B O   1 
ATOM   631 C CB  . ASN B 2 6  ? -8.302  10.240  -6.523  1.00 41.15 ? 18  ASN B CB  1 
ATOM   632 C CG  . ASN B 2 6  ? -8.804  10.434  -7.939  1.00 44.20 ? 18  ASN B CG  1 
ATOM   633 O OD1 . ASN B 2 6  ? -8.207  11.168  -8.730  1.00 46.07 ? 18  ASN B OD1 1 
ATOM   634 N ND2 . ASN B 2 6  ? -9.910  9.774   -8.271  1.00 45.92 ? 18  ASN B ND2 1 
ATOM   635 N N   . ALA B 2 7  ? -5.994  8.363   -4.536  1.00 31.01 ? 19  ALA B N   1 
ATOM   636 C CA  . ALA B 2 7  ? -5.483  8.254   -3.170  1.00 30.50 ? 19  ALA B CA  1 
ATOM   637 C C   . ALA B 2 7  ? -4.310  9.198   -2.883  1.00 29.84 ? 19  ALA B C   1 
ATOM   638 O O   . ALA B 2 7  ? -3.507  9.492   -3.770  1.00 28.88 ? 19  ALA B O   1 
ATOM   639 C CB  . ALA B 2 7  ? -5.083  6.810   -2.866  1.00 29.03 ? 19  ALA B CB  1 
ATOM   640 N N   . LYS B 2 8  ? -4.218  9.655   -1.635  1.00 31.51 ? 20  LYS B N   1 
ATOM   641 C CA  . LYS B 2 8  ? -3.095  10.474  -1.172  1.00 31.75 ? 20  LYS B CA  1 
ATOM   642 C C   . LYS B 2 8  ? -1.755  9.721   -1.228  1.00 28.19 ? 20  LYS B C   1 
ATOM   643 O O   . LYS B 2 8  ? -1.662  8.575   -0.791  1.00 27.39 ? 20  LYS B O   1 
ATOM   644 C CB  . LYS B 2 8  ? -3.364  10.947  0.258   1.00 35.51 ? 20  LYS B CB  1 
ATOM   645 C CG  . LYS B 2 8  ? -2.791  12.313  0.595   1.00 40.68 ? 20  LYS B CG  1 
ATOM   646 C CD  . LYS B 2 8  ? -1.422  12.184  1.229   1.00 41.99 ? 20  LYS B CD  1 
ATOM   647 C CE  . LYS B 2 8  ? -1.503  12.373  2.734   1.00 44.57 ? 20  LYS B CE  1 
ATOM   648 N NZ  . LYS B 2 8  ? -1.405  13.817  3.059   1.00 51.08 ? 20  LYS B NZ  1 
ATOM   649 N N   . VAL B 2 9  ? -0.723  10.386  -1.741  1.00 27.33 ? 21  VAL B N   1 
ATOM   650 C CA  . VAL B 2 9  ? 0.632   9.810   -1.840  1.00 25.60 ? 21  VAL B CA  1 
ATOM   651 C C   . VAL B 2 9  ? 1.314   9.622   -0.478  1.00 26.19 ? 21  VAL B C   1 
ATOM   652 O O   . VAL B 2 9  ? 1.393   10.561  0.336   1.00 27.88 ? 21  VAL B O   1 
ATOM   653 C CB  . VAL B 2 9  ? 1.540   10.689  -2.742  1.00 26.99 ? 21  VAL B CB  1 
ATOM   654 C CG1 . VAL B 2 9  ? 2.980   10.157  -2.778  1.00 26.74 ? 21  VAL B CG1 1 
ATOM   655 C CG2 . VAL B 2 9  ? 0.957   10.773  -4.159  1.00 27.95 ? 21  VAL B CG2 1 
ATOM   656 N N   . TRP B 2 10 ? 1.808   8.406   -0.247  1.00 26.12 ? 22  TRP B N   1 
ATOM   657 C CA  . TRP B 2 10 ? 2.576   8.062   0.955   1.00 25.48 ? 22  TRP B CA  1 
ATOM   658 C C   . TRP B 2 10 ? 3.980   8.687   0.950   1.00 28.20 ? 22  TRP B C   1 
ATOM   659 O O   . TRP B 2 10 ? 4.690   8.658   -0.071  1.00 29.98 ? 22  TRP B O   1 
ATOM   660 C CB  . TRP B 2 10 ? 2.716   6.534   1.077   1.00 23.51 ? 22  TRP B CB  1 
ATOM   661 C CG  . TRP B 2 10 ? 3.549   6.114   2.257   1.00 23.09 ? 22  TRP B CG  1 
ATOM   662 C CD1 . TRP B 2 10 ? 4.861   5.715   2.249   1.00 24.99 ? 22  TRP B CD1 1 
ATOM   663 C CD2 . TRP B 2 10 ? 3.126   6.068   3.618   1.00 22.35 ? 22  TRP B CD2 1 
ATOM   664 N NE1 . TRP B 2 10 ? 5.278   5.425   3.535   1.00 24.06 ? 22  TRP B NE1 1 
ATOM   665 C CE2 . TRP B 2 10 ? 4.231   5.643   4.391   1.00 22.19 ? 22  TRP B CE2 1 
ATOM   666 C CE3 . TRP B 2 10 ? 1.923   6.369   4.268   1.00 22.20 ? 22  TRP B CE3 1 
ATOM   667 C CZ2 . TRP B 2 10 ? 4.154   5.483   5.770   1.00 24.39 ? 22  TRP B CZ2 1 
ATOM   668 C CZ3 . TRP B 2 10 ? 1.851   6.208   5.627   1.00 24.33 ? 22  TRP B CZ3 1 
ATOM   669 C CH2 . TRP B 2 10 ? 2.961   5.774   6.369   1.00 26.32 ? 22  TRP B CH2 1 
ATOM   670 N N   . GLN B 2 11 ? 4.377   9.241   2.094   1.00 29.33 ? 23  GLN B N   1 
ATOM   671 C CA  . GLN B 2 11 ? 5.754   9.710   2.292   1.00 32.14 ? 23  GLN B CA  1 
ATOM   672 C C   . GLN B 2 11 ? 6.370   8.941   3.445   1.00 31.16 ? 23  GLN B C   1 
ATOM   673 O O   . GLN B 2 11 ? 5.816   8.931   4.527   1.00 31.10 ? 23  GLN B O   1 
ATOM   674 C CB  . GLN B 2 11 ? 5.781   11.210  2.587   1.00 35.73 ? 23  GLN B CB  1 
ATOM   675 C CG  . GLN B 2 11 ? 5.232   12.068  1.460   1.00 39.43 ? 23  GLN B CG  1 
ATOM   676 C CD  . GLN B 2 11 ? 5.398   13.544  1.717   1.00 46.19 ? 23  GLN B CD  1 
ATOM   677 O OE1 . GLN B 2 11 ? 6.475   14.009  2.097   1.00 51.76 ? 23  GLN B OE1 1 
ATOM   678 N NE2 . GLN B 2 11 ? 4.330   14.299  1.501   1.00 48.77 ? 23  GLN B NE2 1 
ATOM   679 N N   . GLU B 2 12 ? 7.507   8.294   3.215   1.00 32.12 ? 24  GLU B N   1 
ATOM   680 C CA  . GLU B 2 12 ? 8.069   7.359   4.197   1.00 32.24 ? 24  GLU B CA  1 
ATOM   681 C C   . GLU B 2 12 ? 8.968   8.045   5.225   1.00 35.09 ? 24  GLU B C   1 
ATOM   682 O O   . GLU B 2 12 ? 9.615   9.048   4.922   1.00 37.84 ? 24  GLU B O   1 
ATOM   683 C CB  . GLU B 2 12 ? 8.843   6.231   3.490   1.00 32.59 ? 24  GLU B CB  1 
ATOM   684 C CG  . GLU B 2 12 ? 9.529   5.208   4.433   1.00 33.84 ? 24  GLU B CG  1 
ATOM   685 C CD  . GLU B 2 12 ? 8.671   3.994   4.756   1.00 33.28 ? 24  GLU B CD  1 
ATOM   686 O OE1 . GLU B 2 12 ? 7.460   4.039   4.502   1.00 33.40 ? 24  GLU B OE1 1 
ATOM   687 O OE2 . GLU B 2 12 ? 9.214   2.979   5.258   1.00 33.04 ? 24  GLU B OE2 1 
ATOM   688 N N   . ILE B 2 13 ? 9.011   7.495   6.438   1.00 35.85 ? 25  ILE B N   1 
ATOM   689 C CA  . ILE B 2 13 ? 9.963   7.943   7.453   1.00 39.19 ? 25  ILE B CA  1 
ATOM   690 C C   . ILE B 2 13 ? 11.007  6.869   7.772   1.00 39.93 ? 25  ILE B C   1 
ATOM   691 O O   . ILE B 2 13 ? 10.689  5.683   7.887   1.00 38.91 ? 25  ILE B O   1 
ATOM   692 C CB  . ILE B 2 13 ? 9.254   8.432   8.742   1.00 41.94 ? 25  ILE B CB  1 
ATOM   693 C CG1 . ILE B 2 13 ? 8.969   9.935   8.660   1.00 44.87 ? 25  ILE B CG1 1 
ATOM   694 C CG2 . ILE B 2 13 ? 10.126  8.190   9.965   1.00 45.18 ? 25  ILE B CG2 1 
ATOM   695 C CD1 . ILE B 2 13 ? 7.807   10.313  7.757   1.00 44.90 ? 25  ILE B CD1 1 
HETATM 696 S S   . SO4 C 3 .  ? 7.812   2.726   -11.672 1.00 29.48 ? 1   SO4 A S   1 
HETATM 697 O O1  . SO4 C 3 .  ? 7.397   3.107   -10.339 1.00 32.23 ? 1   SO4 A O1  1 
HETATM 698 O O2  . SO4 C 3 .  ? 7.201   3.596   -12.661 1.00 33.73 ? 1   SO4 A O2  1 
HETATM 699 O O3  . SO4 C 3 .  ? 9.260   2.839   -11.803 1.00 33.64 ? 1   SO4 A O3  1 
HETATM 700 O O4  . SO4 C 3 .  ? 7.423   1.343   -11.924 1.00 33.56 ? 1   SO4 A O4  1 
HETATM 701 I I   . IOD D 4 .  ? 12.609  3.077   2.308   0.50 33.55 ? 627 IOD A I   1 
HETATM 702 O O   . HOH E 5 .  ? -4.885  -10.694 -0.904  1.00 35.27 ? 3   HOH A O   1 
HETATM 703 O O   . HOH E 5 .  ? -6.263  -3.447  15.126  1.00 46.61 ? 4   HOH A O   1 
HETATM 704 O O   . HOH E 5 .  ? -7.081  1.589   10.913  1.00 37.21 ? 5   HOH A O   1 
HETATM 705 O O   . HOH E 5 .  ? 3.031   -10.069 18.467  1.00 38.68 ? 6   HOH A O   1 
HETATM 706 O O   . HOH E 5 .  ? 7.278   7.312   -4.445  1.00 25.87 ? 7   HOH A O   1 
HETATM 707 O O   . HOH E 5 .  ? -9.655  -0.150  7.035   1.00 47.47 ? 8   HOH A O   1 
HETATM 708 O O   . HOH E 5 .  ? 5.093   -9.427  1.206   1.00 21.96 ? 9   HOH A O   1 
HETATM 709 O O   . HOH E 5 .  ? 13.049  -0.536  -1.842  1.00 26.60 ? 10  HOH A O   1 
HETATM 710 O O   . HOH E 5 .  ? -10.728 -6.844  2.824   1.00 44.47 ? 11  HOH A O   1 
HETATM 711 O O   . HOH E 5 .  ? 5.268   -0.319  11.428  1.00 32.85 ? 13  HOH A O   1 
HETATM 712 O O   . HOH E 5 .  ? -9.228  -5.362  9.572   1.00 37.16 ? 16  HOH A O   1 
HETATM 713 O O   . HOH E 5 .  ? -0.065  -4.032  -13.834 1.00 32.11 ? 17  HOH A O   1 
HETATM 714 O O   . HOH E 5 .  ? -4.157  -0.126  -17.408 1.00 29.46 ? 18  HOH A O   1 
HETATM 715 O O   . HOH E 5 .  ? 3.819   -15.645 -1.405  1.00 35.43 ? 19  HOH A O   1 
HETATM 716 O O   . HOH E 5 .  ? 7.485   -14.253 3.088   1.00 56.70 ? 20  HOH A O   1 
HETATM 717 O O   . HOH E 5 .  ? -4.572  6.076   1.508   1.00 33.68 ? 21  HOH A O   1 
HETATM 718 O O   . HOH E 5 .  ? -5.656  4.301   11.433  1.00 37.83 ? 22  HOH A O   1 
HETATM 719 O O   . HOH E 5 .  ? 8.616   -4.210  5.084   1.00 40.06 ? 24  HOH A O   1 
HETATM 720 O O   . HOH E 5 .  ? 7.317   -11.587 3.838   1.00 50.73 ? 28  HOH A O   1 
HETATM 721 O O   . HOH E 5 .  ? -5.294  -9.498  -6.244  1.00 39.98 ? 29  HOH A O   1 
HETATM 722 O O   . HOH E 5 .  ? 8.714   -6.031  13.449  1.00 50.32 ? 31  HOH A O   1 
HETATM 723 O O   . HOH E 5 .  ? -9.056  -3.368  -3.484  1.00 44.73 ? 32  HOH A O   1 
HETATM 724 O O   . HOH E 5 .  ? -4.256  10.163  12.192  1.00 52.69 ? 33  HOH A O   1 
HETATM 725 O O   . HOH E 5 .  ? -9.905  1.438   -2.649  1.00 50.04 ? 34  HOH A O   1 
HETATM 726 O O   . HOH E 5 .  ? -4.934  -5.523  14.662  1.00 31.28 ? 35  HOH A O   1 
HETATM 727 O O   . HOH E 5 .  ? -6.304  5.014   4.450   1.00 38.75 ? 43  HOH A O   1 
HETATM 728 O O   . HOH E 5 .  ? 14.762  -1.783  -3.799  1.00 23.38 ? 44  HOH A O   1 
HETATM 729 O O   . HOH E 5 .  ? 11.036  -3.098  6.801   1.00 38.31 ? 46  HOH A O   1 
HETATM 730 O O   . HOH E 5 .  ? -11.571 10.835  -11.233 1.00 49.24 ? 48  HOH A O   1 
HETATM 731 O O   . HOH E 5 .  ? -0.320  10.033  6.764   1.00 28.14 ? 49  HOH A O   1 
HETATM 732 O O   . HOH E 5 .  ? -11.170 -3.899  1.877   1.00 25.57 ? 50  HOH A O   1 
HETATM 733 O O   . HOH E 5 .  ? 6.887   -12.217 -14.143 1.00 49.89 ? 51  HOH A O   1 
HETATM 734 O O   . HOH E 5 .  ? 9.407   5.723   -4.245  1.00 27.93 ? 52  HOH A O   1 
HETATM 735 O O   . HOH E 5 .  ? -3.167  9.621   -11.356 1.00 46.01 ? 53  HOH A O   1 
HETATM 736 O O   . HOH E 5 .  ? 7.139   -6.617  8.632   1.00 19.26 ? 628 HOH A O   1 
HETATM 737 O O   . HOH F 5 .  ? -12.227 5.948   -7.521  1.00 43.06 ? 12  HOH B O   1 
HETATM 738 O O   . HOH F 5 .  ? -1.034  7.601   1.837   1.00 32.48 ? 27  HOH B O   1 
HETATM 739 O O   . HOH F 5 .  ? 2.856   9.465   4.950   1.00 42.74 ? 28  HOH B O   1 
HETATM 740 O O   . HOH F 5 .  ? 1.863   13.212  1.652   1.00 47.47 ? 29  HOH B O   1 
HETATM 741 O O   . HOH F 5 .  ? -0.466  9.487   3.813   1.00 46.19 ? 30  HOH B O   1 
HETATM 742 O O   . HOH F 5 .  ? -4.747  13.148  -4.474  1.00 49.31 ? 36  HOH B O   1 
HETATM 743 O O   . HOH F 5 .  ? -0.983  13.483  -2.568  1.00 35.88 ? 54  HOH B O   1 
# 
loop_
_atom_site_anisotrop.id 
_atom_site_anisotrop.type_symbol 
_atom_site_anisotrop.pdbx_label_atom_id 
_atom_site_anisotrop.pdbx_label_alt_id 
_atom_site_anisotrop.pdbx_label_comp_id 
_atom_site_anisotrop.pdbx_label_asym_id 
_atom_site_anisotrop.pdbx_label_seq_id 
_atom_site_anisotrop.pdbx_PDB_ins_code 
_atom_site_anisotrop.U[1][1] 
_atom_site_anisotrop.U[2][2] 
_atom_site_anisotrop.U[3][3] 
_atom_site_anisotrop.U[1][2] 
_atom_site_anisotrop.U[1][3] 
_atom_site_anisotrop.U[2][3] 
_atom_site_anisotrop.pdbx_auth_seq_id 
_atom_site_anisotrop.pdbx_auth_comp_id 
_atom_site_anisotrop.pdbx_auth_asym_id 
_atom_site_anisotrop.pdbx_auth_atom_id 
1   N N   . PRO A 6  ? 0.4541 0.4820 0.9375 0.0054  0.2420  0.0266  544 PRO A N   
2   C CA  . PRO A 6  ? 0.4849 0.4597 0.7749 0.0100  0.2523  0.0351  544 PRO A CA  
3   C C   . PRO A 6  ? 0.4450 0.4330 0.6547 0.0040  0.1872  0.0354  544 PRO A C   
4   O O   . PRO A 6  ? 0.4065 0.4356 0.6598 0.0018  0.1264  0.0297  544 PRO A O   
5   C CB  . PRO A 6  ? 0.4876 0.4590 0.7439 0.0223  0.2422  0.0296  544 PRO A CB  
6   C CG  . PRO A 6  ? 0.4671 0.4806 0.8942 0.0268  0.2447  0.0246  544 PRO A CG  
7   C CD  . PRO A 6  ? 0.4651 0.5033 1.0416 0.0166  0.2661  0.0214  544 PRO A CD  
8   N N   . LEU A 7  ? 0.4713 0.4107 0.5566 0.0066  0.2000  0.0406  545 LEU A N   
9   C CA  . LEU A 7  ? 0.4288 0.3778 0.4542 0.0027  0.1475  0.0382  545 LEU A CA  
10  C C   . LEU A 7  ? 0.4069 0.3574 0.3775 0.0089  0.1132  0.0285  545 LEU A C   
11  O O   . LEU A 7  ? 0.4523 0.3645 0.3623 0.0200  0.1247  0.0207  545 LEU A O   
12  C CB  . LEU A 7  ? 0.4828 0.3770 0.4239 0.0073  0.1668  0.0468  545 LEU A CB  
13  C CG  . LEU A 7  ? 0.4904 0.3967 0.4743 -0.0045 0.1610  0.0521  545 LEU A CG  
14  C CD1 . LEU A 7  ? 0.5544 0.3872 0.4261 0.0091  0.1758  0.0650  545 LEU A CD1 
15  C CD2 . LEU A 7  ? 0.3884 0.3471 0.4051 -0.0137 0.1007  0.0390  545 LEU A CD2 
16  N N   . THR A 8  ? 0.3495 0.3317 0.3410 0.0035  0.0762  0.0264  546 THR A N   
17  C CA  . THR A 8  ? 0.3287 0.3085 0.3012 0.0060  0.0609  0.0194  546 THR A CA  
18  C C   . THR A 8  ? 0.3243 0.3021 0.2799 0.0017  0.0436  0.0129  546 THR A C   
19  O O   . THR A 8  ? 0.3118 0.2923 0.2612 -0.0024 0.0376  0.0160  546 THR A O   
20  C CB  . THR A 8  ? 0.3255 0.3162 0.3262 0.0098  0.0532  0.0281  546 THR A CB  
21  O OG1 . THR A 8  ? 0.3151 0.3078 0.3050 0.0098  0.0313  0.0329  546 THR A OG1 
22  C CG2 . THR A 8  ? 0.3198 0.3197 0.3707 0.0169  0.0626  0.0323  546 THR A CG2 
23  N N   . ALA A 9  ? 0.3168 0.2890 0.2885 0.0021  0.0403  0.0011  547 ALA A N   
24  C CA  . ALA A 9  ? 0.3104 0.2833 0.3089 -0.0018 0.0342  -0.0089 547 ALA A CA  
25  C C   . ALA A 9  ? 0.3135 0.2837 0.2977 -0.0055 0.0507  0.0050  547 ALA A C   
26  O O   . ALA A 9  ? 0.3084 0.2779 0.2952 -0.0081 0.0482  0.0002  547 ALA A O   
27  C CB  . ALA A 9  ? 0.3151 0.2839 0.3796 -0.0032 0.0395  -0.0271 547 ALA A CB  
28  N N   . SER A 10 ? 0.3353 0.2911 0.2915 -0.0002 0.0622  0.0202  548 SER A N   
29  C CA  . SER A 10 ? 0.3912 0.3138 0.2889 0.0072  0.0676  0.0301  548 SER A CA  
30  C C   . SER A 10 ? 0.3884 0.3248 0.2710 0.0055  0.0346  0.0239  548 SER A C   
31  O O   . SER A 10 ? 0.4122 0.3249 0.2590 0.0069  0.0358  0.0177  548 SER A O   
32  C CB  . SER A 10 ? 0.4451 0.3285 0.2917 0.0243  0.0687  0.0479  548 SER A CB  
33  O OG  . SER A 10 ? 0.4909 0.3378 0.3427 0.0267  0.1168  0.0577  548 SER A OG  
34  N N   . MET A 11 ? 0.3664 0.3348 0.2881 0.0023  0.0146  0.0232  549 MET A N   
35  C CA  . MET A 11 ? 0.3817 0.3648 0.3302 -0.0033 -0.0063 0.0154  549 MET A CA  
36  C C   . MET A 11 ? 0.3713 0.3541 0.3205 -0.0127 0.0050  0.0104  549 MET A C   
37  O O   . MET A 11 ? 0.3854 0.3608 0.3340 -0.0157 -0.0071 0.0011  549 MET A O   
38  C CB  . MET A 11 ? 0.3599 0.3687 0.3764 -0.0065 -0.0014 0.0181  549 MET A CB  
39  C CG  . MET A 11 ? 0.3902 0.4065 0.4472 0.0047  -0.0292 0.0164  549 MET A CG  
40  S SD  . MET A 11 ? 0.3898 0.4345 0.5615 0.0000  0.0022  0.0177  549 MET A SD  
41  C CE  . MET A 11 ? 0.3872 0.4453 0.6545 -0.0148 0.0042  0.0048  549 MET A CE  
42  N N   . LEU A 12 ? 0.3670 0.3503 0.3169 -0.0131 0.0195  0.0130  550 LEU A N   
43  C CA  . LEU A 12 ? 0.3735 0.3469 0.3216 -0.0134 0.0177  0.0093  550 LEU A CA  
44  C C   . LEU A 12 ? 0.3806 0.3481 0.3363 -0.0145 0.0206  -0.0010 550 LEU A C   
45  O O   . LEU A 12 ? 0.3915 0.3515 0.3555 -0.0157 0.0174  -0.0054 550 LEU A O   
46  C CB  . LEU A 12 ? 0.3874 0.3475 0.3226 -0.0034 0.0103  0.0062  550 LEU A CB  
47  C CG  . LEU A 12 ? 0.4440 0.3640 0.3290 0.0095  0.0037  0.0128  550 LEU A CG  
48  C CD1 . LEU A 12 ? 0.4534 0.3504 0.3276 0.0273  -0.0372 -0.0048 550 LEU A CD1 
49  C CD2 . LEU A 12 ? 0.4516 0.3578 0.3366 0.0057  0.0148  0.0245  550 LEU A CD2 
50  N N   . ALA A 13 ? 0.3973 0.3572 0.3522 -0.0126 0.0383  -0.0033 551 ALA A N   
51  C CA  . ALA A 13 ? 0.4337 0.3685 0.3918 -0.0114 0.0677  -0.0111 551 ALA A CA  
52  C C   . ALA A 13 ? 0.4947 0.3939 0.3792 -0.0072 0.0684  -0.0134 551 ALA A C   
53  O O   . ALA A 13 ? 0.5372 0.4039 0.4083 -0.0045 0.0953  -0.0232 551 ALA A O   
54  C CB  . ALA A 13 ? 0.4510 0.3673 0.4292 -0.0091 0.1072  -0.0085 551 ALA A CB  
55  N N   . SER A 14 ? 0.5095 0.4096 0.3556 -0.0038 0.0351  -0.0100 552 SER A N   
56  C CA  . SER A 14 ? 0.5832 0.4445 0.3647 0.0050  0.0085  -0.0238 552 SER A CA  
57  C C   . SER A 14 ? 0.5544 0.4331 0.3838 -0.0064 -0.0071 -0.0397 552 SER A C   
58  O O   . SER A 14 ? 0.6244 0.4627 0.4078 -0.0004 -0.0206 -0.0604 552 SER A O   
59  C CB  . SER A 14 ? 0.6118 0.4731 0.3778 0.0155  -0.0402 -0.0239 552 SER A CB  
60  O OG  . SER A 14 ? 0.5687 0.4833 0.4361 0.0017  -0.0683 -0.0311 552 SER A OG  
61  N N   . ALA A 15 ? 0.4768 0.3997 0.3833 -0.0188 -0.0040 -0.0299 553 ALA A N   
62  C CA  . ALA A 15 ? 0.4522 0.3803 0.4060 -0.0278 -0.0076 -0.0355 553 ALA A CA  
63  C C   . ALA A 15 ? 0.4573 0.3657 0.4095 -0.0255 0.0124  -0.0426 553 ALA A C   
64  O O   . ALA A 15 ? 0.4521 0.3591 0.4049 -0.0197 0.0341  -0.0393 553 ALA A O   
65  C CB  . ALA A 15 ? 0.4215 0.3688 0.4166 -0.0323 0.0026  -0.0153 553 ALA A CB  
66  N N   . PRO A 16 ? 0.4637 0.3577 0.4395 -0.0301 0.0077  -0.0553 554 PRO A N   
67  C CA  . PRO A 16 ? 0.4656 0.3432 0.4637 -0.0261 0.0271  -0.0608 554 PRO A CA  
68  C C   . PRO A 16 ? 0.4294 0.3242 0.4668 -0.0193 0.0255  -0.0397 554 PRO A C   
69  O O   . PRO A 16 ? 0.4201 0.3171 0.4520 -0.0189 0.0151  -0.0201 554 PRO A O   
70  C CB  . PRO A 16 ? 0.4908 0.3513 0.5195 -0.0336 0.0173  -0.0738 554 PRO A CB  
71  C CG  . PRO A 16 ? 0.5050 0.3664 0.5246 -0.0404 -0.0119 -0.0904 554 PRO A CG  
72  C CD  . PRO A 16 ? 0.4785 0.3705 0.4886 -0.0393 -0.0165 -0.0695 554 PRO A CD  
73  N N   . PRO A 17 ? 0.4252 0.3207 0.5024 -0.0100 0.0351  -0.0467 555 PRO A N   
74  C CA  . PRO A 17 ? 0.4145 0.3194 0.5285 0.0039  0.0076  -0.0371 555 PRO A CA  
75  C C   . PRO A 17 ? 0.4429 0.3175 0.5347 0.0159  -0.0176 -0.0182 555 PRO A C   
76  O O   . PRO A 17 ? 0.4786 0.3341 0.5276 0.0314  -0.0444 -0.0031 555 PRO A O   
77  C CB  . PRO A 17 ? 0.4153 0.3266 0.6261 0.0115  0.0197  -0.0583 555 PRO A CB  
78  C CG  . PRO A 17 ? 0.4335 0.3327 0.6224 0.0000  0.0768  -0.0705 555 PRO A CG  
79  C CD  . PRO A 17 ? 0.4575 0.3355 0.5561 -0.0082 0.0732  -0.0678 555 PRO A CD  
80  N N   . GLN A 18 ? 0.4567 0.3104 0.5614 0.0117  -0.0042 -0.0187 556 GLN A N   
81  C CA  . GLN A 18 ? 0.5036 0.3094 0.5844 0.0244  -0.0122 0.0054  556 GLN A CA  
82  C C   . GLN A 18 ? 0.5216 0.3044 0.5451 0.0160  0.0105  0.0303  556 GLN A C   
83  O O   . GLN A 18 ? 0.5930 0.3155 0.5839 0.0271  0.0260  0.0574  556 GLN A O   
84  C CB  . GLN A 18 ? 0.5239 0.3105 0.6584 0.0221  0.0012  -0.0051 556 GLN A CB  
85  C CG  . GLN A 18 ? 0.5233 0.3158 0.6720 -0.0043 0.0292  -0.0238 556 GLN A CG  
86  C CD  . GLN A 18 ? 0.5053 0.3218 0.6525 -0.0144 0.0387  -0.0591 556 GLN A CD  
87  O OE1 . GLN A 18 ? 0.4816 0.3180 0.6230 -0.0086 0.0420  -0.0634 556 GLN A OE1 
88  N NE2 . GLN A 18 ? 0.5460 0.3448 0.6909 -0.0265 0.0451  -0.0862 556 GLN A NE2 
89  N N   . GLU A 19 ? 0.4622 0.4036 0.4043 -0.0287 0.0556  -0.0896 557 GLU A N   
90  C CA  . GLU A 19 ? 0.4356 0.3913 0.3716 -0.0372 0.0322  -0.0889 557 GLU A CA  
91  C C   . GLU A 19 ? 0.3825 0.3405 0.3145 -0.0279 0.0163  -0.0492 557 GLU A C   
92  O O   . GLU A 19 ? 0.3503 0.3155 0.2841 -0.0312 0.0011  -0.0431 557 GLU A O   
93  C CB  . GLU A 19 ? 0.4770 0.4921 0.3713 -0.0412 0.0195  -0.1199 557 GLU A CB  
94  C CG  . GLU A 19 ? 0.5322 0.5733 0.4557 -0.0687 0.0206  -0.1833 557 GLU A CG  
95  C CD  . GLU A 19 ? 0.6178 0.6478 0.5562 -0.0851 0.0520  -0.2407 557 GLU A CD  
96  O OE1 . GLU A 19 ? 0.6561 0.6464 0.6583 -0.1119 0.0817  -0.2818 557 GLU A OE1 
97  O OE2 . GLU A 19 ? 0.6687 0.7226 0.5600 -0.0714 0.0580  -0.2463 557 GLU A OE2 
98  N N   . GLN A 20 ? 0.3667 0.3201 0.3049 -0.0206 0.0273  -0.0310 558 GLN A N   
99  C CA  . GLN A 20 ? 0.3474 0.2995 0.2916 -0.0195 0.0271  -0.0097 558 GLN A CA  
100 C C   . GLN A 20 ? 0.3138 0.2686 0.2835 -0.0241 0.0093  -0.0101 558 GLN A C   
101 O O   . GLN A 20 ? 0.3066 0.2589 0.2719 -0.0254 0.0056  -0.0019 558 GLN A O   
102 C CB  . GLN A 20 ? 0.3665 0.3110 0.3321 -0.0206 0.0590  -0.0040 558 GLN A CB  
103 C CG  . GLN A 20 ? 0.4229 0.3621 0.3413 -0.0053 0.0867  0.0128  558 GLN A CG  
104 C CD  . GLN A 20 ? 0.4853 0.4055 0.4346 -0.0084 0.1360  0.0208  558 GLN A CD  
105 O OE1 . GLN A 20 ? 0.4470 0.3722 0.4687 -0.0288 0.1445  -0.0005 558 GLN A OE1 
106 N NE2 . GLN A 20 ? 0.5533 0.4648 0.4497 0.0138  0.1721  0.0482  558 GLN A NE2 
107 N N   . LYS A 21 ? 0.3000 0.2643 0.2911 -0.0185 0.0027  -0.0149 559 LYS A N   
108 C CA  . LYS A 21 ? 0.2882 0.2698 0.2845 -0.0108 -0.0120 -0.0088 559 LYS A CA  
109 C C   . LYS A 21 ? 0.2968 0.2538 0.2733 -0.0138 -0.0141 0.0009  559 LYS A C   
110 O O   . LYS A 21 ? 0.2918 0.2579 0.2618 -0.0128 -0.0206 0.0059  559 LYS A O   
111 C CB  . LYS A 21 ? 0.2980 0.3069 0.3106 0.0158  -0.0139 0.0005  559 LYS A CB  
112 C CG  . LYS A 21 ? 0.2872 0.3591 0.3387 0.0204  -0.0195 -0.0188 559 LYS A CG  
113 C CD  . LYS A 21 ? 0.2555 0.3868 0.3258 0.0055  -0.0340 -0.0496 559 LYS A CD  
114 C CE  . LYS A 21 ? 0.2614 0.4859 0.3929 0.0067  -0.0403 -0.0858 559 LYS A CE  
115 N NZ  . LYS A 21 ? 0.2560 0.5313 0.4349 -0.0292 -0.0373 -0.1436 559 LYS A NZ  
116 N N   . GLN A 22 ? 0.3059 0.2402 0.2819 -0.0208 -0.0040 -0.0066 560 GLN A N   
117 C CA  . GLN A 22 ? 0.3297 0.2557 0.3111 -0.0323 -0.0005 -0.0120 560 GLN A CA  
118 C C   . GLN A 22 ? 0.3105 0.2662 0.2802 -0.0377 -0.0171 -0.0153 560 GLN A C   
119 O O   . GLN A 22 ? 0.3099 0.2722 0.2901 -0.0414 -0.0179 -0.0128 560 GLN A O   
120 C CB  . GLN A 22 ? 0.3646 0.2720 0.3714 -0.0483 0.0215  -0.0411 560 GLN A CB  
121 C CG  . GLN A 22 ? 0.4406 0.3405 0.4480 -0.0480 0.0329  -0.0603 560 GLN A CG  
122 C CD  . GLN A 22 ? 0.4807 0.3459 0.5028 -0.0223 0.0538  -0.0320 560 GLN A CD  
123 O OE1 . GLN A 22 ? 0.4915 0.3722 0.5082 -0.0101 0.0487  -0.0285 560 GLN A OE1 
124 N NE2 . GLN A 22 ? 0.5414 0.3663 0.5849 -0.0075 0.0826  -0.0067 560 GLN A NE2 
125 N N   . MET A 23 ? 0.3177 0.2909 0.2674 -0.0314 -0.0222 -0.0142 561 MET A N   
126 C CA  . MET A 23 ? 0.3309 0.3281 0.2674 -0.0183 -0.0275 0.0013  561 MET A CA  
127 C C   . MET A 23 ? 0.3058 0.2801 0.2561 -0.0164 -0.0198 0.0165  561 MET A C   
128 O O   . MET A 23 ? 0.2986 0.2852 0.2560 -0.0083 -0.0205 0.0253  561 MET A O   
129 C CB  . MET A 23 ? 0.3582 0.3626 0.2637 0.0008  -0.0163 0.0181  561 MET A CB  
130 C CG  . MET A 23 ? 0.4026 0.4517 0.2802 0.0036  -0.0251 -0.0048 561 MET A CG  
131 S SD  . MET A 23 ? 0.4949 0.5686 0.3112 0.0427  -0.0063 0.0293  561 MET A SD  
132 C CE  . MET A 23 ? 0.4901 0.5974 0.2915 0.0870  -0.0069 0.0788  561 MET A CE  
133 N N   . LEU A 24 ? 0.2968 0.2520 0.2574 -0.0233 -0.0117 0.0110  562 LEU A N   
134 C CA  . LEU A 24 ? 0.2897 0.2415 0.2672 -0.0287 -0.0044 0.0022  562 LEU A CA  
135 C C   . LEU A 24 ? 0.2862 0.2492 0.2557 -0.0276 -0.0151 0.0014  562 LEU A C   
136 O O   . LEU A 24 ? 0.2903 0.2523 0.2643 -0.0276 -0.0074 -0.0009 562 LEU A O   
137 C CB  . LEU A 24 ? 0.2861 0.2534 0.2861 -0.0387 0.0003  -0.0219 562 LEU A CB  
138 C CG  . LEU A 24 ? 0.2988 0.2421 0.3246 -0.0458 0.0324  -0.0237 562 LEU A CG  
139 C CD1 . LEU A 24 ? 0.3081 0.2853 0.3725 -0.0597 0.0351  -0.0553 562 LEU A CD1 
140 C CD2 . LEU A 24 ? 0.3276 0.2370 0.3816 -0.0516 0.0693  -0.0275 562 LEU A CD2 
141 N N   . GLY A 25 ? 0.2910 0.2561 0.2514 -0.0232 -0.0211 0.0076  563 GLY A N   
142 C CA  . GLY A 25 ? 0.3029 0.2670 0.2532 -0.0151 -0.0143 0.0198  563 GLY A CA  
143 C C   . GLY A 25 ? 0.2999 0.2562 0.2665 -0.0250 -0.0056 0.0206  563 GLY A C   
144 O O   . GLY A 25 ? 0.3140 0.2717 0.2766 -0.0215 0.0063  0.0268  563 GLY A O   
145 N N   . GLU A 26 ? 0.2869 0.2523 0.2722 -0.0343 -0.0121 0.0102  564 GLU A N   
146 C CA  . GLU A 26 ? 0.2858 0.2800 0.3018 -0.0415 -0.0111 0.0006  564 GLU A CA  
147 C C   . GLU A 26 ? 0.2751 0.2832 0.2943 -0.0283 -0.0107 0.0112  564 GLU A C   
148 O O   . GLU A 26 ? 0.2716 0.3044 0.3219 -0.0299 -0.0035 0.0075  564 GLU A O   
149 C CB  . GLU A 26 ? 0.2885 0.3279 0.3155 -0.0456 -0.0276 -0.0215 564 GLU A CB  
150 C CG  . GLU A 26 ? 0.3185 0.3527 0.3740 -0.0705 -0.0147 -0.0544 564 GLU A CG  
151 C CD  . GLU A 26 ? 0.3704 0.4191 0.4878 -0.0944 0.0077  -0.0795 564 GLU A CD  
152 O OE1 . GLU A 26 ? 0.3701 0.4997 0.5227 -0.0991 -0.0093 -0.1063 564 GLU A OE1 
153 O OE2 . GLU A 26 ? 0.4131 0.3982 0.5489 -0.1039 0.0477  -0.0690 564 GLU A OE2 
154 N N   . ARG A 27 ? 0.2789 0.2685 0.2791 -0.0172 -0.0090 0.0200  565 ARG A N   
155 C CA  . ARG A 27 ? 0.2879 0.2705 0.3010 -0.0034 0.0077  0.0282  565 ARG A CA  
156 C C   . ARG A 27 ? 0.2891 0.2514 0.2961 -0.0133 0.0239  0.0106  565 ARG A C   
157 O O   . ARG A 27 ? 0.2942 0.2529 0.3174 -0.0077 0.0435  0.0073  565 ARG A O   
158 C CB  . ARG A 27 ? 0.3102 0.2729 0.3208 0.0135  0.0212  0.0451  565 ARG A CB  
159 C CG  . ARG A 27 ? 0.3398 0.3440 0.3357 0.0363  0.0047  0.0661  565 ARG A CG  
160 C CD  . ARG A 27 ? 0.3815 0.4554 0.3970 0.0598  -0.0097 0.0748  565 ARG A CD  
161 N NE  . ARG A 27 ? 0.4613 0.6029 0.4525 0.0958  -0.0260 0.0944  565 ARG A NE  
162 C CZ  . ARG A 27 ? 0.5405 0.6879 0.5152 0.1502  -0.0047 0.1464  565 ARG A CZ  
163 N NH1 . ARG A 27 ? 0.5868 0.6587 0.5837 0.1668  0.0421  0.1773  565 ARG A NH1 
164 N NH2 . ARG A 27 ? 0.5997 0.8306 0.5350 0.1928  -0.0229 0.1677  565 ARG A NH2 
165 N N   . LEU A 28 ? 0.2609 0.3073 0.3123 -0.0073 0.0164  0.0676  566 LEU A N   
166 C CA  . LEU A 28 ? 0.2621 0.2822 0.3238 -0.0079 0.0159  0.0540  566 LEU A CA  
167 C C   . LEU A 28 ? 0.2502 0.2597 0.2999 -0.0069 0.0092  0.0434  566 LEU A C   
168 O O   . LEU A 28 ? 0.2554 0.2516 0.3149 -0.0052 0.0100  0.0408  566 LEU A O   
169 C CB  . LEU A 28 ? 0.2628 0.2794 0.3245 -0.0102 0.0153  0.0387  566 LEU A CB  
170 C CG  . LEU A 28 ? 0.2939 0.3139 0.3759 -0.0127 0.0246  0.0427  566 LEU A CG  
171 C CD1 . LEU A 28 ? 0.3230 0.3473 0.3988 -0.0146 0.0211  0.0252  566 LEU A CD1 
172 C CD2 . LEU A 28 ? 0.3274 0.3324 0.4398 -0.0132 0.0324  0.0404  566 LEU A CD2 
173 N N   . PHE A 29 ? 0.2446 0.2605 0.2757 -0.0086 0.0046  0.0360  567 PHE A N   
174 C CA  . PHE A 29 ? 0.2467 0.2495 0.2678 -0.0082 0.0019  0.0268  567 PHE A CA  
175 C C   . PHE A 29 ? 0.2443 0.2435 0.2713 -0.0070 0.0027  0.0328  567 PHE A C   
176 O O   . PHE A 29 ? 0.2507 0.2341 0.2777 -0.0048 0.0027  0.0271  567 PHE A O   
177 C CB  . PHE A 29 ? 0.2448 0.2550 0.2536 -0.0117 0.0012  0.0179  567 PHE A CB  
178 C CG  . PHE A 29 ? 0.2519 0.2455 0.2543 -0.0118 0.0030  0.0105  567 PHE A CG  
179 C CD1 . PHE A 29 ? 0.2692 0.2417 0.2648 -0.0067 0.0041  0.0051  567 PHE A CD1 
180 C CD2 . PHE A 29 ? 0.2322 0.2338 0.2365 -0.0157 0.0045  0.0098  567 PHE A CD2 
181 C CE1 . PHE A 29 ? 0.2876 0.2438 0.2775 -0.0053 0.0091  0.0029  567 PHE A CE1 
182 C CE2 . PHE A 29 ? 0.2669 0.2515 0.2684 -0.0168 0.0096  0.0036  567 PHE A CE2 
183 C CZ  . PHE A 29 ? 0.2689 0.2289 0.2627 -0.0114 0.0128  0.0019  567 PHE A CZ  
184 N N   . PRO A 30 ? 0.2482 0.2661 0.2803 -0.0070 0.0031  0.0442  568 PRO A N   
185 C CA  . PRO A 30 ? 0.2490 0.2646 0.2883 -0.0051 0.0035  0.0481  568 PRO A CA  
186 C C   . PRO A 30 ? 0.2524 0.2501 0.3081 -0.0020 0.0067  0.0500  568 PRO A C   
187 O O   . PRO A 30 ? 0.2483 0.2367 0.3064 -0.0013 0.0069  0.0446  568 PRO A O   
188 C CB  . PRO A 30 ? 0.2586 0.3036 0.3026 -0.0020 0.0032  0.0627  568 PRO A CB  
189 C CG  . PRO A 30 ? 0.2708 0.3375 0.3032 -0.0045 0.0014  0.0601  568 PRO A CG  
190 C CD  . PRO A 30 ? 0.2482 0.2949 0.2795 -0.0065 0.0031  0.0544  568 PRO A CD  
191 N N   . LEU A 31 ? 0.2449 0.2400 0.3150 -0.0008 0.0106  0.0552  569 LEU A N   
192 C CA  . LEU A 31 ? 0.2453 0.2264 0.3393 0.0005  0.0159  0.0517  569 LEU A CA  
193 C C   . LEU A 31 ? 0.2443 0.2153 0.3314 -0.0002 0.0127  0.0310  569 LEU A C   
194 O O   . LEU A 31 ? 0.2436 0.2094 0.3411 0.0012  0.0140  0.0219  569 LEU A O   
195 C CB  . LEU A 31 ? 0.2452 0.2263 0.3617 0.0005  0.0244  0.0610  569 LEU A CB  
196 C CG  . LEU A 31 ? 0.2565 0.2500 0.3813 0.0052  0.0304  0.0875  569 LEU A CG  
197 C CD1 . LEU A 31 ? 0.2552 0.2451 0.4034 0.0048  0.0427  0.0981  569 LEU A CD1 
198 C CD2 . LEU A 31 ? 0.2619 0.2539 0.4029 0.0109  0.0334  0.0982  569 LEU A CD2 
199 N N   . ILE A 32 ? 0.2393 0.2116 0.3095 -0.0008 0.0088  0.0235  570 ILE A N   
200 C CA  . ILE A 32 ? 0.2483 0.2169 0.3084 0.0025  0.0052  0.0071  570 ILE A CA  
201 C C   . ILE A 32 ? 0.2502 0.2132 0.2917 0.0052  0.0033  0.0061  570 ILE A C   
202 O O   . ILE A 32 ? 0.2639 0.2270 0.3034 0.0097  0.0029  -0.0033 570 ILE A O   
203 C CB  . ILE A 32 ? 0.2392 0.2114 0.2873 0.0036  0.0020  0.0019  570 ILE A CB  
204 C CG1 . ILE A 32 ? 0.2333 0.2117 0.3036 0.0002  0.0061  0.0005  570 ILE A CG1 
205 C CG2 . ILE A 32 ? 0.2473 0.2199 0.2813 0.0115  -0.0022 -0.0111 570 ILE A CG2 
206 C CD1 . ILE A 32 ? 0.2428 0.2276 0.3041 0.0005  0.0035  -0.0052 570 ILE A CD1 
207 N N   . GLN A 33 ? 0.2526 0.2146 0.2828 0.0024  0.0036  0.0146  571 GLN A N   
208 C CA  . GLN A 33 ? 0.2650 0.2204 0.2829 0.0027  0.0053  0.0141  571 GLN A CA  
209 C C   . GLN A 33 ? 0.2667 0.2225 0.2964 0.0032  0.0073  0.0138  571 GLN A C   
210 O O   . GLN A 33 ? 0.2707 0.2216 0.2910 0.0058  0.0096  0.0096  571 GLN A O   
211 C CB  . GLN A 33 ? 0.2635 0.2232 0.2757 -0.0029 0.0066  0.0181  571 GLN A CB  
212 C CG  . GLN A 33 ? 0.2845 0.2355 0.2882 -0.0045 0.0118  0.0154  571 GLN A CG  
213 C CD  . GLN A 33 ? 0.2999 0.2620 0.3067 -0.0121 0.0140  0.0133  571 GLN A CD  
214 O OE1 . GLN A 33 ? 0.3596 0.3146 0.3613 -0.0151 0.0194  0.0073  571 GLN A OE1 
215 N NE2 . GLN A 33 ? 0.3104 0.2929 0.3281 -0.0143 0.0106  0.0171  571 GLN A NE2 
216 N N   . ALA A 34 ? 0.2621 0.2239 0.3134 0.0018  0.0081  0.0191  572 ALA A N   
217 C CA  . ALA A 34 ? 0.2680 0.2298 0.3375 0.0030  0.0110  0.0167  572 ALA A CA  
218 C C   . ALA A 34 ? 0.2757 0.2370 0.3482 0.0063  0.0114  0.0008  572 ALA A C   
219 O O   . ALA A 34 ? 0.2776 0.2405 0.3485 0.0080  0.0130  -0.0065 572 ALA A O   
220 C CB  . ALA A 34 ? 0.2727 0.2384 0.3698 0.0033  0.0143  0.0273  572 ALA A CB  
221 N N   . MET A 35 ? 0.2768 0.2408 0.3532 0.0073  0.0100  -0.0062 573 MET A N   
222 C CA  . MET A 35 ? 0.2910 0.2647 0.3732 0.0111  0.0094  -0.0254 573 MET A CA  
223 C C   . MET A 35 ? 0.2851 0.2635 0.3351 0.0186  0.0057  -0.0293 573 MET A C   
224 O O   . MET A 35 ? 0.2826 0.2738 0.3305 0.0236  0.0059  -0.0414 573 MET A O   
225 C CB  . MET A 35 ? 0.2874 0.2664 0.3870 0.0096  0.0097  -0.0338 573 MET A CB  
226 C CG  . MET A 35 ? 0.2971 0.2683 0.4268 0.0037  0.0169  -0.0229 573 MET A CG  
227 S SD  . MET A 35 ? 0.3405 0.3150 0.4857 0.0004  0.0198  -0.0270 573 MET A SD  
228 C CE  . MET A 35 ? 0.2973 0.2881 0.4701 0.0006  0.0219  -0.0607 573 MET A CE  
229 N N   . HIS A 36 ? 0.2768 0.2468 0.3037 0.0202  0.0038  -0.0185 574 HIS A N   
230 C CA  . HIS A 36 ? 0.2937 0.2645 0.2922 0.0298  0.0030  -0.0170 574 HIS A CA  
231 C C   . HIS A 36 ? 0.3003 0.2527 0.2822 0.0273  0.0073  -0.0022 574 HIS A C   
232 O O   . HIS A 36 ? 0.3014 0.2482 0.2767 0.0279  0.0064  0.0014  574 HIS A O   
233 C CB  . HIS A 36 ? 0.2891 0.2726 0.2839 0.0374  -0.0023 -0.0258 574 HIS A CB  
234 C CG  . HIS A 36 ? 0.2904 0.2984 0.3035 0.0401  -0.0052 -0.0467 574 HIS A CG  
235 N ND1 . HIS A 36 ? 0.3117 0.3419 0.3153 0.0502  -0.0065 -0.0576 574 HIS A ND1 
236 C CD2 . HIS A 36 ? 0.2931 0.3098 0.3371 0.0333  -0.0052 -0.0608 574 HIS A CD2 
237 C CE1 . HIS A 36 ? 0.2902 0.3448 0.3195 0.0490  -0.0086 -0.0817 574 HIS A CE1 
238 N NE2 . HIS A 36 ? 0.2880 0.3319 0.3444 0.0379  -0.0066 -0.0839 574 HIS A NE2 
239 N N   . PRO A 37 ? 0.3072 0.2521 0.2867 0.0236  0.0131  0.0033  575 PRO A N   
240 C CA  . PRO A 37 ? 0.3173 0.2478 0.2905 0.0179  0.0195  0.0119  575 PRO A CA  
241 C C   . PRO A 37 ? 0.3346 0.2523 0.2910 0.0243  0.0250  0.0178  575 PRO A C   
242 O O   . PRO A 37 ? 0.3453 0.2543 0.3050 0.0182  0.0284  0.0192  575 PRO A O   
243 C CB  . PRO A 37 ? 0.3264 0.2555 0.3008 0.0155  0.0261  0.0129  575 PRO A CB  
244 C CG  . PRO A 37 ? 0.3190 0.2621 0.3086 0.0157  0.0209  0.0051  575 PRO A CG  
245 C CD  . PRO A 37 ? 0.3105 0.2635 0.2985 0.0234  0.0148  -0.0023 575 PRO A CD  
246 N N   . THR A 38 ? 0.3463 0.2660 0.2867 0.0378  0.0264  0.0208  576 THR A N   
247 C CA  A THR A 38 ? 0.3679 0.2733 0.2939 0.0472  0.0345  0.0312  576 THR A CA  
248 C CA  B THR A 38 ? 0.3624 0.2681 0.2878 0.0477  0.0344  0.0313  576 THR A CA  
249 C C   . THR A 38 ? 0.3600 0.2692 0.2862 0.0522  0.0273  0.0280  576 THR A C   
250 O O   . THR A 38 ? 0.3740 0.2676 0.3017 0.0512  0.0334  0.0321  576 THR A O   
251 C CB  A THR A 38 ? 0.3930 0.3015 0.2986 0.0634  0.0412  0.0415  576 THR A CB  
252 C CB  B THR A 38 ? 0.3859 0.2983 0.2906 0.0650  0.0392  0.0401  576 THR A CB  
253 O OG1 A THR A 38 ? 0.4118 0.3473 0.3092 0.0766  0.0300  0.0343  576 THR A OG1 
254 O OG1 B THR A 38 ? 0.3926 0.3106 0.2980 0.0607  0.0429  0.0386  576 THR A OG1 
255 C CG2 A THR A 38 ? 0.4024 0.3117 0.3094 0.0574  0.0475  0.0417  576 THR A CG2 
256 C CG2 B THR A 38 ? 0.3985 0.2890 0.2911 0.0753  0.0540  0.0581  576 THR A CG2 
257 N N   . LEU A 39 ? 0.3472 0.2779 0.2761 0.0566  0.0159  0.0181  577 LEU A N   
258 C CA  . LEU A 39 ? 0.3399 0.2783 0.2691 0.0627  0.0094  0.0133  577 LEU A CA  
259 C C   . LEU A 39 ? 0.3191 0.2611 0.2669 0.0492  0.0037  0.0043  577 LEU A C   
260 O O   . LEU A 39 ? 0.3044 0.2543 0.2551 0.0525  -0.0011 -0.0013 577 LEU A O   
261 C CB  . LEU A 39 ? 0.3647 0.3304 0.2861 0.0783  0.0020  0.0058  577 LEU A CB  
262 C CG  . LEU A 39 ? 0.3870 0.3563 0.2840 0.0995  0.0072  0.0191  577 LEU A CG  
263 C CD1 . LEU A 39 ? 0.4147 0.4240 0.3057 0.1137  -0.0021 0.0066  577 LEU A CD1 
264 C CD2 . LEU A 39 ? 0.4294 0.3829 0.3202 0.1092  0.0117  0.0308  577 LEU A CD2 
265 N N   . ALA A 40 ? 0.3064 0.2445 0.2663 0.0353  0.0050  0.0046  578 ALA A N   
266 C CA  . ALA A 40 ? 0.2899 0.2349 0.2659 0.0246  0.0013  0.0009  578 ALA A CA  
267 C C   . ALA A 40 ? 0.2945 0.2385 0.2690 0.0239  0.0010  -0.0005 578 ALA A C   
268 O O   . ALA A 40 ? 0.2918 0.2470 0.2759 0.0210  -0.0029 -0.0054 578 ALA A O   
269 C CB  . ALA A 40 ? 0.2811 0.2244 0.2657 0.0137  0.0042  0.0060  578 ALA A CB  
270 N N   . GLY A 41 ? 0.2987 0.2294 0.2650 0.0256  0.0071  0.0030  579 GLY A N   
271 C CA  . GLY A 41 ? 0.3050 0.2348 0.2737 0.0241  0.0085  -0.0011 579 GLY A CA  
272 C C   . GLY A 41 ? 0.3078 0.2449 0.2739 0.0349  0.0032  -0.0055 579 GLY A C   
273 O O   . GLY A 41 ? 0.2983 0.2456 0.2719 0.0311  0.0003  -0.0122 579 GLY A O   
274 N N   . LYS A 42 ? 0.3174 0.2542 0.2731 0.0495  0.0021  -0.0022 580 LYS A N   
275 C CA  . LYS A 42 ? 0.3177 0.2696 0.2712 0.0625  -0.0043 -0.0083 580 LYS A CA  
276 C C   . LYS A 42 ? 0.2921 0.2659 0.2599 0.0558  -0.0121 -0.0212 580 LYS A C   
277 O O   . LYS A 42 ? 0.2835 0.2691 0.2601 0.0553  -0.0155 -0.0301 580 LYS A O   
278 C CB  . LYS A 42 ? 0.3406 0.2949 0.2774 0.0822  -0.0036 -0.0007 580 LYS A CB  
279 C CG  . LYS A 42 ? 0.3672 0.3439 0.2998 0.1004  -0.0107 -0.0065 580 LYS A CG  
280 C CD  . LYS A 42 ? 0.3935 0.3611 0.3308 0.1038  -0.0082 -0.0058 580 LYS A CD  
281 C CE  . LYS A 42 ? 0.4275 0.4056 0.3528 0.1302  -0.0093 0.0013  580 LYS A CE  
282 N NZ  . LYS A 42 ? 0.4179 0.3951 0.3529 0.1345  -0.0094 -0.0035 580 LYS A NZ  
283 N N   . ILE A 43 ? 0.2795 0.2578 0.2534 0.0500  -0.0127 -0.0228 581 ILE A N   
284 C CA  . ILE A 43 ? 0.2655 0.2603 0.2607 0.0427  -0.0157 -0.0351 581 ILE A CA  
285 C C   . ILE A 43 ? 0.2570 0.2500 0.2664 0.0295  -0.0131 -0.0335 581 ILE A C   
286 O O   . ILE A 43 ? 0.2552 0.2616 0.2806 0.0268  -0.0138 -0.0436 581 ILE A O   
287 C CB  . ILE A 43 ? 0.2641 0.2599 0.2682 0.0383  -0.0141 -0.0363 581 ILE A CB  
288 C CG1 . ILE A 43 ? 0.2666 0.2737 0.2572 0.0519  -0.0166 -0.0408 581 ILE A CG1 
289 C CG2 . ILE A 43 ? 0.2506 0.2576 0.2853 0.0289  -0.0124 -0.0479 581 ILE A CG2 
290 C CD1 . ILE A 43 ? 0.2853 0.2894 0.2808 0.0472  -0.0135 -0.0399 581 ILE A CD1 
291 N N   . THR A 44 ? 0.2574 0.2384 0.2619 0.0217  -0.0093 -0.0217 582 THR A N   
292 C CA  . THR A 44 ? 0.2628 0.2490 0.2759 0.0115  -0.0067 -0.0180 582 THR A CA  
293 C C   . THR A 44 ? 0.2647 0.2581 0.2764 0.0138  -0.0080 -0.0258 582 THR A C   
294 O O   . THR A 44 ? 0.2633 0.2687 0.2876 0.0084  -0.0064 -0.0289 582 THR A O   
295 C CB  . THR A 44 ? 0.2661 0.2481 0.2725 0.0048  -0.0037 -0.0077 582 THR A CB  
296 O OG1 . THR A 44 ? 0.2659 0.2415 0.2739 0.0044  -0.0028 -0.0016 582 THR A OG1 
297 C CG2 . THR A 44 ? 0.2783 0.2755 0.2929 -0.0031 -0.0013 -0.0020 582 THR A CG2 
298 N N   . GLY A 45 ? 0.2723 0.2580 0.2709 0.0226  -0.0092 -0.0281 583 GLY A N   
299 C CA  . GLY A 45 ? 0.2836 0.2757 0.2828 0.0275  -0.0103 -0.0364 583 GLY A CA  
300 C C   . GLY A 45 ? 0.2857 0.2954 0.2961 0.0320  -0.0148 -0.0480 583 GLY A C   
301 O O   . GLY A 45 ? 0.2840 0.3054 0.3036 0.0288  -0.0145 -0.0558 583 GLY A O   
302 N N   . MET A 46 ? 0.2811 0.2963 0.2931 0.0385  -0.0181 -0.0519 584 MET A N   
303 C CA  . MET A 46 ? 0.2912 0.3294 0.3183 0.0427  -0.0221 -0.0690 584 MET A CA  
304 C C   . MET A 46 ? 0.2816 0.3267 0.3345 0.0273  -0.0164 -0.0743 584 MET A C   
305 O O   . MET A 46 ? 0.2747 0.3358 0.3435 0.0252  -0.0158 -0.0874 584 MET A O   
306 C CB  . MET A 46 ? 0.2927 0.3416 0.3161 0.0534  -0.0265 -0.0750 584 MET A CB  
307 C CG  . MET A 46 ? 0.3050 0.3536 0.3032 0.0735  -0.0306 -0.0679 584 MET A CG  
308 S SD  . MET A 46 ? 0.3355 0.4018 0.3238 0.0867  -0.0345 -0.0715 584 MET A SD  
309 C CE  . MET A 46 ? 0.3028 0.4172 0.3125 0.0928  -0.0426 -0.1029 584 MET A CE  
310 N N   . LEU A 47 ? 0.2743 0.3073 0.3330 0.0175  -0.0109 -0.0630 585 LEU A N   
311 C CA  . LEU A 47 ? 0.2767 0.3121 0.3614 0.0051  -0.0018 -0.0615 585 LEU A CA  
312 C C   . LEU A 47 ? 0.2774 0.3152 0.3618 -0.0023 0.0034  -0.0524 585 LEU A C   
313 O O   . LEU A 47 ? 0.2737 0.3187 0.3808 -0.0100 0.0122  -0.0540 585 LEU A O   
314 C CB  . LEU A 47 ? 0.2780 0.3007 0.3698 0.0003  0.0033  -0.0490 585 LEU A CB  
315 C CG  . LEU A 47 ? 0.3078 0.3331 0.4092 0.0046  0.0012  -0.0616 585 LEU A CG  
316 C CD1 . LEU A 47 ? 0.3033 0.3170 0.4232 -0.0023 0.0098  -0.0509 585 LEU A CD1 
317 C CD2 . LEU A 47 ? 0.3405 0.3879 0.4648 0.0065  0.0005  -0.0888 585 LEU A CD2 
318 N N   . LEU A 48 ? 0.2614 0.3497 0.3604 -0.0139 -0.0400 -0.0049 586 LEU A N   
319 C CA  . LEU A 48 ? 0.2659 0.3312 0.3781 -0.0131 -0.0394 -0.0257 586 LEU A CA  
320 C C   . LEU A 48 ? 0.2757 0.3605 0.4031 -0.0070 -0.0395 -0.0390 586 LEU A C   
321 O O   . LEU A 48 ? 0.2798 0.3546 0.4087 -0.0036 -0.0321 -0.0586 586 LEU A O   
322 C CB  . LEU A 48 ? 0.2797 0.3145 0.4189 -0.0089 -0.0499 -0.0167 586 LEU A CB  
323 C CG  . LEU A 48 ? 0.2821 0.2978 0.4164 -0.0187 -0.0515 -0.0070 586 LEU A CG  
324 C CD1 . LEU A 48 ? 0.2805 0.2628 0.4481 -0.0200 -0.0702 -0.0016 586 LEU A CD1 
325 C CD2 . LEU A 48 ? 0.2939 0.3023 0.3975 -0.0260 -0.0415 -0.0276 586 LEU A CD2 
326 N N   . GLU A 49 ? 0.2820 0.4015 0.4200 -0.0047 -0.0473 -0.0254 587 GLU A N   
327 C CA  . GLU A 49 ? 0.2937 0.4453 0.4565 -0.0003 -0.0488 -0.0307 587 GLU A CA  
328 C C   . GLU A 49 ? 0.2886 0.4555 0.4339 -0.0166 -0.0415 -0.0495 587 GLU A C   
329 O O   . GLU A 49 ? 0.2954 0.4891 0.4677 -0.0149 -0.0377 -0.0538 587 GLU A O   
330 C CB  . GLU A 49 ? 0.3063 0.4968 0.4911 0.0058  -0.0651 -0.0039 587 GLU A CB  
331 C CG  . GLU A 49 ? 0.3481 0.5213 0.5653 0.0230  -0.0711 0.0209  587 GLU A CG  
332 C CD  . GLU A 49 ? 0.3914 0.6065 0.6457 0.0351  -0.0854 0.0530  587 GLU A CD  
333 O OE1 . GLU A 49 ? 0.4308 0.6948 0.6811 0.0280  -0.0945 0.0561  587 GLU A OE1 
334 O OE2 . GLU A 49 ? 0.4342 0.6331 0.7259 0.0504  -0.0903 0.0775  587 GLU A OE2 
335 N N   . ILE A 50 ? 0.2845 0.4339 0.3911 -0.0311 -0.0377 -0.0574 588 ILE A N   
336 C CA  . ILE A 50 ? 0.2834 0.4340 0.3765 -0.0488 -0.0314 -0.0739 588 ILE A CA  
337 C C   . ILE A 50 ? 0.2861 0.4243 0.3884 -0.0466 -0.0143 -0.0829 588 ILE A C   
338 O O   . ILE A 50 ? 0.2724 0.3884 0.3716 -0.0339 -0.0085 -0.0834 588 ILE A O   
339 C CB  . ILE A 50 ? 0.2935 0.4178 0.3426 -0.0590 -0.0285 -0.0810 588 ILE A CB  
340 C CG1 . ILE A 50 ? 0.3061 0.4484 0.3325 -0.0591 -0.0436 -0.0747 588 ILE A CG1 
341 C CG2 . ILE A 50 ? 0.3088 0.4201 0.3503 -0.0773 -0.0215 -0.0978 588 ILE A CG2 
342 C CD1 . ILE A 50 ? 0.3406 0.4562 0.3166 -0.0598 -0.0355 -0.0827 588 ILE A CD1 
343 N N   . ASP A 51 ? 0.2937 0.4485 0.4072 -0.0603 -0.0082 -0.0885 589 ASP A N   
344 C CA  . ASP A 51 ? 0.3037 0.4568 0.4227 -0.0578 0.0108  -0.0911 589 ASP A CA  
345 C C   . ASP A 51 ? 0.3048 0.4178 0.3893 -0.0597 0.0200  -0.0941 589 ASP A C   
346 O O   . ASP A 51 ? 0.3073 0.3971 0.3719 -0.0693 0.0168  -0.0948 589 ASP A O   
347 C CB  . ASP A 51 ? 0.3144 0.4993 0.4624 -0.0755 0.0152  -0.0871 589 ASP A CB  
348 C CG  . ASP A 51 ? 0.3465 0.5815 0.5380 -0.0757 0.0027  -0.0784 589 ASP A CG  
349 O OD1 . ASP A 51 ? 0.3693 0.6226 0.5798 -0.0517 0.0054  -0.0731 589 ASP A OD1 
350 O OD2 . ASP A 51 ? 0.4136 0.6683 0.6228 -0.1000 -0.0120 -0.0766 589 ASP A OD2 
351 N N   . ASN A 52 ? 0.3036 0.4110 0.3798 -0.0483 0.0316  -0.0955 590 ASN A N   
352 C CA  . ASN A 52 ? 0.3074 0.3848 0.3543 -0.0486 0.0351  -0.0938 590 ASN A CA  
353 C C   . ASN A 52 ? 0.3071 0.3739 0.3482 -0.0640 0.0439  -0.0857 590 ASN A C   
354 O O   . ASN A 52 ? 0.3185 0.3606 0.3446 -0.0650 0.0426  -0.0800 590 ASN A O   
355 C CB  . ASN A 52 ? 0.3233 0.4011 0.3539 -0.0353 0.0424  -0.0999 590 ASN A CB  
356 C CG  . ASN A 52 ? 0.3446 0.4130 0.3777 -0.0178 0.0324  -0.1127 590 ASN A CG  
357 O OD1 . ASN A 52 ? 0.3319 0.3908 0.3807 -0.0170 0.0181  -0.1097 590 ASN A OD1 
358 N ND2 . ASN A 52 ? 0.3801 0.4490 0.3964 -0.0020 0.0411  -0.1264 590 ASN A ND2 
359 N N   . SER A 53 ? 0.3113 0.3969 0.3719 -0.0755 0.0534  -0.0817 591 SER A N   
360 C CA  . SER A 53 ? 0.3184 0.3851 0.3813 -0.0912 0.0613  -0.0731 591 SER A CA  
361 C C   . SER A 53 ? 0.3354 0.3695 0.3873 -0.0975 0.0519  -0.0826 591 SER A C   
362 O O   . SER A 53 ? 0.3416 0.3439 0.3815 -0.0972 0.0592  -0.0776 591 SER A O   
363 C CB  . SER A 53 ? 0.3357 0.4288 0.4334 -0.1070 0.0701  -0.0636 591 SER A CB  
364 O OG  . SER A 53 ? 0.3350 0.4394 0.4563 -0.1214 0.0553  -0.0731 591 SER A OG  
365 N N   . GLU A 54 ? 0.3313 0.3762 0.3854 -0.1000 0.0372  -0.0948 592 GLU A N   
366 C CA  . GLU A 54 ? 0.3568 0.3757 0.3881 -0.1035 0.0291  -0.1071 592 GLU A CA  
367 C C   . GLU A 54 ? 0.3428 0.3459 0.3501 -0.0847 0.0331  -0.1005 592 GLU A C   
368 O O   . GLU A 54 ? 0.3684 0.3423 0.3555 -0.0805 0.0409  -0.1027 592 GLU A O   
369 C CB  . GLU A 54 ? 0.3698 0.4149 0.4055 -0.1108 0.0090  -0.1172 592 GLU A CB  
370 C CG  . GLU A 54 ? 0.4238 0.4455 0.4226 -0.1144 -0.0009 -0.1340 592 GLU A CG  
371 C CD  . GLU A 54 ? 0.4762 0.5306 0.4773 -0.1266 -0.0264 -0.1424 592 GLU A CD  
372 O OE1 . GLU A 54 ? 0.4815 0.5730 0.5251 -0.1387 -0.0358 -0.1354 592 GLU A OE1 
373 O OE2 . GLU A 54 ? 0.5371 0.5854 0.4973 -0.1231 -0.0369 -0.1532 592 GLU A OE2 
374 N N   . LEU A 55 ? 0.3124 0.3341 0.3267 -0.0729 0.0287  -0.0912 593 LEU A N   
375 C CA  . LEU A 55 ? 0.3021 0.3141 0.3071 -0.0597 0.0288  -0.0789 593 LEU A CA  
376 C C   . LEU A 55 ? 0.3055 0.2984 0.3073 -0.0576 0.0411  -0.0670 593 LEU A C   
377 O O   . LEU A 55 ? 0.3132 0.2956 0.3096 -0.0490 0.0469  -0.0554 593 LEU A O   
378 C CB  . LEU A 55 ? 0.2816 0.3079 0.3005 -0.0517 0.0171  -0.0738 593 LEU A CB  
379 C CG  . LEU A 55 ? 0.2910 0.3362 0.3205 -0.0471 0.0044  -0.0738 593 LEU A CG  
380 C CD1 . LEU A 55 ? 0.2729 0.3186 0.3219 -0.0374 -0.0049 -0.0709 593 LEU A CD1 
381 C CD2 . LEU A 55 ? 0.2972 0.3444 0.3129 -0.0430 0.0020  -0.0630 593 LEU A CD2 
382 N N   . LEU A 56 ? 0.3007 0.2950 0.3084 -0.0634 0.0469  -0.0650 594 LEU A N   
383 C CA  . LEU A 56 ? 0.3038 0.2857 0.3116 -0.0617 0.0573  -0.0479 594 LEU A CA  
384 C C   . LEU A 56 ? 0.3326 0.2859 0.3394 -0.0613 0.0713  -0.0474 594 LEU A C   
385 O O   . LEU A 56 ? 0.3391 0.2807 0.3485 -0.0507 0.0802  -0.0306 594 LEU A O   
386 C CB  . LEU A 56 ? 0.2962 0.2914 0.3065 -0.0675 0.0625  -0.0419 594 LEU A CB  
387 C CG  . LEU A 56 ? 0.2867 0.3025 0.2850 -0.0625 0.0532  -0.0435 594 LEU A CG  
388 C CD1 . LEU A 56 ? 0.2981 0.3339 0.2929 -0.0655 0.0659  -0.0380 594 LEU A CD1 
389 C CD2 . LEU A 56 ? 0.2704 0.2829 0.2601 -0.0579 0.0410  -0.0303 594 LEU A CD2 
390 N N   . HIS A 57 ? 0.3596 0.3007 0.3652 -0.0723 0.0722  -0.0660 595 HIS A N   
391 C CA  . HIS A 57 ? 0.4100 0.3106 0.4076 -0.0725 0.0831  -0.0761 595 HIS A CA  
392 C C   . HIS A 57 ? 0.4289 0.3191 0.4016 -0.0548 0.0875  -0.0814 595 HIS A C   
393 O O   . HIS A 57 ? 0.4624 0.3225 0.4294 -0.0408 0.1052  -0.0774 595 HIS A O   
394 C CB  . HIS A 57 ? 0.4380 0.3280 0.4383 -0.0934 0.0742  -0.0995 595 HIS A CB  
395 C CG  . HIS A 57 ? 0.5167 0.3525 0.5033 -0.0959 0.0814  -0.1185 595 HIS A CG  
396 N ND1 . HIS A 57 ? 0.5759 0.3938 0.5272 -0.0967 0.0720  -0.1491 595 HIS A ND1 
397 C CD2 . HIS A 57 ? 0.5714 0.3624 0.5718 -0.0956 0.0971  -0.1128 595 HIS A CD2 
398 C CE1 . HIS A 57 ? 0.6282 0.3869 0.5667 -0.0968 0.0816  -0.1678 595 HIS A CE1 
399 N NE2 . HIS A 57 ? 0.6296 0.3687 0.6026 -0.0956 0.0976  -0.1450 595 HIS A NE2 
400 N N   . MET A 58 ? 0.4154 0.3324 0.3760 -0.0529 0.0741  -0.0872 596 MET A N   
401 C CA  . MET A 58 ? 0.4398 0.3601 0.3773 -0.0352 0.0793  -0.0844 596 MET A CA  
402 C C   . MET A 58 ? 0.4102 0.3391 0.3658 -0.0180 0.0920  -0.0529 596 MET A C   
403 O O   . MET A 58 ? 0.4213 0.3438 0.3651 0.0011  0.1097  -0.0452 596 MET A O   
404 C CB  . MET A 58 ? 0.4232 0.3780 0.3556 -0.0376 0.0607  -0.0854 596 MET A CB  
405 C CG  . MET A 58 ? 0.4718 0.4269 0.3791 -0.0492 0.0470  -0.1120 596 MET A CG  
406 S SD  . MET A 58 ? 0.4635 0.4672 0.3903 -0.0555 0.0219  -0.1042 596 MET A SD  
407 C CE  . MET A 58 ? 0.4784 0.5026 0.3944 -0.0340 0.0258  -0.0776 596 MET A CE  
408 N N   . LEU A 59 ? 0.3674 0.3142 0.3511 -0.0244 0.0825  -0.0345 597 LEU A N   
409 C CA  . LEU A 59 ? 0.3556 0.3161 0.3633 -0.0139 0.0869  -0.0019 597 LEU A CA  
410 C C   . LEU A 59 ? 0.3780 0.3183 0.3936 -0.0005 0.1099  0.0115  597 LEU A C   
411 O O   . LEU A 59 ? 0.3812 0.3357 0.4165 0.0155  0.1207  0.0399  597 LEU A O   
412 C CB  . LEU A 59 ? 0.3276 0.3056 0.3536 -0.0261 0.0670  0.0084  597 LEU A CB  
413 C CG  . LEU A 59 ? 0.3038 0.3007 0.3372 -0.0301 0.0464  0.0094  597 LEU A CG  
414 C CD1 . LEU A 59 ? 0.3283 0.3292 0.3644 -0.0413 0.0270  0.0035  597 LEU A CD1 
415 C CD2 . LEU A 59 ? 0.3079 0.3223 0.3661 -0.0213 0.0467  0.0410  597 LEU A CD2 
416 N N   . GLU A 60 ? 0.6186 0.4953 0.3398 0.0691  -0.0373 -0.0492 598 GLU A N   
417 C CA  . GLU A 60 ? 0.5634 0.4841 0.3446 0.0436  -0.0419 -0.0343 598 GLU A CA  
418 C C   . GLU A 60 ? 0.4408 0.4502 0.3367 0.0204  -0.0141 -0.0228 598 GLU A C   
419 O O   . GLU A 60 ? 0.4123 0.4449 0.3469 0.0071  -0.0164 -0.0113 598 GLU A O   
420 C CB  . GLU A 60 ? 0.6452 0.5353 0.3476 0.0793  -0.0245 -0.0228 598 GLU A CB  
421 C CG  . GLU A 60 ? 0.8402 0.5926 0.3666 0.1238  -0.0548 -0.0391 598 GLU A CG  
422 C CD  . GLU A 60 ? 0.9517 0.6111 0.4290 0.0885  -0.1454 -0.0483 598 GLU A CD  
423 O OE1 . GLU A 60 ? 0.8851 0.6049 0.4599 0.0460  -0.1641 -0.0294 598 GLU A OE1 
424 O OE2 . GLU A 60 ? 1.1198 0.6339 0.4557 0.1048  -0.2057 -0.0674 598 GLU A OE2 
425 N N   . SER A 61 ? 0.3834 0.4202 0.3140 0.0196  0.0043  -0.0262 599 SER A N   
426 C CA  . SER A 61 ? 0.3117 0.3836 0.3079 0.0016  0.0106  -0.0212 599 SER A CA  
427 C C   . SER A 61 ? 0.2819 0.3516 0.2940 -0.0050 0.0032  -0.0339 599 SER A C   
428 O O   . SER A 61 ? 0.2707 0.3433 0.2849 -0.0032 0.0085  -0.0397 599 SER A O   
429 C CB  . SER A 61 ? 0.3054 0.4059 0.3343 0.0017  0.0259  0.0024  599 SER A CB  
430 O OG  . SER A 61 ? 0.3106 0.4012 0.3705 -0.0185 0.0072  0.0021  599 SER A OG  
431 N N   . PRO A 62 ? 0.2673 0.3419 0.2988 -0.0072 -0.0041 -0.0262 600 PRO A N   
432 C CA  . PRO A 62 ? 0.2522 0.3377 0.3053 -0.0033 -0.0008 -0.0209 600 PRO A CA  
433 C C   . PRO A 62 ? 0.2570 0.3232 0.2905 0.0061  0.0109  -0.0352 600 PRO A C   
434 O O   . PRO A 62 ? 0.2482 0.3180 0.2860 0.0056  0.0113  -0.0393 600 PRO A O   
435 C CB  . PRO A 62 ? 0.2550 0.3667 0.3429 0.0106  0.0077  0.0137  600 PRO A CB  
436 C CG  . PRO A 62 ? 0.2617 0.3754 0.3571 -0.0055 -0.0152 0.0233  600 PRO A CG  
437 C CD  . PRO A 62 ? 0.2796 0.3626 0.3251 -0.0070 -0.0106 -0.0071 600 PRO A CD  
438 N N   . GLU A 63 ? 0.2832 0.3134 0.2889 0.0107  0.0078  -0.0395 601 GLU A N   
439 C CA  . GLU A 63 ? 0.3251 0.3042 0.2950 0.0121  -0.0075 -0.0494 601 GLU A CA  
440 C C   . GLU A 63 ? 0.2937 0.3025 0.3005 -0.0114 -0.0168 -0.0489 601 GLU A C   
441 O O   . GLU A 63 ? 0.3013 0.2937 0.2975 -0.0112 -0.0248 -0.0550 601 GLU A O   
442 C CB  . GLU A 63 ? 0.4046 0.3075 0.3275 0.0111  -0.0377 -0.0483 601 GLU A CB  
443 C CG  . GLU A 63 ? 0.5240 0.3277 0.3753 0.0139  -0.0776 -0.0577 601 GLU A CG  
444 C CD  . GLU A 63 ? 0.6376 0.3956 0.4074 0.0666  -0.0502 -0.0697 601 GLU A CD  
445 O OE1 . GLU A 63 ? 0.7195 0.4200 0.4103 0.1192  -0.0287 -0.0674 601 GLU A OE1 
446 O OE2 . GLU A 63 ? 0.6632 0.4464 0.4477 0.0636  -0.0437 -0.0731 601 GLU A OE2 
447 N N   . SER A 64 ? 0.2609 0.3135 0.3047 -0.0210 -0.0093 -0.0350 602 SER A N   
448 C CA  . SER A 64 ? 0.2576 0.3478 0.3362 -0.0232 -0.0022 -0.0181 602 SER A CA  
449 C C   . SER A 64 ? 0.2396 0.3311 0.2985 -0.0095 0.0104  -0.0382 602 SER A C   
450 O O   . SER A 64 ? 0.2364 0.3370 0.3118 -0.0101 0.0092  -0.0336 602 SER A O   
451 C CB  . SER A 64 ? 0.2596 0.3906 0.3580 -0.0110 0.0202  0.0119  602 SER A CB  
452 O OG  . SER A 64 ? 0.3217 0.4992 0.4577 0.0046  0.0408  0.0476  602 SER A OG  
453 N N   . LEU A 65 ? 0.2445 0.3216 0.2740 -0.0022 0.0116  -0.0532 603 LEU A N   
454 C CA  . LEU A 65 ? 0.2557 0.3152 0.2666 0.0018  0.0036  -0.0648 603 LEU A CA  
455 C C   . LEU A 65 ? 0.2445 0.3111 0.2785 -0.0058 0.0008  -0.0663 603 LEU A C   
456 O O   . LEU A 65 ? 0.2361 0.2999 0.2700 -0.0037 0.0000  -0.0708 603 LEU A O   
457 C CB  . LEU A 65 ? 0.2869 0.3178 0.2755 -0.0039 -0.0217 -0.0646 603 LEU A CB  
458 C CG  . LEU A 65 ? 0.3293 0.3177 0.2973 -0.0110 -0.0561 -0.0669 603 LEU A CG  
459 C CD1 . LEU A 65 ? 0.4071 0.3356 0.2936 0.0191  -0.0538 -0.0857 603 LEU A CD1 
460 C CD2 . LEU A 65 ? 0.3800 0.3361 0.3470 -0.0324 -0.1059 -0.0489 603 LEU A CD2 
461 N N   . ARG A 66 ? 0.2469 0.3148 0.2865 -0.0033 0.0047  -0.0587 604 ARG A N   
462 C CA  . ARG A 66 ? 0.2752 0.3364 0.3076 0.0100  0.0124  -0.0527 604 ARG A CA  
463 C C   . ARG A 66 ? 0.2954 0.3293 0.3060 0.0066  0.0020  -0.0662 604 ARG A C   
464 O O   . ARG A 66 ? 0.3037 0.3379 0.3136 0.0102  0.0031  -0.0661 604 ARG A O   
465 C CB  . ARG A 66 ? 0.3183 0.3616 0.3215 0.0395  0.0296  -0.0382 604 ARG A CB  
466 C CG  . ARG A 66 ? 0.3916 0.4248 0.3656 0.0791  0.0545  -0.0175 604 ARG A CG  
467 C CD  . ARG A 66 ? 0.5403 0.4719 0.4013 0.1099  0.0467  -0.0394 604 ARG A CD  
468 N NE  . ARG A 66 ? 0.6661 0.5611 0.4508 0.1819  0.0874  -0.0126 604 ARG A NE  
469 C CZ  . ARG A 66 ? 0.7611 0.5944 0.4613 0.2382  0.1086  -0.0028 604 ARG A CZ  
470 N NH1 . ARG A 66 ? 0.7694 0.5697 0.4595 0.2179  0.0830  -0.0220 604 ARG A NH1 
471 N NH2 . ARG A 66 ? 0.9009 0.7007 0.5172 0.3254  0.1609  0.0326  604 ARG A NH2 
472 N N   . SER A 67 ? 0.3137 0.3269 0.3184 -0.0053 -0.0157 -0.0673 605 SER A N   
473 C CA  . SER A 67 ? 0.3440 0.3306 0.3472 -0.0196 -0.0451 -0.0624 605 SER A CA  
474 C C   . SER A 67 ? 0.2951 0.3357 0.3520 -0.0262 -0.0356 -0.0526 605 SER A C   
475 O O   . SER A 67 ? 0.3059 0.3338 0.3628 -0.0311 -0.0516 -0.0501 605 SER A O   
476 C CB  . SER A 67 ? 0.3949 0.3444 0.3999 -0.0415 -0.0859 -0.0449 605 SER A CB  
477 O OG  . SER A 67 ? 0.3808 0.4052 0.4705 -0.0580 -0.0777 -0.0117 605 SER A OG  
478 N N   . LYS A 68 ? 0.2537 0.3372 0.3348 -0.0167 -0.0099 -0.0473 606 LYS A N   
479 C CA  . LYS A 68 ? 0.2490 0.3569 0.3439 -0.0004 0.0069  -0.0397 606 LYS A CA  
480 C C   . LYS A 68 ? 0.2442 0.3255 0.3088 0.0041  0.0041  -0.0637 606 LYS A C   
481 O O   . LYS A 68 ? 0.2406 0.3241 0.3117 0.0109  0.0050  -0.0609 606 LYS A O   
482 C CB  . LYS A 68 ? 0.2746 0.3970 0.3546 0.0302  0.0359  -0.0264 606 LYS A CB  
483 C CG  . LYS A 68 ? 0.3078 0.4937 0.4512 0.0452  0.0579  0.0304  606 LYS A CG  
484 C CD  . LYS A 68 ? 0.3313 0.5498 0.5155 0.0595  0.0672  0.0588  606 LYS A CD  
485 C CE  . LYS A 68 ? 0.3320 0.6437 0.6315 0.0609  0.0782  0.1458  606 LYS A CE  
486 N NZ  . LYS A 68 ? 0.3293 0.6836 0.6896 0.0691  0.0806  0.1847  606 LYS A NZ  
487 N N   . VAL A 69 ? 0.2355 0.2994 0.2818 -0.0010 -0.0020 -0.0747 607 VAL A N   
488 C CA  . VAL A 69 ? 0.2438 0.2973 0.2915 -0.0051 -0.0128 -0.0744 607 VAL A CA  
489 C C   . VAL A 69 ? 0.2453 0.3048 0.2996 -0.0039 -0.0087 -0.0696 607 VAL A C   
490 O O   . VAL A 69 ? 0.2353 0.2923 0.2957 -0.0045 -0.0139 -0.0680 607 VAL A O   
491 C CB  . VAL A 69 ? 0.2444 0.3017 0.3076 -0.0147 -0.0248 -0.0581 607 VAL A CB  
492 C CG1 . VAL A 69 ? 0.2548 0.3293 0.3574 -0.0226 -0.0347 -0.0290 607 VAL A CG1 
493 C CG2 . VAL A 69 ? 0.2793 0.2936 0.3074 -0.0181 -0.0510 -0.0660 607 VAL A CG2 
494 N N   . ASP A 70 ? 0.2712 0.3167 0.3027 0.0029  -0.0051 -0.0687 608 ASP A N   
495 C CA  . ASP A 70 ? 0.3289 0.3391 0.3198 0.0150  -0.0103 -0.0684 608 ASP A CA  
496 C C   . ASP A 70 ? 0.3240 0.3325 0.3319 -0.0007 -0.0314 -0.0711 608 ASP A C   
497 O O   . ASP A 70 ? 0.3528 0.3467 0.3435 0.0058  -0.0351 -0.0694 608 ASP A O   
498 C CB  . ASP A 70 ? 0.4014 0.3448 0.3188 0.0317  -0.0210 -0.0734 608 ASP A CB  
499 C CG  . ASP A 70 ? 0.4496 0.3913 0.3356 0.0703  0.0137  -0.0584 608 ASP A CG  
500 O OD1 . ASP A 70 ? 0.4282 0.4362 0.3734 0.0756  0.0404  -0.0313 608 ASP A OD1 
501 O OD2 . ASP A 70 ? 0.5574 0.4278 0.3626 0.0967  0.0093  -0.0642 608 ASP A OD2 
502 N N   . GLU A 71 ? 0.3067 0.3399 0.3563 -0.0160 -0.0407 -0.0632 609 GLU A N   
503 C CA  . GLU A 71 ? 0.3041 0.3622 0.3992 -0.0247 -0.0532 -0.0433 609 GLU A CA  
504 C C   . GLU A 71 ? 0.2850 0.3624 0.3879 -0.0083 -0.0307 -0.0493 609 GLU A C   
505 O O   . GLU A 71 ? 0.2940 0.3676 0.4030 -0.0098 -0.0409 -0.0445 609 GLU A O   
506 C CB  . GLU A 71 ? 0.3029 0.4099 0.4635 -0.0315 -0.0528 -0.0065 609 GLU A CB  
507 C CG  . GLU A 71 ? 0.3592 0.4374 0.5283 -0.0611 -0.0986 0.0135  609 GLU A CG  
508 C CD  . GLU A 71 ? 0.4038 0.5566 0.6819 -0.0761 -0.1065 0.0821  609 GLU A CD  
509 O OE1 . GLU A 71 ? 0.4330 0.5668 0.7555 -0.1164 -0.1729 0.1245  609 GLU A OE1 
510 O OE2 . GLU A 71 ? 0.3810 0.6033 0.6955 -0.0441 -0.0511 0.1031  609 GLU A OE2 
511 N N   . ALA A 72 ? 0.2683 0.3454 0.3562 0.0072  -0.0111 -0.0598 610 ALA A N   
512 C CA  . ALA A 72 ? 0.2819 0.3334 0.3457 0.0227  -0.0093 -0.0690 610 ALA A CA  
513 C C   . ALA A 72 ? 0.2733 0.3137 0.3402 0.0080  -0.0247 -0.0711 610 ALA A C   
514 O O   . ALA A 72 ? 0.2938 0.3243 0.3617 0.0138  -0.0294 -0.0690 610 ALA A O   
515 C CB  . ALA A 72 ? 0.3222 0.3298 0.3368 0.0339  -0.0139 -0.0820 610 ALA A CB  
516 N N   . VAL A 73 ? 0.2577 0.3044 0.3269 -0.0023 -0.0254 -0.0658 611 VAL A N   
517 C CA  . VAL A 73 ? 0.2531 0.3055 0.3319 -0.0029 -0.0258 -0.0475 611 VAL A CA  
518 C C   . VAL A 73 ? 0.2647 0.3068 0.3241 0.0042  -0.0263 -0.0494 611 VAL A C   
519 O O   . VAL A 73 ? 0.2635 0.3066 0.3325 0.0046  -0.0299 -0.0387 611 VAL A O   
520 C CB  . VAL A 73 ? 0.2526 0.3264 0.3374 0.0069  -0.0082 -0.0212 611 VAL A CB  
521 C CG1 . VAL A 73 ? 0.2700 0.3624 0.3610 0.0262  0.0098  0.0165  611 VAL A CG1 
522 C CG2 . VAL A 73 ? 0.2407 0.3295 0.3672 -0.0112 -0.0241 -0.0037 611 VAL A CG2 
523 N N   . ALA A 74 ? 0.2767 0.2983 0.3077 0.0050  -0.0350 -0.0582 612 ALA A N   
524 C CA  . ALA A 74 ? 0.3172 0.3050 0.3186 0.0045  -0.0584 -0.0558 612 ALA A CA  
525 C C   . ALA A 74 ? 0.2893 0.3084 0.3469 -0.0065 -0.0673 -0.0473 612 ALA A C   
526 O O   . ALA A 74 ? 0.3041 0.3093 0.3524 -0.0059 -0.0803 -0.0409 612 ALA A O   
527 C CB  . ALA A 74 ? 0.3795 0.3106 0.3338 -0.0030 -0.0938 -0.0585 612 ALA A CB  
528 N N   . VAL A 75 ? 0.2542 0.3104 0.3579 -0.0050 -0.0543 -0.0426 613 VAL A N   
529 C CA  . VAL A 75 ? 0.2491 0.3332 0.3935 0.0080  -0.0468 -0.0247 613 VAL A CA  
530 C C   . VAL A 75 ? 0.2721 0.3295 0.3913 0.0208  -0.0407 -0.0385 613 VAL A C   
531 O O   . VAL A 75 ? 0.2754 0.3352 0.4090 0.0277  -0.0450 -0.0274 613 VAL A O   
532 C CB  . VAL A 75 ? 0.2513 0.3710 0.4241 0.0317  -0.0198 -0.0052 613 VAL A CB  
533 C CG1 . VAL A 75 ? 0.2771 0.4100 0.4601 0.0740  0.0064  0.0168  613 VAL A CG1 
534 C CG2 . VAL A 75 ? 0.2306 0.3946 0.4669 0.0105  -0.0365 0.0341  613 VAL A CG2 
535 N N   . LEU A 76 ? 0.2828 0.3118 0.3723 0.0192  -0.0408 -0.0544 614 LEU A N   
536 C CA  . LEU A 76 ? 0.3162 0.3077 0.3920 0.0164  -0.0581 -0.0547 614 LEU A CA  
537 C C   . LEU A 76 ? 0.3040 0.3131 0.4005 0.0040  -0.0628 -0.0381 614 LEU A C   
538 O O   . LEU A 76 ? 0.3278 0.3186 0.4277 0.0052  -0.0753 -0.0312 614 LEU A O   
539 C CB  . LEU A 76 ? 0.3351 0.2999 0.4012 0.0013  -0.0774 -0.0537 614 LEU A CB  
540 C CG  . LEU A 76 ? 0.4363 0.3120 0.4426 0.0102  -0.1110 -0.0664 614 LEU A CG  
541 C CD1 . LEU A 76 ? 0.4403 0.3028 0.4687 -0.0248 -0.1505 -0.0463 614 LEU A CD1 
542 C CD2 . LEU A 76 ? 0.4745 0.2803 0.4444 0.0214  -0.1383 -0.0677 614 LEU A CD2 
543 N N   . GLN A 77 ? 0.2947 0.3248 0.3859 0.0019  -0.0517 -0.0300 615 GLN A N   
544 C CA  . GLN A 77 ? 0.3146 0.3461 0.3925 0.0093  -0.0472 -0.0099 615 GLN A CA  
545 C C   . GLN A 77 ? 0.3289 0.3439 0.3927 0.0105  -0.0626 -0.0161 615 GLN A C   
546 O O   . GLN A 77 ? 0.3419 0.3531 0.4044 0.0143  -0.0656 -0.0013 615 GLN A O   
547 C CB  . GLN A 77 ? 0.3519 0.3785 0.3836 0.0314  -0.0251 0.0023  615 GLN A CB  
548 C CG  . GLN A 77 ? 0.3742 0.4455 0.4530 0.0353  -0.0041 0.0425  615 GLN A CG  
549 C CD  . GLN A 77 ? 0.4551 0.5279 0.4894 0.0727  0.0311  0.0606  615 GLN A CD  
550 O OE1 . GLN A 77 ? 0.5511 0.5612 0.4874 0.0992  0.0332  0.0337  615 GLN A OE1 
551 N NE2 . GLN A 77 ? 0.4395 0.5739 0.5438 0.0762  0.0510  0.1143  615 GLN A NE2 
552 N N   . ALA A 78 ? 0.3188 0.3321 0.3871 0.0041  -0.0767 -0.0257 616 ALA A N   
553 C CA  . ALA A 78 ? 0.3391 0.3507 0.4246 -0.0029 -0.1034 -0.0126 616 ALA A CA  
554 C C   . ALA A 78 ? 0.3185 0.3562 0.4511 0.0065  -0.0928 -0.0034 616 ALA A C   
555 O O   . ALA A 78 ? 0.3378 0.3738 0.4808 0.0058  -0.1078 0.0108  616 ALA A O   
556 C CB  . ALA A 78 ? 0.3436 0.3670 0.4610 -0.0188 -0.1282 0.0016  616 ALA A CB  
557 N N   . HIS A 79 ? 0.3157 0.3577 0.4563 0.0219  -0.0713 -0.0123 617 HIS A N   
558 C CA  . HIS A 79 ? 0.3523 0.3762 0.4919 0.0477  -0.0638 -0.0093 617 HIS A CA  
559 C C   . HIS A 79 ? 0.3774 0.3646 0.4993 0.0371  -0.0816 -0.0121 617 HIS A C   
560 O O   . HIS A 79 ? 0.4120 0.3841 0.5370 0.0507  -0.0870 -0.0033 617 HIS A O   
561 C CB  . HIS A 79 ? 0.3933 0.3832 0.4935 0.0792  -0.0462 -0.0222 617 HIS A CB  
562 C CG  . HIS A 79 ? 0.4891 0.4177 0.5390 0.1269  -0.0397 -0.0224 617 HIS A CG  
563 N ND1 . HIS A 79 ? 0.6062 0.4247 0.5706 0.1354  -0.0693 -0.0470 617 HIS A ND1 
564 C CD2 . HIS A 79 ? 0.5246 0.4720 0.5872 0.1754  -0.0118 0.0058  617 HIS A CD2 
565 C CE1 . HIS A 79 ? 0.7046 0.4510 0.6010 0.1928  -0.0614 -0.0460 617 HIS A CE1 
566 N NE2 . HIS A 79 ? 0.6668 0.5012 0.6262 0.2241  -0.0163 -0.0116 617 HIS A NE2 
567 N N   . GLN A 80 ? 0.3720 0.3543 0.4878 0.0157  -0.0888 -0.0116 618 GLN A N   
568 C CA  . GLN A 80 ? 0.3935 0.3680 0.5232 0.0015  -0.1039 0.0121  618 GLN A CA  
569 C C   . GLN A 80 ? 0.3943 0.3855 0.5253 0.0064  -0.1005 0.0261  618 GLN A C   
570 O O   . GLN A 80 ? 0.4109 0.3866 0.5538 0.0050  -0.1146 0.0403  618 GLN A O   
571 C CB  . GLN A 80 ? 0.3759 0.3807 0.5272 -0.0123 -0.0970 0.0392  618 GLN A CB  
572 C CG  . GLN A 80 ? 0.4025 0.3861 0.5675 -0.0298 -0.1200 0.0417  618 GLN A CG  
573 C CD  . GLN A 80 ? 0.3867 0.4288 0.6047 -0.0403 -0.1075 0.0919  618 GLN A CD  
574 O OE1 . GLN A 80 ? 0.4160 0.5087 0.6604 -0.0273 -0.0799 0.1374  618 GLN A OE1 
575 N NE2 . GLN A 80 ? 0.3664 0.4021 0.5971 -0.0550 -0.1241 0.0932  618 GLN A NE2 
576 N N   . ALA A 81 ? 0.3903 0.3934 0.4950 0.0114  -0.0926 0.0222  619 ALA A N   
577 C CA  . ALA A 81 ? 0.4348 0.4247 0.5126 0.0163  -0.1058 0.0323  619 ALA A CA  
578 C C   . ALA A 81 ? 0.4322 0.4301 0.5504 0.0138  -0.1241 0.0357  619 ALA A C   
579 O O   . ALA A 81 ? 0.4640 0.4528 0.5784 0.0146  -0.1389 0.0505  619 ALA A O   
580 C CB  . ALA A 81 ? 0.4781 0.4315 0.4839 0.0225  -0.1172 0.0248  619 ALA A CB  
581 N N   . LYS A 82 ? 0.4166 0.4360 0.5730 0.0197  -0.1168 0.0314  620 LYS A N   
582 C CA  . LYS A 82 ? 0.4281 0.4741 0.6353 0.0355  -0.1176 0.0548  620 LYS A CA  
583 C C   . LYS A 82 ? 0.4632 0.4771 0.6584 0.0620  -0.1064 0.0513  620 LYS A C   
584 O O   . LYS A 82 ? 0.4819 0.5056 0.7042 0.0790  -0.1083 0.0743  620 LYS A O   
585 C CB  . LYS A 82 ? 0.4105 0.5011 0.6628 0.0486  -0.1010 0.0718  620 LYS A CB  
586 C CG  . LYS A 82 ? 0.4311 0.5761 0.7560 0.0832  -0.0829 0.1221  620 LYS A CG  
587 C CD  . LYS A 82 ? 0.4813 0.6040 0.7668 0.1470  -0.0319 0.1159  620 LYS A CD  
588 C CE  . LYS A 82 ? 0.5298 0.6992 0.8675 0.2080  0.0034  0.1754  620 LYS A CE  
589 N NZ  . LYS A 82 ? 0.6274 0.7622 0.8967 0.2946  0.0631  0.1804  620 LYS A NZ  
590 N N   . GLU A 83 ? 0.4914 0.4544 0.6429 0.0637  -0.1055 0.0279  621 GLU A N   
591 C CA  . GLU A 83 ? 0.5656 0.4551 0.6803 0.0807  -0.1206 0.0235  621 GLU A CA  
592 C C   . GLU A 83 ? 0.5645 0.4527 0.6986 0.0523  -0.1445 0.0415  621 GLU A C   
593 O O   . GLU A 83 ? 0.6205 0.4617 0.7425 0.0648  -0.1612 0.0487  621 GLU A O   
594 C CB  . GLU A 83 ? 0.6229 0.4334 0.6789 0.0819  -0.1386 0.0014  621 GLU A CB  
595 C CG  . GLU A 83 ? 0.7739 0.4529 0.7472 0.1110  -0.1730 -0.0084 621 GLU A CG  
596 C CD  . GLU A 83 ? 0.8687 0.5055 0.7770 0.1912  -0.1364 -0.0133 621 GLU A CD  
597 O OE1 . GLU A 83 ? 0.8204 0.5524 0.7769 0.2170  -0.0844 0.0030  621 GLU A OE1 
598 O OE2 . GLU A 83 ? 1.0058 0.5089 0.8132 0.2336  -0.1613 -0.0234 621 GLU A OE2 
599 N N   . ALA A 84 ? 0.5211 0.4542 0.6740 0.0244  -0.1414 0.0539  622 ALA A N   
600 C CA  . ALA A 84 ? 0.5267 0.4727 0.6925 0.0116  -0.1485 0.0846  622 ALA A CA  
601 C C   . ALA A 84 ? 0.5391 0.4890 0.7068 0.0229  -0.1543 0.0914  622 ALA A C   
602 O O   . ALA A 84 ? 0.5656 0.4894 0.7436 0.0259  -0.1696 0.1044  622 ALA A O   
603 C CB  . ALA A 84 ? 0.5120 0.4945 0.6625 0.0097  -0.1268 0.1008  622 ALA A CB  
604 N N   . LEU B 3  ? 0.6115 0.6250 0.5259 -0.1433 -0.1274 0.0363  15  LEU B N   
605 C CA  . LEU B 3  ? 0.5654 0.5312 0.5018 -0.0844 -0.1011 0.0224  15  LEU B CA  
606 C C   . LEU B 3  ? 0.5095 0.5345 0.4415 -0.0266 -0.0590 -0.0009 15  LEU B C   
607 O O   . LEU B 3  ? 0.5074 0.5477 0.4284 -0.0080 -0.0528 -0.0166 15  LEU B O   
608 C CB  . LEU B 3  ? 0.5970 0.4446 0.5605 -0.0569 -0.1146 -0.0053 15  LEU B CB  
609 C CG  . LEU B 3  ? 0.6746 0.4153 0.6727 -0.0825 -0.1724 0.0103  15  LEU B CG  
610 C CD1 . LEU B 3  ? 0.6774 0.4328 0.6749 -0.1158 -0.1901 0.0652  15  LEU B CD1 
611 C CD2 . LEU B 3  ? 0.7758 0.4624 0.7633 -0.1377 -0.2267 0.0185  15  LEU B CD2 
612 N N   . ASN B 4  ? 0.4732 0.5198 0.4117 -0.0032 -0.0398 -0.0007 16  ASN B N   
613 C CA  . ASN B 4  ? 0.4566 0.5323 0.3959 0.0509  -0.0190 -0.0201 16  ASN B CA  
614 C C   . ASN B 4  ? 0.4578 0.4433 0.3858 0.0820  -0.0073 -0.0229 16  ASN B C   
615 O O   . ASN B 4  ? 0.4570 0.4149 0.3883 0.0808  0.0012  -0.0205 16  ASN B O   
616 C CB  . ASN B 4  ? 0.4460 0.6218 0.4033 0.0551  -0.0093 -0.0363 16  ASN B CB  
617 C CG  . ASN B 4  ? 0.4618 0.6212 0.4330 0.1209  -0.0019 -0.0649 16  ASN B CG  
618 O OD1 . ASN B 4  ? 0.4986 0.6214 0.4693 0.1601  -0.0160 -0.0636 16  ASN B OD1 
619 N ND2 . ASN B 4  ? 0.4754 0.6560 0.4565 0.1264  0.0114  -0.0888 16  ASN B ND2 
620 N N   . PRO B 5  ? 0.4750 0.4320 0.3822 0.0960  -0.0089 -0.0244 17  PRO B N   
621 C CA  . PRO B 5  ? 0.4915 0.3910 0.3748 0.1017  0.0000  -0.0225 17  PRO B CA  
622 C C   . PRO B 5  ? 0.5084 0.3732 0.3809 0.1263  -0.0043 -0.0133 17  PRO B C   
623 O O   . PRO B 5  ? 0.5354 0.3509 0.3795 0.1156  -0.0006 -0.0042 17  PRO B O   
624 C CB  . PRO B 5  ? 0.5252 0.4374 0.3759 0.0890  -0.0071 -0.0207 17  PRO B CB  
625 C CG  . PRO B 5  ? 0.5271 0.4912 0.3879 0.0977  -0.0254 -0.0142 17  PRO B CG  
626 C CD  . PRO B 5  ? 0.4934 0.4908 0.3898 0.0903  -0.0214 -0.0241 17  PRO B CD  
627 N N   . ASN B 6  ? 0.5071 0.4063 0.4056 0.1561  -0.0142 -0.0244 18  ASN B N   
628 C CA  . ASN B 6  ? 0.5377 0.3945 0.4407 0.1887  -0.0247 -0.0366 18  ASN B CA  
629 C C   . ASN B 6  ? 0.5065 0.3801 0.4212 0.1764  -0.0013 -0.0581 18  ASN B C   
630 O O   . ASN B 6  ? 0.5511 0.3965 0.4719 0.2008  -0.0071 -0.0839 18  ASN B O   
631 C CB  . ASN B 6  ? 0.5738 0.4710 0.5187 0.2428  -0.0542 -0.0602 18  ASN B CB  
632 C CG  . ASN B 6  ? 0.6260 0.4984 0.5549 0.2509  -0.0914 -0.0261 18  ASN B CG  
633 O OD1 . ASN B 6  ? 0.6976 0.4711 0.5818 0.2399  -0.1207 0.0111  18  ASN B OD1 
634 N ND2 . ASN B 6  ? 0.6049 0.5778 0.5621 0.2557  -0.0947 -0.0321 18  ASN B ND2 
635 N N   . ALA B 7  ? 0.4488 0.3622 0.3673 0.1357  0.0161  -0.0474 19  ALA B N   
636 C CA  . ALA B 7  ? 0.4306 0.3740 0.3541 0.1078  0.0294  -0.0533 19  ALA B CA  
637 C C   . ALA B 7  ? 0.4545 0.3250 0.3542 0.1083  0.0353  -0.0540 19  ALA B C   
638 O O   . ALA B 7  ? 0.4744 0.2735 0.3493 0.1086  0.0312  -0.0352 19  ALA B O   
639 C CB  . ALA B 7  ? 0.4038 0.3643 0.3350 0.0607  0.0233  -0.0224 19  ALA B CB  
640 N N   . LYS B 8  ? 0.4627 0.3705 0.3642 0.0955  0.0455  -0.0780 20  LYS B N   
641 C CA  . LYS B 8  ? 0.4946 0.3431 0.3688 0.0815  0.0505  -0.0796 20  LYS B CA  
642 C C   . LYS B 8  ? 0.4568 0.2902 0.3240 0.0431  0.0531  -0.0363 20  LYS B C   
643 O O   . LYS B 8  ? 0.4219 0.3056 0.3131 0.0171  0.0476  -0.0136 20  LYS B O   
644 C CB  . LYS B 8  ? 0.5161 0.4381 0.3949 0.0658  0.0637  -0.1250 20  LYS B CB  
645 C CG  . LYS B 8  ? 0.6162 0.4595 0.4698 0.0752  0.0611  -0.1596 20  LYS B CG  
646 C CD  . LYS B 8  ? 0.6459 0.4827 0.4669 0.0164  0.0708  -0.1274 20  LYS B CD  
647 C CE  . LYS B 8  ? 0.6467 0.5832 0.4636 -0.0227 0.0881  -0.1700 20  LYS B CE  
648 N NZ  . LYS B 8  ? 0.7590 0.6250 0.5567 -0.0038 0.0852  -0.2356 20  LYS B NZ  
649 N N   . VAL B 9  ? 0.4774 0.2457 0.3154 0.0366  0.0531  -0.0256 21  VAL B N   
650 C CA  . VAL B 9  ? 0.4472 0.2317 0.2938 0.0083  0.0565  -0.0007 21  VAL B CA  
651 C C   . VAL B 9  ? 0.4362 0.2658 0.2931 -0.0272 0.0571  0.0091  21  VAL B C   
652 O O   . VAL B 9  ? 0.4717 0.2928 0.2950 -0.0470 0.0640  -0.0067 21  VAL B O   
653 C CB  . VAL B 9  ? 0.4947 0.2338 0.2970 -0.0085 0.0579  0.0068  21  VAL B CB  
654 C CG1 . VAL B 9  ? 0.4628 0.2644 0.2887 -0.0356 0.0659  0.0157  21  VAL B CG1 
655 C CG2 . VAL B 9  ? 0.5221 0.2339 0.3060 0.0076  0.0495  0.0101  21  VAL B CG2 
656 N N   . TRP B 10 ? 0.3753 0.3318 0.2854 -0.0412 0.0633  0.0243  22  TRP B N   
657 C CA  . TRP B 10 ? 0.3777 0.3026 0.2877 -0.0359 0.0563  -0.0013 22  TRP B CA  
658 C C   . TRP B 10 ? 0.3964 0.3382 0.3369 -0.0523 0.0498  0.0058  22  TRP B C   
659 O O   . TRP B 10 ? 0.3903 0.4011 0.3478 -0.0637 0.0580  0.0237  22  TRP B O   
660 C CB  . TRP B 10 ? 0.3480 0.2889 0.2563 -0.0236 0.0543  -0.0260 22  TRP B CB  
661 C CG  . TRP B 10 ? 0.3459 0.2702 0.2613 -0.0203 0.0435  -0.0369 22  TRP B CG  
662 C CD1 . TRP B 10 ? 0.3536 0.3025 0.2934 -0.0230 0.0370  -0.0506 22  TRP B CD1 
663 C CD2 . TRP B 10 ? 0.3499 0.2516 0.2478 -0.0113 0.0375  -0.0306 22  TRP B CD2 
664 N NE1 . TRP B 10 ? 0.3476 0.2785 0.2881 -0.0191 0.0228  -0.0498 22  TRP B NE1 
665 C CE2 . TRP B 10 ? 0.3407 0.2526 0.2498 -0.0115 0.0237  -0.0364 22  TRP B CE2 
666 C CE3 . TRP B 10 ? 0.3582 0.2534 0.2321 -0.0002 0.0434  -0.0194 22  TRP B CE3 
667 C CZ2 . TRP B 10 ? 0.3709 0.2962 0.2599 -0.0020 0.0142  -0.0263 22  TRP B CZ2 
668 C CZ3 . TRP B 10 ? 0.3839 0.3033 0.2373 0.0123  0.0388  -0.0140 22  TRP B CZ3 
669 C CH2 . TRP B 10 ? 0.4017 0.3402 0.2583 0.0107  0.0235  -0.0151 22  TRP B CH2 
670 N N   . GLN B 11 ? 0.4219 0.3187 0.3736 -0.0515 0.0331  -0.0099 23  GLN B N   
671 C CA  . GLN B 11 ? 0.4400 0.3466 0.4347 -0.0676 0.0182  -0.0083 23  GLN B CA  
672 C C   . GLN B 11 ? 0.4372 0.3366 0.4101 -0.0549 0.0081  -0.0424 23  GLN B C   
673 O O   . GLN B 11 ? 0.4556 0.3295 0.3964 -0.0374 -0.0008 -0.0657 23  GLN B O   
674 C CB  . GLN B 11 ? 0.4799 0.3420 0.5359 -0.0793 -0.0096 -0.0014 23  GLN B CB  
675 C CG  . GLN B 11 ? 0.5068 0.3799 0.6115 -0.0969 -0.0081 0.0541  23  GLN B CG  
676 C CD  . GLN B 11 ? 0.5739 0.3954 0.7858 -0.1116 -0.0497 0.0669  23  GLN B CD  
677 O OE1 . GLN B 11 ? 0.6246 0.4379 0.9042 -0.1276 -0.0776 0.0643  23  GLN B OE1 
678 N NE2 . GLN B 11 ? 0.6066 0.3910 0.8554 -0.1059 -0.0614 0.0798  23  GLN B NE2 
679 N N   . GLU B 12 ? 0.4290 0.3691 0.4224 -0.0610 0.0094  -0.0417 24  GLU B N   
680 C CA  . GLU B 12 ? 0.4329 0.3748 0.4171 -0.0491 -0.0029 -0.0617 24  GLU B CA  
681 C C   . GLU B 12 ? 0.4672 0.3967 0.4693 -0.0551 -0.0319 -0.0772 24  GLU B C   
682 O O   . GLU B 12 ? 0.4860 0.4128 0.5390 -0.0744 -0.0444 -0.0711 24  GLU B O   
683 C CB  . GLU B 12 ? 0.4099 0.4025 0.4258 -0.0451 0.0052  -0.0652 24  GLU B CB  
684 C CG  . GLU B 12 ? 0.4182 0.4129 0.4546 -0.0344 -0.0152 -0.0744 24  GLU B CG  
685 C CD  . GLU B 12 ? 0.4153 0.3956 0.4535 -0.0181 -0.0213 -0.0679 24  GLU B CD  
686 O OE1 . GLU B 12 ? 0.4323 0.3940 0.4426 -0.0151 -0.0098 -0.0604 24  GLU B OE1 
687 O OE2 . GLU B 12 ? 0.3930 0.3830 0.4793 -0.0104 -0.0424 -0.0626 24  GLU B OE2 
688 N N   . ILE B 13 ? 0.4857 0.4192 0.4571 -0.0398 -0.0477 -0.0911 25  ILE B N   
689 C CA  . ILE B 13 ? 0.5213 0.4628 0.5049 -0.0411 -0.0815 -0.1144 25  ILE B CA  
690 C C   . ILE B 13 ? 0.5106 0.4891 0.5175 -0.0415 -0.0918 -0.1005 25  ILE B C   
691 O O   . ILE B 13 ? 0.4946 0.4898 0.4941 -0.0306 -0.0843 -0.0774 25  ILE B O   
692 C CB  . ILE B 13 ? 0.5727 0.5210 0.4999 -0.0177 -0.1002 -0.1493 25  ILE B CB  
693 C CG1 . ILE B 13 ? 0.6139 0.5193 0.5717 -0.0178 -0.1194 -0.1914 25  ILE B CG1 
694 C CG2 . ILE B 13 ? 0.6024 0.5980 0.5163 -0.0093 -0.1339 -0.1667 25  ILE B CG2 
695 C CD1 . ILE B 13 ? 0.6250 0.4959 0.5852 -0.0183 -0.0927 -0.1743 25  ILE B CD1 
# 
loop_
_pdbx_poly_seq_scheme.asym_id 
_pdbx_poly_seq_scheme.entity_id 
_pdbx_poly_seq_scheme.seq_id 
_pdbx_poly_seq_scheme.mon_id 
_pdbx_poly_seq_scheme.ndb_seq_num 
_pdbx_poly_seq_scheme.pdb_seq_num 
_pdbx_poly_seq_scheme.auth_seq_num 
_pdbx_poly_seq_scheme.pdb_mon_id 
_pdbx_poly_seq_scheme.auth_mon_id 
_pdbx_poly_seq_scheme.pdb_strand_id 
_pdbx_poly_seq_scheme.pdb_ins_code 
_pdbx_poly_seq_scheme.hetero 
A 1 1  GLY 1  539 ?   ?   ?   A . n 
A 1 2  PRO 2  540 ?   ?   ?   A . n 
A 1 3  LEU 3  541 ?   ?   ?   A . n 
A 1 4  GLY 4  542 ?   ?   ?   A . n 
A 1 5  SER 5  543 ?   ?   ?   A . n 
A 1 6  PRO 6  544 544 PRO PRO A . n 
A 1 7  LEU 7  545 545 LEU LEU A . n 
A 1 8  THR 8  546 546 THR THR A . n 
A 1 9  ALA 9  547 547 ALA ALA A . n 
A 1 10 SER 10 548 548 SER SER A . n 
A 1 11 MET 11 549 549 MET MET A . n 
A 1 12 LEU 12 550 550 LEU LEU A . n 
A 1 13 ALA 13 551 551 ALA ALA A . n 
A 1 14 SER 14 552 552 SER SER A . n 
A 1 15 ALA 15 553 553 ALA ALA A . n 
A 1 16 PRO 16 554 554 PRO PRO A . n 
A 1 17 PRO 17 555 555 PRO PRO A . n 
A 1 18 GLN 18 556 556 GLN GLN A . n 
A 1 19 GLU 19 557 557 GLU GLU A . n 
A 1 20 GLN 20 558 558 GLN GLN A . n 
A 1 21 LYS 21 559 559 LYS LYS A . n 
A 1 22 GLN 22 560 560 GLN GLN A . n 
A 1 23 MET 23 561 561 MET MET A . n 
A 1 24 LEU 24 562 562 LEU LEU A . n 
A 1 25 GLY 25 563 563 GLY GLY A . n 
A 1 26 GLU 26 564 564 GLU GLU A . n 
A 1 27 ARG 27 565 565 ARG ARG A . n 
A 1 28 LEU 28 566 566 LEU LEU A . n 
A 1 29 PHE 29 567 567 PHE PHE A . n 
A 1 30 PRO 30 568 568 PRO PRO A . n 
A 1 31 LEU 31 569 569 LEU LEU A . n 
A 1 32 ILE 32 570 570 ILE ILE A . n 
A 1 33 GLN 33 571 571 GLN GLN A . n 
A 1 34 ALA 34 572 572 ALA ALA A . n 
A 1 35 MET 35 573 573 MET MET A . n 
A 1 36 HIS 36 574 574 HIS HIS A . n 
A 1 37 PRO 37 575 575 PRO PRO A . n 
A 1 38 THR 38 576 576 THR THR A . n 
A 1 39 LEU 39 577 577 LEU LEU A . n 
A 1 40 ALA 40 578 578 ALA ALA A . n 
A 1 41 GLY 41 579 579 GLY GLY A . n 
A 1 42 LYS 42 580 580 LYS LYS A . n 
A 1 43 ILE 43 581 581 ILE ILE A . n 
A 1 44 THR 44 582 582 THR THR A . n 
A 1 45 GLY 45 583 583 GLY GLY A . n 
A 1 46 MET 46 584 584 MET MET A . n 
A 1 47 LEU 47 585 585 LEU LEU A . n 
A 1 48 LEU 48 586 586 LEU LEU A . n 
A 1 49 GLU 49 587 587 GLU GLU A . n 
A 1 50 ILE 50 588 588 ILE ILE A . n 
A 1 51 ASP 51 589 589 ASP ASP A . n 
A 1 52 ASN 52 590 590 ASN ASN A . n 
A 1 53 SER 53 591 591 SER SER A . n 
A 1 54 GLU 54 592 592 GLU GLU A . n 
A 1 55 LEU 55 593 593 LEU LEU A . n 
A 1 56 LEU 56 594 594 LEU LEU A . n 
A 1 57 HIS 57 595 595 HIS HIS A . n 
A 1 58 MET 58 596 596 MET MET A . n 
A 1 59 LEU 59 597 597 LEU LEU A . n 
A 1 60 GLU 60 598 598 GLU GLU A . n 
A 1 61 SER 61 599 599 SER SER A . n 
A 1 62 PRO 62 600 600 PRO PRO A . n 
A 1 63 GLU 63 601 601 GLU GLU A . n 
A 1 64 SER 64 602 602 SER SER A . n 
A 1 65 LEU 65 603 603 LEU LEU A . n 
A 1 66 ARG 66 604 604 ARG ARG A . n 
A 1 67 SER 67 605 605 SER SER A . n 
A 1 68 LYS 68 606 606 LYS LYS A . n 
A 1 69 VAL 69 607 607 VAL VAL A . n 
A 1 70 ASP 70 608 608 ASP ASP A . n 
A 1 71 GLU 71 609 609 GLU GLU A . n 
A 1 72 ALA 72 610 610 ALA ALA A . n 
A 1 73 VAL 73 611 611 VAL VAL A . n 
A 1 74 ALA 74 612 612 ALA ALA A . n 
A 1 75 VAL 75 613 613 VAL VAL A . n 
A 1 76 LEU 76 614 614 LEU LEU A . n 
A 1 77 GLN 77 615 615 GLN GLN A . n 
A 1 78 ALA 78 616 616 ALA ALA A . n 
A 1 79 HIS 79 617 617 HIS HIS A . n 
A 1 80 GLN 80 618 618 GLN GLN A . n 
A 1 81 ALA 81 619 619 ALA ALA A . n 
A 1 82 LYS 82 620 620 LYS LYS A . n 
A 1 83 GLU 83 621 621 GLU GLU A . n 
A 1 84 ALA 84 622 622 ALA ALA A . n 
A 1 85 ALA 85 623 ?   ?   ?   A . n 
A 1 86 GLN 86 624 ?   ?   ?   A . n 
A 1 87 LYS 87 625 ?   ?   ?   A . n 
A 1 88 ALA 88 626 ?   ?   ?   A . n 
B 2 1  THR 1  13  ?   ?   ?   B . n 
B 2 2  GLY 2  14  ?   ?   ?   B . n 
B 2 3  LEU 3  15  15  LEU LEU B . n 
B 2 4  ASN 4  16  16  ASN ASN B . n 
B 2 5  PRO 5  17  17  PRO PRO B . n 
B 2 6  ASN 6  18  18  ASN ASN B . n 
B 2 7  ALA 7  19  19  ALA ALA B . n 
B 2 8  LYS 8  20  20  LYS LYS B . n 
B 2 9  VAL 9  21  21  VAL VAL B . n 
B 2 10 TRP 10 22  22  TRP TRP B . n 
B 2 11 GLN 11 23  23  GLN GLN B . n 
B 2 12 GLU 12 24  24  GLU GLU B . n 
B 2 13 ILE 13 25  25  ILE ILE B . n 
B 2 14 ALA 14 26  ?   ?   ?   B . n 
# 
loop_
_pdbx_nonpoly_scheme.asym_id 
_pdbx_nonpoly_scheme.entity_id 
_pdbx_nonpoly_scheme.mon_id 
_pdbx_nonpoly_scheme.ndb_seq_num 
_pdbx_nonpoly_scheme.pdb_seq_num 
_pdbx_nonpoly_scheme.auth_seq_num 
_pdbx_nonpoly_scheme.pdb_mon_id 
_pdbx_nonpoly_scheme.auth_mon_id 
_pdbx_nonpoly_scheme.pdb_strand_id 
_pdbx_nonpoly_scheme.pdb_ins_code 
C 3 SO4 1  1   1  SO4 SO4 A . 
D 4 IOD 1  627 1  IOD IOD A . 
E 5 HOH 1  3   3  HOH HOH A . 
E 5 HOH 2  4   4  HOH HOH A . 
E 5 HOH 3  5   5  HOH HOH A . 
E 5 HOH 4  6   6  HOH HOH A . 
E 5 HOH 5  7   7  HOH HOH A . 
E 5 HOH 6  8   8  HOH HOH A . 
E 5 HOH 7  9   9  HOH HOH A . 
E 5 HOH 8  10  10 HOH HOH A . 
E 5 HOH 9  11  11 HOH HOH A . 
E 5 HOH 10 13  13 HOH HOH A . 
E 5 HOH 11 16  16 HOH HOH A . 
E 5 HOH 12 17  17 HOH HOH A . 
E 5 HOH 13 18  18 HOH HOH A . 
E 5 HOH 14 19  19 HOH HOH A . 
E 5 HOH 15 20  20 HOH HOH A . 
E 5 HOH 16 21  21 HOH HOH A . 
E 5 HOH 17 22  22 HOH HOH A . 
E 5 HOH 18 24  24 HOH HOH A . 
E 5 HOH 19 28  28 HOH HOH A . 
E 5 HOH 20 29  29 HOH HOH A . 
E 5 HOH 21 31  31 HOH HOH A . 
E 5 HOH 22 32  32 HOH HOH A . 
E 5 HOH 23 33  33 HOH HOH A . 
E 5 HOH 24 34  34 HOH HOH A . 
E 5 HOH 25 35  35 HOH HOH A . 
E 5 HOH 26 43  43 HOH HOH A . 
E 5 HOH 27 44  44 HOH HOH A . 
E 5 HOH 28 46  46 HOH HOH A . 
E 5 HOH 29 48  48 HOH HOH A . 
E 5 HOH 30 49  49 HOH HOH A . 
E 5 HOH 31 50  50 HOH HOH A . 
E 5 HOH 32 51  51 HOH HOH A . 
E 5 HOH 33 52  52 HOH HOH A . 
E 5 HOH 34 53  53 HOH HOH A . 
E 5 HOH 35 628 1  HOH HOH A . 
F 5 HOH 1  12  12 HOH HOH B . 
F 5 HOH 2  27  14 HOH HOH B . 
F 5 HOH 3  28  15 HOH HOH B . 
F 5 HOH 4  29  25 HOH HOH B . 
F 5 HOH 5  30  26 HOH HOH B . 
F 5 HOH 6  36  36 HOH HOH B . 
F 5 HOH 7  54  54 HOH HOH B . 
# 
loop_
_pdbx_struct_assembly.id 
_pdbx_struct_assembly.details 
_pdbx_struct_assembly.method_details 
_pdbx_struct_assembly.oligomeric_details 
_pdbx_struct_assembly.oligomeric_count 
1 author_and_software_defined_assembly PISA dimeric    2 
2 software_defined_assembly            PISA tetrameric 4 
# 
loop_
_pdbx_struct_assembly_gen.assembly_id 
_pdbx_struct_assembly_gen.oper_expression 
_pdbx_struct_assembly_gen.asym_id_list 
1 1   A,B,C,D,E,F 
2 1,2 A,B,C,D,E,F 
# 
loop_
_pdbx_struct_assembly_prop.biol_id 
_pdbx_struct_assembly_prop.type 
_pdbx_struct_assembly_prop.value 
_pdbx_struct_assembly_prop.details 
1 'ABSA (A^2)' 1610 ? 
1 MORE         -20  ? 
1 'SSA (A^2)'  5510 ? 
2 'ABSA (A^2)' 4340 ? 
2 MORE         -54  ? 
2 'SSA (A^2)'  9880 ? 
# 
loop_
_pdbx_struct_oper_list.id 
_pdbx_struct_oper_list.type 
_pdbx_struct_oper_list.name 
_pdbx_struct_oper_list.symmetry_operation 
_pdbx_struct_oper_list.matrix[1][1] 
_pdbx_struct_oper_list.matrix[1][2] 
_pdbx_struct_oper_list.matrix[1][3] 
_pdbx_struct_oper_list.vector[1] 
_pdbx_struct_oper_list.matrix[2][1] 
_pdbx_struct_oper_list.matrix[2][2] 
_pdbx_struct_oper_list.matrix[2][3] 
_pdbx_struct_oper_list.vector[2] 
_pdbx_struct_oper_list.matrix[3][1] 
_pdbx_struct_oper_list.matrix[3][2] 
_pdbx_struct_oper_list.matrix[3][3] 
_pdbx_struct_oper_list.vector[3] 
1 'identity operation'         1_555 x,y,z     1.0000000000  0.0000000000 0.0000000000 0.0000000000  0.0000000000 1.0000000000  0.0000000000 0.0000000000   0.0000000000 0.0000000000 1.0000000000 0.0000000000  
2 'crystal symmetry operation' 2_556 -x,y,-z+1 -0.7939076014 0.0467753901 0.6062365737 21.0043726540 0.0467753901 -0.9893837078 0.1375933922 -10.7710766002 0.6062365737 0.1375933922 0.7832913092 -6.3094514544 
# 
loop_
_pdbx_audit_revision_history.ordinal 
_pdbx_audit_revision_history.data_content_type 
_pdbx_audit_revision_history.major_revision 
_pdbx_audit_revision_history.minor_revision 
_pdbx_audit_revision_history.revision_date 
1 'Structure model' 1 0 2011-01-12 
2 'Structure model' 1 1 2011-07-13 
3 'Structure model' 1 2 2023-09-06 
# 
_pdbx_audit_revision_details.ordinal             1 
_pdbx_audit_revision_details.revision_ordinal    1 
_pdbx_audit_revision_details.data_content_type   'Structure model' 
_pdbx_audit_revision_details.provider            repository 
_pdbx_audit_revision_details.type                'Initial release' 
_pdbx_audit_revision_details.description         ? 
_pdbx_audit_revision_details.details             ? 
# 
loop_
_pdbx_audit_revision_group.ordinal 
_pdbx_audit_revision_group.revision_ordinal 
_pdbx_audit_revision_group.data_content_type 
_pdbx_audit_revision_group.group 
1 2 'Structure model' 'Version format compliance' 
2 3 'Structure model' 'Data collection'           
3 3 'Structure model' 'Database references'       
4 3 'Structure model' 'Derived calculations'      
5 3 'Structure model' 'Refinement description'    
# 
loop_
_pdbx_audit_revision_category.ordinal 
_pdbx_audit_revision_category.revision_ordinal 
_pdbx_audit_revision_category.data_content_type 
_pdbx_audit_revision_category.category 
1 3 'Structure model' chem_comp_atom                
2 3 'Structure model' chem_comp_bond                
3 3 'Structure model' database_2                    
4 3 'Structure model' pdbx_initial_refinement_model 
5 3 'Structure model' struct_ref_seq_dif            
6 3 'Structure model' struct_site                   
# 
loop_
_pdbx_audit_revision_item.ordinal 
_pdbx_audit_revision_item.revision_ordinal 
_pdbx_audit_revision_item.data_content_type 
_pdbx_audit_revision_item.item 
1 3 'Structure model' '_database_2.pdbx_DOI'                
2 3 'Structure model' '_database_2.pdbx_database_accession' 
3 3 'Structure model' '_struct_ref_seq_dif.details'         
4 3 'Structure model' '_struct_site.pdbx_auth_asym_id'      
5 3 'Structure model' '_struct_site.pdbx_auth_comp_id'      
6 3 'Structure model' '_struct_site.pdbx_auth_seq_id'       
# 
loop_
_pdbx_refine_tls.pdbx_refine_id 
_pdbx_refine_tls.id 
_pdbx_refine_tls.details 
_pdbx_refine_tls.method 
_pdbx_refine_tls.origin_x 
_pdbx_refine_tls.origin_y 
_pdbx_refine_tls.origin_z 
_pdbx_refine_tls.T[1][1] 
_pdbx_refine_tls.T[2][2] 
_pdbx_refine_tls.T[3][3] 
_pdbx_refine_tls.T[1][2] 
_pdbx_refine_tls.T[1][3] 
_pdbx_refine_tls.T[2][3] 
_pdbx_refine_tls.L[1][1] 
_pdbx_refine_tls.L[2][2] 
_pdbx_refine_tls.L[3][3] 
_pdbx_refine_tls.L[1][2] 
_pdbx_refine_tls.L[1][3] 
_pdbx_refine_tls.L[2][3] 
_pdbx_refine_tls.S[1][1] 
_pdbx_refine_tls.S[1][2] 
_pdbx_refine_tls.S[1][3] 
_pdbx_refine_tls.S[2][1] 
_pdbx_refine_tls.S[2][2] 
_pdbx_refine_tls.S[2][3] 
_pdbx_refine_tls.S[3][1] 
_pdbx_refine_tls.S[3][2] 
_pdbx_refine_tls.S[3][3] 
'X-RAY DIFFRACTION' 1 ? refined -0.6276 -2.4984 16.0424 0.0410 0.0157  -0.0043 -0.0184 0.0146  0.0077  7.5518  24.9859 3.0569  -5.1256 -1.9755  3.2958   -0.0168 -0.1220 0.3464  0.0983  -0.0913 -0.2912 -0.1481 0.1824  0.1080  
'X-RAY DIFFRACTION' 2 ? refined 1.2620  1.8700  9.8545  0.0662 0.0308  0.0173  -0.0267 -0.0207 -0.0003 18.3919 8.6855  10.5607 -4.3725 -10.3532 3.3828   -0.0873 -0.6009 0.1586  0.3261  0.0510  0.0248  -0.0330 0.3179  0.0361  
'X-RAY DIFFRACTION' 3 ? refined 5.0582  1.6218  -3.9830 0.0512 0.0130  0.0559  0.0153  -0.0028 -0.0044 5.5000  1.2722  1.9291  -0.9239 -1.9343  1.2070   0.1156  0.1119  -0.2441 -0.1265 -0.2196 0.0434  -0.1601 -0.1512 0.1040  
'X-RAY DIFFRACTION' 4 ? refined -4.0586 -4.9942 4.2954  0.0238 0.0602  0.0414  -0.0629 0.0180  -0.0872 8.2835  6.0139  5.2428  -0.9615 0.3313   -3.4615  -0.1383 0.2640  -0.0963 -0.2233 -0.1287 0.3013  0.3163  -0.4447 0.2671  
'X-RAY DIFFRACTION' 5 ? refined -1.9733 -1.6629 -9.6388 0.0221 0.0764  0.0901  0.0000  -0.0196 -0.0706 5.1325  17.3684 12.7169 -6.5853 5.9907   -13.5351 -0.1125 -0.0476 0.1917  0.0182  0.1181  0.2527  -0.1620 -0.2002 -0.0057 
'X-RAY DIFFRACTION' 6 ? refined -5.3865 7.3862  -4.5327 0.0876 -0.0043 0.0056  0.1049  0.0201  -0.0297 18.9737 5.5843  17.3334 9.1943  9.3036   3.4842   0.2666  -0.5867 0.2658  -0.2707 -0.3987 0.2715  -0.5511 -1.2822 0.1320  
'X-RAY DIFFRACTION' 7 ? refined 6.3056  7.8682  4.1891  0.0986 0.0027  0.0399  -0.0389 0.0081  -0.0575 24.9515 5.5349  5.0719  -2.4184 7.0611   -1.8773  -0.2858 -0.0635 0.7897  0.4560  0.2164  -0.6953 -0.4929 0.4023  0.0694 
# 
loop_
_pdbx_refine_tls_group.pdbx_refine_id 
_pdbx_refine_tls_group.id 
_pdbx_refine_tls_group.refine_tls_id 
_pdbx_refine_tls_group.beg_auth_asym_id 
_pdbx_refine_tls_group.beg_auth_seq_id 
_pdbx_refine_tls_group.beg_label_asym_id 
_pdbx_refine_tls_group.beg_label_seq_id 
_pdbx_refine_tls_group.end_auth_asym_id 
_pdbx_refine_tls_group.end_auth_seq_id 
_pdbx_refine_tls_group.end_label_asym_id 
_pdbx_refine_tls_group.end_label_seq_id 
_pdbx_refine_tls_group.selection 
_pdbx_refine_tls_group.selection_details 
'X-RAY DIFFRACTION' 1 1 A 544 ? ? A 556 ? ? ? ? 
'X-RAY DIFFRACTION' 2 2 A 557 ? ? A 565 ? ? ? ? 
'X-RAY DIFFRACTION' 3 3 A 566 ? ? A 585 ? ? ? ? 
'X-RAY DIFFRACTION' 4 4 A 586 ? ? A 597 ? ? ? ? 
'X-RAY DIFFRACTION' 5 5 A 598 ? ? A 622 ? ? ? ? 
'X-RAY DIFFRACTION' 6 6 B 15  ? ? B 21  ? ? ? ? 
'X-RAY DIFFRACTION' 7 7 B 22  ? ? B 25  ? ? ? ? 
# 
loop_
_software.name 
_software.classification 
_software.version 
_software.citation_id 
_software.pdbx_ordinal 
ADSC     'data collection' Quantum  ? 1 
PHASER   phasing           .        ? 2 
REFMAC   refinement        5.2.0019 ? 3 
HKL-2000 'data reduction'  .        ? 4 
HKL-2000 'data scaling'    .        ? 5 
# 
loop_
_pdbx_unobs_or_zero_occ_residues.id 
_pdbx_unobs_or_zero_occ_residues.PDB_model_num 
_pdbx_unobs_or_zero_occ_residues.polymer_flag 
_pdbx_unobs_or_zero_occ_residues.occupancy_flag 
_pdbx_unobs_or_zero_occ_residues.auth_asym_id 
_pdbx_unobs_or_zero_occ_residues.auth_comp_id 
_pdbx_unobs_or_zero_occ_residues.auth_seq_id 
_pdbx_unobs_or_zero_occ_residues.PDB_ins_code 
_pdbx_unobs_or_zero_occ_residues.label_asym_id 
_pdbx_unobs_or_zero_occ_residues.label_comp_id 
_pdbx_unobs_or_zero_occ_residues.label_seq_id 
1  1 Y 1 A GLY 539 ? A GLY 1  
2  1 Y 1 A PRO 540 ? A PRO 2  
3  1 Y 1 A LEU 541 ? A LEU 3  
4  1 Y 1 A GLY 542 ? A GLY 4  
5  1 Y 1 A SER 543 ? A SER 5  
6  1 Y 1 A ALA 623 ? A ALA 85 
7  1 Y 1 A GLN 624 ? A GLN 86 
8  1 Y 1 A LYS 625 ? A LYS 87 
9  1 Y 1 A ALA 626 ? A ALA 88 
10 1 Y 1 B THR 13  ? B THR 1  
11 1 Y 1 B GLY 14  ? B GLY 2  
12 1 Y 1 B ALA 26  ? B ALA 14 
# 
loop_
_chem_comp_atom.comp_id 
_chem_comp_atom.atom_id 
_chem_comp_atom.type_symbol 
_chem_comp_atom.pdbx_aromatic_flag 
_chem_comp_atom.pdbx_stereo_config 
_chem_comp_atom.pdbx_ordinal 
ALA N    N N N 1   
ALA CA   C N S 2   
ALA C    C N N 3   
ALA O    O N N 4   
ALA CB   C N N 5   
ALA OXT  O N N 6   
ALA H    H N N 7   
ALA H2   H N N 8   
ALA HA   H N N 9   
ALA HB1  H N N 10  
ALA HB2  H N N 11  
ALA HB3  H N N 12  
ALA HXT  H N N 13  
ARG N    N N N 14  
ARG CA   C N S 15  
ARG C    C N N 16  
ARG O    O N N 17  
ARG CB   C N N 18  
ARG CG   C N N 19  
ARG CD   C N N 20  
ARG NE   N N N 21  
ARG CZ   C N N 22  
ARG NH1  N N N 23  
ARG NH2  N N N 24  
ARG OXT  O N N 25  
ARG H    H N N 26  
ARG H2   H N N 27  
ARG HA   H N N 28  
ARG HB2  H N N 29  
ARG HB3  H N N 30  
ARG HG2  H N N 31  
ARG HG3  H N N 32  
ARG HD2  H N N 33  
ARG HD3  H N N 34  
ARG HE   H N N 35  
ARG HH11 H N N 36  
ARG HH12 H N N 37  
ARG HH21 H N N 38  
ARG HH22 H N N 39  
ARG HXT  H N N 40  
ASN N    N N N 41  
ASN CA   C N S 42  
ASN C    C N N 43  
ASN O    O N N 44  
ASN CB   C N N 45  
ASN CG   C N N 46  
ASN OD1  O N N 47  
ASN ND2  N N N 48  
ASN OXT  O N N 49  
ASN H    H N N 50  
ASN H2   H N N 51  
ASN HA   H N N 52  
ASN HB2  H N N 53  
ASN HB3  H N N 54  
ASN HD21 H N N 55  
ASN HD22 H N N 56  
ASN HXT  H N N 57  
ASP N    N N N 58  
ASP CA   C N S 59  
ASP C    C N N 60  
ASP O    O N N 61  
ASP CB   C N N 62  
ASP CG   C N N 63  
ASP OD1  O N N 64  
ASP OD2  O N N 65  
ASP OXT  O N N 66  
ASP H    H N N 67  
ASP H2   H N N 68  
ASP HA   H N N 69  
ASP HB2  H N N 70  
ASP HB3  H N N 71  
ASP HD2  H N N 72  
ASP HXT  H N N 73  
GLN N    N N N 74  
GLN CA   C N S 75  
GLN C    C N N 76  
GLN O    O N N 77  
GLN CB   C N N 78  
GLN CG   C N N 79  
GLN CD   C N N 80  
GLN OE1  O N N 81  
GLN NE2  N N N 82  
GLN OXT  O N N 83  
GLN H    H N N 84  
GLN H2   H N N 85  
GLN HA   H N N 86  
GLN HB2  H N N 87  
GLN HB3  H N N 88  
GLN HG2  H N N 89  
GLN HG3  H N N 90  
GLN HE21 H N N 91  
GLN HE22 H N N 92  
GLN HXT  H N N 93  
GLU N    N N N 94  
GLU CA   C N S 95  
GLU C    C N N 96  
GLU O    O N N 97  
GLU CB   C N N 98  
GLU CG   C N N 99  
GLU CD   C N N 100 
GLU OE1  O N N 101 
GLU OE2  O N N 102 
GLU OXT  O N N 103 
GLU H    H N N 104 
GLU H2   H N N 105 
GLU HA   H N N 106 
GLU HB2  H N N 107 
GLU HB3  H N N 108 
GLU HG2  H N N 109 
GLU HG3  H N N 110 
GLU HE2  H N N 111 
GLU HXT  H N N 112 
GLY N    N N N 113 
GLY CA   C N N 114 
GLY C    C N N 115 
GLY O    O N N 116 
GLY OXT  O N N 117 
GLY H    H N N 118 
GLY H2   H N N 119 
GLY HA2  H N N 120 
GLY HA3  H N N 121 
GLY HXT  H N N 122 
HIS N    N N N 123 
HIS CA   C N S 124 
HIS C    C N N 125 
HIS O    O N N 126 
HIS CB   C N N 127 
HIS CG   C Y N 128 
HIS ND1  N Y N 129 
HIS CD2  C Y N 130 
HIS CE1  C Y N 131 
HIS NE2  N Y N 132 
HIS OXT  O N N 133 
HIS H    H N N 134 
HIS H2   H N N 135 
HIS HA   H N N 136 
HIS HB2  H N N 137 
HIS HB3  H N N 138 
HIS HD1  H N N 139 
HIS HD2  H N N 140 
HIS HE1  H N N 141 
HIS HE2  H N N 142 
HIS HXT  H N N 143 
HOH O    O N N 144 
HOH H1   H N N 145 
HOH H2   H N N 146 
ILE N    N N N 147 
ILE CA   C N S 148 
ILE C    C N N 149 
ILE O    O N N 150 
ILE CB   C N S 151 
ILE CG1  C N N 152 
ILE CG2  C N N 153 
ILE CD1  C N N 154 
ILE OXT  O N N 155 
ILE H    H N N 156 
ILE H2   H N N 157 
ILE HA   H N N 158 
ILE HB   H N N 159 
ILE HG12 H N N 160 
ILE HG13 H N N 161 
ILE HG21 H N N 162 
ILE HG22 H N N 163 
ILE HG23 H N N 164 
ILE HD11 H N N 165 
ILE HD12 H N N 166 
ILE HD13 H N N 167 
ILE HXT  H N N 168 
IOD I    I N N 169 
LEU N    N N N 170 
LEU CA   C N S 171 
LEU C    C N N 172 
LEU O    O N N 173 
LEU CB   C N N 174 
LEU CG   C N N 175 
LEU CD1  C N N 176 
LEU CD2  C N N 177 
LEU OXT  O N N 178 
LEU H    H N N 179 
LEU H2   H N N 180 
LEU HA   H N N 181 
LEU HB2  H N N 182 
LEU HB3  H N N 183 
LEU HG   H N N 184 
LEU HD11 H N N 185 
LEU HD12 H N N 186 
LEU HD13 H N N 187 
LEU HD21 H N N 188 
LEU HD22 H N N 189 
LEU HD23 H N N 190 
LEU HXT  H N N 191 
LYS N    N N N 192 
LYS CA   C N S 193 
LYS C    C N N 194 
LYS O    O N N 195 
LYS CB   C N N 196 
LYS CG   C N N 197 
LYS CD   C N N 198 
LYS CE   C N N 199 
LYS NZ   N N N 200 
LYS OXT  O N N 201 
LYS H    H N N 202 
LYS H2   H N N 203 
LYS HA   H N N 204 
LYS HB2  H N N 205 
LYS HB3  H N N 206 
LYS HG2  H N N 207 
LYS HG3  H N N 208 
LYS HD2  H N N 209 
LYS HD3  H N N 210 
LYS HE2  H N N 211 
LYS HE3  H N N 212 
LYS HZ1  H N N 213 
LYS HZ2  H N N 214 
LYS HZ3  H N N 215 
LYS HXT  H N N 216 
MET N    N N N 217 
MET CA   C N S 218 
MET C    C N N 219 
MET O    O N N 220 
MET CB   C N N 221 
MET CG   C N N 222 
MET SD   S N N 223 
MET CE   C N N 224 
MET OXT  O N N 225 
MET H    H N N 226 
MET H2   H N N 227 
MET HA   H N N 228 
MET HB2  H N N 229 
MET HB3  H N N 230 
MET HG2  H N N 231 
MET HG3  H N N 232 
MET HE1  H N N 233 
MET HE2  H N N 234 
MET HE3  H N N 235 
MET HXT  H N N 236 
PHE N    N N N 237 
PHE CA   C N S 238 
PHE C    C N N 239 
PHE O    O N N 240 
PHE CB   C N N 241 
PHE CG   C Y N 242 
PHE CD1  C Y N 243 
PHE CD2  C Y N 244 
PHE CE1  C Y N 245 
PHE CE2  C Y N 246 
PHE CZ   C Y N 247 
PHE OXT  O N N 248 
PHE H    H N N 249 
PHE H2   H N N 250 
PHE HA   H N N 251 
PHE HB2  H N N 252 
PHE HB3  H N N 253 
PHE HD1  H N N 254 
PHE HD2  H N N 255 
PHE HE1  H N N 256 
PHE HE2  H N N 257 
PHE HZ   H N N 258 
PHE HXT  H N N 259 
PRO N    N N N 260 
PRO CA   C N S 261 
PRO C    C N N 262 
PRO O    O N N 263 
PRO CB   C N N 264 
PRO CG   C N N 265 
PRO CD   C N N 266 
PRO OXT  O N N 267 
PRO H    H N N 268 
PRO HA   H N N 269 
PRO HB2  H N N 270 
PRO HB3  H N N 271 
PRO HG2  H N N 272 
PRO HG3  H N N 273 
PRO HD2  H N N 274 
PRO HD3  H N N 275 
PRO HXT  H N N 276 
SER N    N N N 277 
SER CA   C N S 278 
SER C    C N N 279 
SER O    O N N 280 
SER CB   C N N 281 
SER OG   O N N 282 
SER OXT  O N N 283 
SER H    H N N 284 
SER H2   H N N 285 
SER HA   H N N 286 
SER HB2  H N N 287 
SER HB3  H N N 288 
SER HG   H N N 289 
SER HXT  H N N 290 
SO4 S    S N N 291 
SO4 O1   O N N 292 
SO4 O2   O N N 293 
SO4 O3   O N N 294 
SO4 O4   O N N 295 
THR N    N N N 296 
THR CA   C N S 297 
THR C    C N N 298 
THR O    O N N 299 
THR CB   C N R 300 
THR OG1  O N N 301 
THR CG2  C N N 302 
THR OXT  O N N 303 
THR H    H N N 304 
THR H2   H N N 305 
THR HA   H N N 306 
THR HB   H N N 307 
THR HG1  H N N 308 
THR HG21 H N N 309 
THR HG22 H N N 310 
THR HG23 H N N 311 
THR HXT  H N N 312 
TRP N    N N N 313 
TRP CA   C N S 314 
TRP C    C N N 315 
TRP O    O N N 316 
TRP CB   C N N 317 
TRP CG   C Y N 318 
TRP CD1  C Y N 319 
TRP CD2  C Y N 320 
TRP NE1  N Y N 321 
TRP CE2  C Y N 322 
TRP CE3  C Y N 323 
TRP CZ2  C Y N 324 
TRP CZ3  C Y N 325 
TRP CH2  C Y N 326 
TRP OXT  O N N 327 
TRP H    H N N 328 
TRP H2   H N N 329 
TRP HA   H N N 330 
TRP HB2  H N N 331 
TRP HB3  H N N 332 
TRP HD1  H N N 333 
TRP HE1  H N N 334 
TRP HE3  H N N 335 
TRP HZ2  H N N 336 
TRP HZ3  H N N 337 
TRP HH2  H N N 338 
TRP HXT  H N N 339 
VAL N    N N N 340 
VAL CA   C N S 341 
VAL C    C N N 342 
VAL O    O N N 343 
VAL CB   C N N 344 
VAL CG1  C N N 345 
VAL CG2  C N N 346 
VAL OXT  O N N 347 
VAL H    H N N 348 
VAL H2   H N N 349 
VAL HA   H N N 350 
VAL HB   H N N 351 
VAL HG11 H N N 352 
VAL HG12 H N N 353 
VAL HG13 H N N 354 
VAL HG21 H N N 355 
VAL HG22 H N N 356 
VAL HG23 H N N 357 
VAL HXT  H N N 358 
# 
loop_
_chem_comp_bond.comp_id 
_chem_comp_bond.atom_id_1 
_chem_comp_bond.atom_id_2 
_chem_comp_bond.value_order 
_chem_comp_bond.pdbx_aromatic_flag 
_chem_comp_bond.pdbx_stereo_config 
_chem_comp_bond.pdbx_ordinal 
ALA N   CA   sing N N 1   
ALA N   H    sing N N 2   
ALA N   H2   sing N N 3   
ALA CA  C    sing N N 4   
ALA CA  CB   sing N N 5   
ALA CA  HA   sing N N 6   
ALA C   O    doub N N 7   
ALA C   OXT  sing N N 8   
ALA CB  HB1  sing N N 9   
ALA CB  HB2  sing N N 10  
ALA CB  HB3  sing N N 11  
ALA OXT HXT  sing N N 12  
ARG N   CA   sing N N 13  
ARG N   H    sing N N 14  
ARG N   H2   sing N N 15  
ARG CA  C    sing N N 16  
ARG CA  CB   sing N N 17  
ARG CA  HA   sing N N 18  
ARG C   O    doub N N 19  
ARG C   OXT  sing N N 20  
ARG CB  CG   sing N N 21  
ARG CB  HB2  sing N N 22  
ARG CB  HB3  sing N N 23  
ARG CG  CD   sing N N 24  
ARG CG  HG2  sing N N 25  
ARG CG  HG3  sing N N 26  
ARG CD  NE   sing N N 27  
ARG CD  HD2  sing N N 28  
ARG CD  HD3  sing N N 29  
ARG NE  CZ   sing N N 30  
ARG NE  HE   sing N N 31  
ARG CZ  NH1  sing N N 32  
ARG CZ  NH2  doub N N 33  
ARG NH1 HH11 sing N N 34  
ARG NH1 HH12 sing N N 35  
ARG NH2 HH21 sing N N 36  
ARG NH2 HH22 sing N N 37  
ARG OXT HXT  sing N N 38  
ASN N   CA   sing N N 39  
ASN N   H    sing N N 40  
ASN N   H2   sing N N 41  
ASN CA  C    sing N N 42  
ASN CA  CB   sing N N 43  
ASN CA  HA   sing N N 44  
ASN C   O    doub N N 45  
ASN C   OXT  sing N N 46  
ASN CB  CG   sing N N 47  
ASN CB  HB2  sing N N 48  
ASN CB  HB3  sing N N 49  
ASN CG  OD1  doub N N 50  
ASN CG  ND2  sing N N 51  
ASN ND2 HD21 sing N N 52  
ASN ND2 HD22 sing N N 53  
ASN OXT HXT  sing N N 54  
ASP N   CA   sing N N 55  
ASP N   H    sing N N 56  
ASP N   H2   sing N N 57  
ASP CA  C    sing N N 58  
ASP CA  CB   sing N N 59  
ASP CA  HA   sing N N 60  
ASP C   O    doub N N 61  
ASP C   OXT  sing N N 62  
ASP CB  CG   sing N N 63  
ASP CB  HB2  sing N N 64  
ASP CB  HB3  sing N N 65  
ASP CG  OD1  doub N N 66  
ASP CG  OD2  sing N N 67  
ASP OD2 HD2  sing N N 68  
ASP OXT HXT  sing N N 69  
GLN N   CA   sing N N 70  
GLN N   H    sing N N 71  
GLN N   H2   sing N N 72  
GLN CA  C    sing N N 73  
GLN CA  CB   sing N N 74  
GLN CA  HA   sing N N 75  
GLN C   O    doub N N 76  
GLN C   OXT  sing N N 77  
GLN CB  CG   sing N N 78  
GLN CB  HB2  sing N N 79  
GLN CB  HB3  sing N N 80  
GLN CG  CD   sing N N 81  
GLN CG  HG2  sing N N 82  
GLN CG  HG3  sing N N 83  
GLN CD  OE1  doub N N 84  
GLN CD  NE2  sing N N 85  
GLN NE2 HE21 sing N N 86  
GLN NE2 HE22 sing N N 87  
GLN OXT HXT  sing N N 88  
GLU N   CA   sing N N 89  
GLU N   H    sing N N 90  
GLU N   H2   sing N N 91  
GLU CA  C    sing N N 92  
GLU CA  CB   sing N N 93  
GLU CA  HA   sing N N 94  
GLU C   O    doub N N 95  
GLU C   OXT  sing N N 96  
GLU CB  CG   sing N N 97  
GLU CB  HB2  sing N N 98  
GLU CB  HB3  sing N N 99  
GLU CG  CD   sing N N 100 
GLU CG  HG2  sing N N 101 
GLU CG  HG3  sing N N 102 
GLU CD  OE1  doub N N 103 
GLU CD  OE2  sing N N 104 
GLU OE2 HE2  sing N N 105 
GLU OXT HXT  sing N N 106 
GLY N   CA   sing N N 107 
GLY N   H    sing N N 108 
GLY N   H2   sing N N 109 
GLY CA  C    sing N N 110 
GLY CA  HA2  sing N N 111 
GLY CA  HA3  sing N N 112 
GLY C   O    doub N N 113 
GLY C   OXT  sing N N 114 
GLY OXT HXT  sing N N 115 
HIS N   CA   sing N N 116 
HIS N   H    sing N N 117 
HIS N   H2   sing N N 118 
HIS CA  C    sing N N 119 
HIS CA  CB   sing N N 120 
HIS CA  HA   sing N N 121 
HIS C   O    doub N N 122 
HIS C   OXT  sing N N 123 
HIS CB  CG   sing N N 124 
HIS CB  HB2  sing N N 125 
HIS CB  HB3  sing N N 126 
HIS CG  ND1  sing Y N 127 
HIS CG  CD2  doub Y N 128 
HIS ND1 CE1  doub Y N 129 
HIS ND1 HD1  sing N N 130 
HIS CD2 NE2  sing Y N 131 
HIS CD2 HD2  sing N N 132 
HIS CE1 NE2  sing Y N 133 
HIS CE1 HE1  sing N N 134 
HIS NE2 HE2  sing N N 135 
HIS OXT HXT  sing N N 136 
HOH O   H1   sing N N 137 
HOH O   H2   sing N N 138 
ILE N   CA   sing N N 139 
ILE N   H    sing N N 140 
ILE N   H2   sing N N 141 
ILE CA  C    sing N N 142 
ILE CA  CB   sing N N 143 
ILE CA  HA   sing N N 144 
ILE C   O    doub N N 145 
ILE C   OXT  sing N N 146 
ILE CB  CG1  sing N N 147 
ILE CB  CG2  sing N N 148 
ILE CB  HB   sing N N 149 
ILE CG1 CD1  sing N N 150 
ILE CG1 HG12 sing N N 151 
ILE CG1 HG13 sing N N 152 
ILE CG2 HG21 sing N N 153 
ILE CG2 HG22 sing N N 154 
ILE CG2 HG23 sing N N 155 
ILE CD1 HD11 sing N N 156 
ILE CD1 HD12 sing N N 157 
ILE CD1 HD13 sing N N 158 
ILE OXT HXT  sing N N 159 
LEU N   CA   sing N N 160 
LEU N   H    sing N N 161 
LEU N   H2   sing N N 162 
LEU CA  C    sing N N 163 
LEU CA  CB   sing N N 164 
LEU CA  HA   sing N N 165 
LEU C   O    doub N N 166 
LEU C   OXT  sing N N 167 
LEU CB  CG   sing N N 168 
LEU CB  HB2  sing N N 169 
LEU CB  HB3  sing N N 170 
LEU CG  CD1  sing N N 171 
LEU CG  CD2  sing N N 172 
LEU CG  HG   sing N N 173 
LEU CD1 HD11 sing N N 174 
LEU CD1 HD12 sing N N 175 
LEU CD1 HD13 sing N N 176 
LEU CD2 HD21 sing N N 177 
LEU CD2 HD22 sing N N 178 
LEU CD2 HD23 sing N N 179 
LEU OXT HXT  sing N N 180 
LYS N   CA   sing N N 181 
LYS N   H    sing N N 182 
LYS N   H2   sing N N 183 
LYS CA  C    sing N N 184 
LYS CA  CB   sing N N 185 
LYS CA  HA   sing N N 186 
LYS C   O    doub N N 187 
LYS C   OXT  sing N N 188 
LYS CB  CG   sing N N 189 
LYS CB  HB2  sing N N 190 
LYS CB  HB3  sing N N 191 
LYS CG  CD   sing N N 192 
LYS CG  HG2  sing N N 193 
LYS CG  HG3  sing N N 194 
LYS CD  CE   sing N N 195 
LYS CD  HD2  sing N N 196 
LYS CD  HD3  sing N N 197 
LYS CE  NZ   sing N N 198 
LYS CE  HE2  sing N N 199 
LYS CE  HE3  sing N N 200 
LYS NZ  HZ1  sing N N 201 
LYS NZ  HZ2  sing N N 202 
LYS NZ  HZ3  sing N N 203 
LYS OXT HXT  sing N N 204 
MET N   CA   sing N N 205 
MET N   H    sing N N 206 
MET N   H2   sing N N 207 
MET CA  C    sing N N 208 
MET CA  CB   sing N N 209 
MET CA  HA   sing N N 210 
MET C   O    doub N N 211 
MET C   OXT  sing N N 212 
MET CB  CG   sing N N 213 
MET CB  HB2  sing N N 214 
MET CB  HB3  sing N N 215 
MET CG  SD   sing N N 216 
MET CG  HG2  sing N N 217 
MET CG  HG3  sing N N 218 
MET SD  CE   sing N N 219 
MET CE  HE1  sing N N 220 
MET CE  HE2  sing N N 221 
MET CE  HE3  sing N N 222 
MET OXT HXT  sing N N 223 
PHE N   CA   sing N N 224 
PHE N   H    sing N N 225 
PHE N   H2   sing N N 226 
PHE CA  C    sing N N 227 
PHE CA  CB   sing N N 228 
PHE CA  HA   sing N N 229 
PHE C   O    doub N N 230 
PHE C   OXT  sing N N 231 
PHE CB  CG   sing N N 232 
PHE CB  HB2  sing N N 233 
PHE CB  HB3  sing N N 234 
PHE CG  CD1  doub Y N 235 
PHE CG  CD2  sing Y N 236 
PHE CD1 CE1  sing Y N 237 
PHE CD1 HD1  sing N N 238 
PHE CD2 CE2  doub Y N 239 
PHE CD2 HD2  sing N N 240 
PHE CE1 CZ   doub Y N 241 
PHE CE1 HE1  sing N N 242 
PHE CE2 CZ   sing Y N 243 
PHE CE2 HE2  sing N N 244 
PHE CZ  HZ   sing N N 245 
PHE OXT HXT  sing N N 246 
PRO N   CA   sing N N 247 
PRO N   CD   sing N N 248 
PRO N   H    sing N N 249 
PRO CA  C    sing N N 250 
PRO CA  CB   sing N N 251 
PRO CA  HA   sing N N 252 
PRO C   O    doub N N 253 
PRO C   OXT  sing N N 254 
PRO CB  CG   sing N N 255 
PRO CB  HB2  sing N N 256 
PRO CB  HB3  sing N N 257 
PRO CG  CD   sing N N 258 
PRO CG  HG2  sing N N 259 
PRO CG  HG3  sing N N 260 
PRO CD  HD2  sing N N 261 
PRO CD  HD3  sing N N 262 
PRO OXT HXT  sing N N 263 
SER N   CA   sing N N 264 
SER N   H    sing N N 265 
SER N   H2   sing N N 266 
SER CA  C    sing N N 267 
SER CA  CB   sing N N 268 
SER CA  HA   sing N N 269 
SER C   O    doub N N 270 
SER C   OXT  sing N N 271 
SER CB  OG   sing N N 272 
SER CB  HB2  sing N N 273 
SER CB  HB3  sing N N 274 
SER OG  HG   sing N N 275 
SER OXT HXT  sing N N 276 
SO4 S   O1   doub N N 277 
SO4 S   O2   doub N N 278 
SO4 S   O3   sing N N 279 
SO4 S   O4   sing N N 280 
THR N   CA   sing N N 281 
THR N   H    sing N N 282 
THR N   H2   sing N N 283 
THR CA  C    sing N N 284 
THR CA  CB   sing N N 285 
THR CA  HA   sing N N 286 
THR C   O    doub N N 287 
THR C   OXT  sing N N 288 
THR CB  OG1  sing N N 289 
THR CB  CG2  sing N N 290 
THR CB  HB   sing N N 291 
THR OG1 HG1  sing N N 292 
THR CG2 HG21 sing N N 293 
THR CG2 HG22 sing N N 294 
THR CG2 HG23 sing N N 295 
THR OXT HXT  sing N N 296 
TRP N   CA   sing N N 297 
TRP N   H    sing N N 298 
TRP N   H2   sing N N 299 
TRP CA  C    sing N N 300 
TRP CA  CB   sing N N 301 
TRP CA  HA   sing N N 302 
TRP C   O    doub N N 303 
TRP C   OXT  sing N N 304 
TRP CB  CG   sing N N 305 
TRP CB  HB2  sing N N 306 
TRP CB  HB3  sing N N 307 
TRP CG  CD1  doub Y N 308 
TRP CG  CD2  sing Y N 309 
TRP CD1 NE1  sing Y N 310 
TRP CD1 HD1  sing N N 311 
TRP CD2 CE2  doub Y N 312 
TRP CD2 CE3  sing Y N 313 
TRP NE1 CE2  sing Y N 314 
TRP NE1 HE1  sing N N 315 
TRP CE2 CZ2  sing Y N 316 
TRP CE3 CZ3  doub Y N 317 
TRP CE3 HE3  sing N N 318 
TRP CZ2 CH2  doub Y N 319 
TRP CZ2 HZ2  sing N N 320 
TRP CZ3 CH2  sing Y N 321 
TRP CZ3 HZ3  sing N N 322 
TRP CH2 HH2  sing N N 323 
TRP OXT HXT  sing N N 324 
VAL N   CA   sing N N 325 
VAL N   H    sing N N 326 
VAL N   H2   sing N N 327 
VAL CA  C    sing N N 328 
VAL CA  CB   sing N N 329 
VAL CA  HA   sing N N 330 
VAL C   O    doub N N 331 
VAL C   OXT  sing N N 332 
VAL CB  CG1  sing N N 333 
VAL CB  CG2  sing N N 334 
VAL CB  HB   sing N N 335 
VAL CG1 HG11 sing N N 336 
VAL CG1 HG12 sing N N 337 
VAL CG1 HG13 sing N N 338 
VAL CG2 HG21 sing N N 339 
VAL CG2 HG22 sing N N 340 
VAL CG2 HG23 sing N N 341 
VAL OXT HXT  sing N N 342 
# 
loop_
_pdbx_entity_nonpoly.entity_id 
_pdbx_entity_nonpoly.name 
_pdbx_entity_nonpoly.comp_id 
3 'SULFATE ION' SO4 
4 'IODIDE ION'  IOD 
5 water         HOH 
# 
_pdbx_initial_refinement_model.id               1 
_pdbx_initial_refinement_model.entity_id_list   ? 
_pdbx_initial_refinement_model.type             'experimental model' 
_pdbx_initial_refinement_model.source_name      PDB 
_pdbx_initial_refinement_model.accession_code   3KUS 
_pdbx_initial_refinement_model.details          ? 
# 
